data_7KYB
#
_entry.id   7KYB
#
_cell.length_a   1.00
_cell.length_b   1.00
_cell.length_c   1.00
_cell.angle_alpha   90.00
_cell.angle_beta   90.00
_cell.angle_gamma   90.00
#
_symmetry.space_group_name_H-M   'P 1'
#
loop_
_entity.id
_entity.type
_entity.pdbx_description
1 polymer 'Phospholipid-transporting ATPase DNF1'
2 polymer 'Alkylphosphocholine resistance protein LEM3'
3 branched alpha-D-mannopyranose-(1-4)-2-acetamido-2-deoxy-beta-D-glucopyranose-(1-4)-2-acetamido-2-deoxy-beta-D-glucopyranose
4 branched 2-acetamido-2-deoxy-beta-D-glucopyranose-(1-4)-2-acetamido-2-deoxy-beta-D-glucopyranose
5 non-polymer '(2S)-3-(hexadecanoyloxy)-2-[(9Z)-octadec-9-enoyloxy]propyl 2-(trimethylammonio)ethyl phosphate'
6 non-polymer "ADENOSINE-5'-DIPHOSPHATE"
7 non-polymer 'TETRAFLUOROALUMINATE ION'
8 non-polymer 'MAGNESIUM ION'
9 non-polymer 2-acetamido-2-deoxy-beta-D-glucopyranose
#
loop_
_entity_poly.entity_id
_entity_poly.type
_entity_poly.pdbx_seq_one_letter_code
_entity_poly.pdbx_strand_id
1 'polypeptide(L)'
;MSGTFHGDGHAPMSPFEDTFQFEDNSSNEDTHIAPTHFDDGATSNKYSRPQVSFNDETPKNKREDAEEFTFNDDTEYDNH
SFQPTPKLNNGSGTFDDVELDNDSGEPHTNYDGMKRFRMGTKRNKKGNPIMGRSKTLKWARKNIPNPFEDFTKDDIDPGA
INRAQELRTVYYNMPLPKDMIDEEGNPIMQYPRNKIRTTKYTPLTFLPKNILFQFHNFANVYFLVLIILGAFQIFGVTNP
GLSAVPLVVIVIITAIKDAIEDSRRTVLDLEVNNTKTHILEGVENENVSTDNISLWRRFKKANSRLLFKFIQYCKEHLTE
EGKKKRMQRKRHELRVQKTVGTSGPRSSLDSIDSYRVSADYGRPSLDYDNLEQGAGEANIVDRSLPPRTDCKFAKNYWKG
VKVGDIVRIHNNDEIPADIILLSTSDTDGACYVETKNLDGETNLKVRQSLKCTNTIRTSKDIARTKFWIESEGPHSNLYT
YQGNMKWRNLADGEIRNEPITINNVLLRGCTLRNTKWAMGVVMFTGGDTKIMLNSGITPTKKSRISRELNFSVVINFVLL
FILCFVSGIANGVYYDKKGRSRFSYEFGTIAGSAATNGFVSFWVAVILYQSLVPISLYISVEIIKTAQAAFIYGDVLLYN
AKLDYPCTPKSWNISDDLGQVEYIFSDKTGTLTQNVMEFKKCTINGVSYGRAYTEALAGLRKRQGIDVETEGRREKAEIA
KDRDTMIDELRALSGNSQFYPEEVTFVSKEFVRDLKGASGEVQQRCCEHFMLALALCHSVLVEANPDNPKKLDLKAQSPD
EAALVATARDVGFSFVGKTKKGLIIEMQGIQKEFEILNILEFNSSRKRMSCIVKIPGLNPGDEPRALLICKGADSIIYSR
LSRQSGSNSEAILEKTALHLEQYATEGLRTLCIAQRELSWSEYEKWNEKYDIAAASLANREDELEVVADSIERELILLGG
TAIEDRLQDGVPDCIELLAEAGIKLWVLTGDKVETAINIGFSCNLLNNEMELLVIKTTGDDVKEFGSEPSEIVDALLSKY
LKEYFNLTGSEEEIFEAKKDHEFPKGNYAIVIDGDALKLALYGEDIRRKFLLLCKNCRAVLCCRVSPSQKAAVVKLVKDS
LDVMTLAIGDGSNDVAMIQSADVGIGIAGEEGRQAVMCSDYAIGQFRYLARLVLVHGRWSYKRLAEMIPEFFYKNMIFAL
ALFWYGIYNDFDGSYLYEYTYMMFYNLAFTSLPVIFLGILDQDVNDTISLVVPQLYRVGILRKEWNQRKFLWYMLDGLYQ
SIICFFFPYLVYHKNMIVTSNGLGLDHRYFVGVYVTTIAVISCNTYVLLHQYRWDWFSGLFIALSCLVVFAWTGIWSSAI
ASREFFKAAARIYGAPSFWAVFFVAVLFCLLPRFTYDSFQKFFYPTDVEIVREMWQHGHFDHYPPGYDPTDPNRPKVTKA
GQHGEKIIEGIALSDNLGGSNYSRDSVVTEEIPMTFMHGEDGSPSGYQKQETWMTSPKETQDLLQSPQFQQAQTFGRGPS
TNVRSSLDRTREQMIATNQLDNRYSVERARTSLDLPGVTNAASLIGTQQNN
;
A
2 'polypeptide(L)'
;MVNFDLGQVGEVFRRKDKGAIVSGDNPEEEEDVDASEFEEDEVKPVRTKNRRPKEDAFTQQRLAAINPVLTPRTVLPLYL
LIAVVFVIVGGCILAQNSKVDEVTIYYQDCMTNATSSWSDIPSEHWQFVFHKYKTYNTAPQWRFVDDESDDFTKQRGTCQ
IRFTTPSDMKNNVYLNYVLEKFAANHRRYVLSFSEDQIRGEDASYETVHDATGINCKPLSKNADGKIYYPCGLIANSMFN
DTFPLQLTNVGDTSNNYSLTNKGINWESDKKRYKKTKYNYTQIAPPPYWEKMYPDGYNETNIPDIQDWEEFQNWMRPGAF
DKITKLIRINKNDTLPAGEYQLDIGLHWPVLEFNGKKGIYLTHGSHLGGRNPFLGIVYLIGGCICAAMALILLTFWLFGG
RKIADASSLSWNMK
;
B
#
# COMPACT_ATOMS: atom_id res chain seq x y z
N THR A 205 27.73 -1.43 -14.50
CA THR A 205 27.99 -1.61 -13.08
C THR A 205 26.69 -1.86 -12.33
N PHE A 206 26.40 -3.13 -12.08
CA PHE A 206 25.12 -3.52 -11.48
C PHE A 206 25.20 -3.60 -9.95
N LEU A 207 26.08 -4.47 -9.44
CA LEU A 207 26.05 -4.80 -8.02
C LEU A 207 26.39 -3.62 -7.12
N PRO A 208 27.50 -2.89 -7.32
CA PRO A 208 27.77 -1.76 -6.40
C PRO A 208 26.68 -0.70 -6.42
N LYS A 209 26.17 -0.36 -7.60
CA LYS A 209 25.09 0.62 -7.70
C LYS A 209 23.84 0.14 -6.98
N ASN A 210 23.49 -1.13 -7.13
CA ASN A 210 22.30 -1.66 -6.46
C ASN A 210 22.48 -1.66 -4.95
N ILE A 211 23.64 -2.10 -4.46
CA ILE A 211 23.85 -2.16 -3.02
C ILE A 211 23.87 -0.75 -2.43
N LEU A 212 24.39 0.23 -3.16
CA LEU A 212 24.35 1.60 -2.66
C LEU A 212 22.91 2.11 -2.62
N PHE A 213 22.19 1.98 -3.73
CA PHE A 213 20.79 2.39 -3.79
C PHE A 213 19.98 1.77 -2.67
N GLN A 214 20.32 0.55 -2.25
CA GLN A 214 19.58 -0.10 -1.17
C GLN A 214 20.01 0.39 0.20
N PHE A 215 21.30 0.29 0.51
CA PHE A 215 21.75 0.69 1.85
C PHE A 215 21.69 2.19 2.07
N HIS A 216 21.14 2.94 1.11
CA HIS A 216 20.62 4.27 1.41
C HIS A 216 19.45 4.25 2.38
N ASN A 217 19.00 3.06 2.77
CA ASN A 217 17.84 2.84 3.64
C ASN A 217 18.31 2.58 5.06
N PHE A 218 17.40 2.72 6.03
CA PHE A 218 17.79 2.47 7.41
C PHE A 218 17.48 1.05 7.87
N ALA A 219 16.50 0.39 7.27
CA ALA A 219 16.25 -1.00 7.63
C ALA A 219 17.36 -1.92 7.14
N ASN A 220 17.85 -1.68 5.92
CA ASN A 220 18.94 -2.48 5.39
C ASN A 220 20.20 -2.30 6.21
N VAL A 221 20.53 -1.06 6.57
CA VAL A 221 21.74 -0.81 7.34
C VAL A 221 21.54 -1.28 8.79
N TYR A 222 20.30 -1.26 9.27
CA TYR A 222 20.01 -1.81 10.59
C TYR A 222 20.27 -3.31 10.62
N PHE A 223 19.84 -4.02 9.59
CA PHE A 223 20.07 -5.45 9.54
C PHE A 223 21.55 -5.77 9.31
N LEU A 224 22.24 -4.95 8.53
CA LEU A 224 23.68 -5.16 8.37
C LEU A 224 24.40 -4.98 9.70
N VAL A 225 24.03 -3.96 10.47
CA VAL A 225 24.61 -3.77 11.80
C VAL A 225 24.26 -4.94 12.71
N LEU A 226 23.05 -5.49 12.58
CA LEU A 226 22.68 -6.64 13.40
C LEU A 226 23.55 -7.84 13.10
N ILE A 227 23.80 -8.10 11.81
CA ILE A 227 24.68 -9.21 11.44
C ILE A 227 26.09 -9.00 11.97
N ILE A 228 26.62 -7.77 11.80
CA ILE A 228 27.97 -7.51 12.28
C ILE A 228 28.05 -7.55 13.80
N LEU A 229 26.98 -7.14 14.49
CA LEU A 229 26.98 -7.14 15.95
C LEU A 229 26.82 -8.54 16.52
N GLY A 230 26.18 -9.43 15.77
CA GLY A 230 26.11 -10.82 16.18
C GLY A 230 27.31 -11.65 15.79
N ALA A 231 28.07 -11.22 14.78
CA ALA A 231 29.22 -11.98 14.31
C ALA A 231 30.56 -11.42 14.80
N PHE A 232 30.90 -10.19 14.41
CA PHE A 232 32.24 -9.67 14.65
C PHE A 232 32.42 -9.23 16.10
N GLN A 233 31.40 -8.64 16.69
CA GLN A 233 31.39 -8.25 18.10
C GLN A 233 30.53 -9.22 18.92
N ILE A 234 30.61 -10.50 18.59
CA ILE A 234 29.72 -11.53 19.11
C ILE A 234 29.77 -11.62 20.64
N PHE A 235 28.65 -11.35 21.29
CA PHE A 235 28.53 -11.60 22.71
C PHE A 235 28.31 -13.07 23.01
N GLY A 236 27.77 -13.82 22.05
CA GLY A 236 27.60 -15.25 22.18
C GLY A 236 26.19 -15.73 21.90
N VAL A 237 25.21 -14.84 22.08
CA VAL A 237 23.80 -15.21 21.98
C VAL A 237 23.27 -14.87 20.59
N THR A 238 23.43 -15.80 19.65
CA THR A 238 22.90 -15.65 18.29
C THR A 238 23.22 -16.91 17.51
N ASN A 239 22.42 -17.21 16.49
CA ASN A 239 22.92 -18.10 15.43
C ASN A 239 23.36 -17.18 14.31
N PRO A 240 24.63 -16.76 14.30
CA PRO A 240 25.03 -15.65 13.42
C PRO A 240 25.01 -15.99 11.94
N GLY A 241 25.30 -17.23 11.56
CA GLY A 241 25.40 -17.56 10.16
C GLY A 241 24.10 -17.37 9.42
N LEU A 242 23.00 -17.85 9.99
CA LEU A 242 21.70 -17.78 9.33
C LEU A 242 20.90 -16.55 9.72
N SER A 243 21.40 -15.74 10.66
CA SER A 243 20.71 -14.50 11.01
C SER A 243 20.72 -13.49 9.86
N ALA A 244 21.36 -13.82 8.74
CA ALA A 244 21.41 -12.96 7.57
C ALA A 244 20.39 -13.35 6.50
N VAL A 245 19.81 -14.55 6.58
CA VAL A 245 18.89 -15.01 5.54
C VAL A 245 17.77 -14.01 5.25
N PRO A 246 17.13 -13.37 6.24
CA PRO A 246 16.18 -12.30 5.90
C PRO A 246 16.78 -11.22 5.01
N LEU A 247 17.86 -10.59 5.46
CA LEU A 247 18.45 -9.50 4.70
C LEU A 247 18.92 -9.98 3.34
N VAL A 248 19.63 -11.12 3.30
CA VAL A 248 20.16 -11.61 2.03
C VAL A 248 19.04 -11.89 1.05
N VAL A 249 17.95 -12.51 1.51
CA VAL A 249 16.83 -12.84 0.63
C VAL A 249 16.17 -11.57 0.10
N ILE A 250 15.95 -10.58 0.97
CA ILE A 250 15.24 -9.38 0.52
C ILE A 250 16.11 -8.56 -0.42
N VAL A 251 17.41 -8.49 -0.15
CA VAL A 251 18.30 -7.76 -1.05
C VAL A 251 18.43 -8.49 -2.38
N ILE A 252 18.41 -9.82 -2.37
CA ILE A 252 18.42 -10.55 -3.63
C ILE A 252 17.15 -10.25 -4.43
N ILE A 253 16.00 -10.22 -3.76
CA ILE A 253 14.75 -9.92 -4.46
C ILE A 253 14.80 -8.51 -5.06
N THR A 254 15.28 -7.54 -4.28
CA THR A 254 15.36 -6.18 -4.78
C THR A 254 16.31 -6.08 -5.96
N ALA A 255 17.45 -6.77 -5.90
CA ALA A 255 18.39 -6.77 -7.02
C ALA A 255 17.75 -7.39 -8.25
N ILE A 256 16.92 -8.42 -8.06
CA ILE A 256 16.22 -9.02 -9.19
C ILE A 256 15.24 -8.04 -9.81
N LYS A 257 14.53 -7.28 -8.97
CA LYS A 257 13.57 -6.31 -9.50
C LYS A 257 14.29 -5.18 -10.23
N ASP A 258 15.45 -4.76 -9.72
CA ASP A 258 16.24 -3.76 -10.42
C ASP A 258 16.79 -4.29 -11.74
N ALA A 259 17.14 -5.59 -11.78
CA ALA A 259 17.51 -6.20 -13.05
C ALA A 259 16.34 -6.20 -14.01
N ILE A 260 15.13 -6.42 -13.50
CA ILE A 260 13.92 -6.36 -14.33
C ILE A 260 13.75 -4.97 -14.91
N GLU A 261 13.93 -3.94 -14.08
CA GLU A 261 13.81 -2.57 -14.57
C GLU A 261 14.88 -2.26 -15.61
N ASP A 262 16.11 -2.73 -15.38
CA ASP A 262 17.19 -2.48 -16.33
C ASP A 262 16.94 -3.19 -17.65
N SER A 263 16.40 -4.41 -17.62
CA SER A 263 16.06 -5.10 -18.86
C SER A 263 14.91 -4.41 -19.57
N ARG A 264 13.95 -3.85 -18.81
CA ARG A 264 12.86 -3.12 -19.44
C ARG A 264 13.35 -1.85 -20.12
N ARG A 265 14.33 -1.17 -19.51
CA ARG A 265 14.90 0.01 -20.14
C ARG A 265 15.78 -0.38 -21.33
N THR A 266 16.43 -1.54 -21.26
CA THR A 266 17.20 -2.04 -22.39
C THR A 266 16.29 -2.39 -23.57
N VAL A 267 15.10 -2.90 -23.28
CA VAL A 267 14.11 -3.23 -24.31
C VAL A 267 13.86 -2.08 -25.27
N PRO A 539 9.80 12.39 -13.29
CA PRO A 539 9.93 10.94 -13.46
C PRO A 539 10.21 10.21 -12.14
N THR A 540 10.75 10.92 -11.15
CA THR A 540 11.00 10.36 -9.83
C THR A 540 9.84 10.76 -8.91
N LYS A 541 8.66 10.24 -9.23
CA LYS A 541 7.44 10.59 -8.54
C LYS A 541 7.16 9.56 -7.45
N LYS A 542 6.65 10.03 -6.32
CA LYS A 542 6.36 9.19 -5.17
C LYS A 542 4.93 9.46 -4.73
N SER A 543 4.16 8.40 -4.53
CA SER A 543 2.79 8.56 -4.10
C SER A 543 2.72 9.23 -2.73
N ARG A 544 1.53 9.65 -2.34
CA ARG A 544 1.38 10.29 -1.04
C ARG A 544 1.54 9.30 0.09
N ILE A 545 1.05 8.08 -0.12
CA ILE A 545 1.14 7.08 0.92
C ILE A 545 2.58 6.67 1.16
N SER A 546 3.48 6.88 0.21
CA SER A 546 4.89 6.57 0.46
C SER A 546 5.51 7.52 1.49
N ARG A 547 5.21 8.82 1.39
CA ARG A 547 5.70 9.74 2.40
C ARG A 547 5.05 9.49 3.77
N GLU A 548 3.74 9.24 3.78
CA GLU A 548 3.13 8.93 5.06
C GLU A 548 3.65 7.60 5.62
N LEU A 549 4.09 6.70 4.74
CA LEU A 549 4.68 5.44 5.15
C LEU A 549 6.01 5.65 5.84
N ASN A 550 6.82 6.58 5.34
CA ASN A 550 8.05 6.92 6.04
C ASN A 550 7.76 7.44 7.45
N PHE A 551 6.72 8.26 7.60
CA PHE A 551 6.41 8.72 8.96
C PHE A 551 5.99 7.57 9.86
N SER A 552 5.20 6.63 9.34
CA SER A 552 4.79 5.50 10.17
C SER A 552 5.98 4.62 10.55
N VAL A 553 6.93 4.45 9.63
CA VAL A 553 8.16 3.72 9.95
C VAL A 553 8.90 4.39 11.10
N VAL A 554 8.94 5.73 11.09
CA VAL A 554 9.62 6.44 12.18
C VAL A 554 8.91 6.21 13.52
N ILE A 555 7.58 6.19 13.51
CA ILE A 555 6.88 5.91 14.77
C ILE A 555 7.18 4.49 15.25
N ASN A 556 7.28 3.54 14.33
CA ASN A 556 7.60 2.17 14.74
C ASN A 556 8.98 2.08 15.37
N PHE A 557 9.96 2.81 14.80
CA PHE A 557 11.30 2.80 15.37
C PHE A 557 11.31 3.48 16.73
N VAL A 558 10.48 4.50 16.92
CA VAL A 558 10.39 5.11 18.25
C VAL A 558 9.87 4.11 19.27
N LEU A 559 8.86 3.32 18.89
CA LEU A 559 8.36 2.29 19.81
C LEU A 559 9.43 1.25 20.13
N LEU A 560 10.16 0.81 19.12
CA LEU A 560 11.22 -0.18 19.34
C LEU A 560 12.31 0.37 20.25
N PHE A 561 12.66 1.66 20.10
CA PHE A 561 13.63 2.25 21.01
C PHE A 561 13.09 2.33 22.43
N ILE A 562 11.81 2.63 22.61
CA ILE A 562 11.27 2.67 23.96
C ILE A 562 11.33 1.29 24.60
N LEU A 563 11.02 0.26 23.82
CA LEU A 563 11.12 -1.12 24.34
C LEU A 563 12.55 -1.43 24.76
N CYS A 564 13.52 -1.13 23.89
CA CYS A 564 14.92 -1.42 24.22
C CYS A 564 15.38 -0.64 25.43
N PHE A 565 14.90 0.59 25.58
CA PHE A 565 15.29 1.42 26.73
C PHE A 565 14.76 0.82 28.02
N VAL A 566 13.48 0.44 28.04
CA VAL A 566 12.91 -0.18 29.24
C VAL A 566 13.62 -1.49 29.55
N SER A 567 13.92 -2.28 28.52
CA SER A 567 14.65 -3.53 28.73
C SER A 567 16.00 -3.28 29.38
N GLY A 568 16.77 -2.34 28.85
CA GLY A 568 18.07 -2.05 29.42
C GLY A 568 17.99 -1.53 30.84
N ILE A 569 17.05 -0.63 31.11
CA ILE A 569 16.92 -0.08 32.46
C ILE A 569 16.58 -1.18 33.45
N ALA A 570 15.62 -2.04 33.10
CA ALA A 570 15.18 -3.06 34.04
C ALA A 570 16.23 -4.14 34.22
N ASN A 571 16.99 -4.46 33.17
CA ASN A 571 18.06 -5.44 33.34
C ASN A 571 19.18 -4.89 34.21
N GLY A 572 19.50 -3.60 34.07
CA GLY A 572 20.48 -3.03 34.97
C GLY A 572 20.00 -3.03 36.41
N VAL A 573 18.75 -2.62 36.62
CA VAL A 573 18.19 -2.60 37.98
C VAL A 573 18.23 -3.99 38.58
N TYR A 574 17.94 -5.02 37.79
CA TYR A 574 17.98 -6.38 38.31
C TYR A 574 19.40 -6.82 38.62
N TYR A 575 20.32 -6.67 37.67
CA TYR A 575 21.70 -7.06 37.93
C TYR A 575 22.27 -6.36 39.15
N ASP A 576 21.67 -5.25 39.55
CA ASP A 576 22.15 -4.59 40.76
C ASP A 576 21.74 -5.32 42.05
N LYS A 577 20.68 -6.12 42.02
CA LYS A 577 20.16 -6.74 43.24
C LYS A 577 21.09 -7.82 43.76
N LYS A 578 21.12 -7.98 45.09
CA LYS A 578 22.23 -8.62 45.78
C LYS A 578 21.88 -9.95 46.43
N GLY A 579 20.80 -10.59 46.01
CA GLY A 579 20.65 -12.00 46.30
C GLY A 579 19.75 -12.65 45.27
N ARG A 580 20.31 -13.61 44.54
CA ARG A 580 19.69 -14.13 43.34
C ARG A 580 20.32 -15.49 43.07
N SER A 581 19.74 -16.21 42.12
CA SER A 581 20.27 -17.52 41.80
C SER A 581 21.60 -17.44 41.11
N ARG A 582 21.99 -16.26 40.62
CA ARG A 582 23.16 -16.15 39.78
C ARG A 582 24.45 -16.00 40.55
N PHE A 583 24.38 -15.56 41.80
CA PHE A 583 25.58 -15.53 42.61
C PHE A 583 26.00 -16.91 43.05
N SER A 584 25.14 -17.92 42.82
CA SER A 584 25.41 -19.29 43.20
C SER A 584 25.63 -20.18 41.99
N TYR A 585 24.65 -20.28 41.09
CA TYR A 585 24.68 -21.32 40.08
C TYR A 585 25.10 -20.83 38.71
N GLU A 586 25.30 -19.53 38.51
CA GLU A 586 25.60 -18.97 37.21
C GLU A 586 26.96 -18.31 37.14
N PHE A 587 27.81 -18.53 38.15
CA PHE A 587 29.19 -18.05 38.13
C PHE A 587 29.25 -16.58 37.75
N GLY A 588 28.42 -15.78 38.42
CA GLY A 588 28.31 -14.37 38.15
C GLY A 588 28.90 -13.55 39.28
N THR A 589 29.44 -12.39 38.92
CA THR A 589 29.94 -11.41 39.87
C THR A 589 29.23 -10.10 39.61
N ILE A 590 29.22 -9.22 40.61
CA ILE A 590 28.69 -7.88 40.39
C ILE A 590 29.76 -7.08 39.63
N ALA A 591 29.57 -6.95 38.32
CA ALA A 591 30.46 -6.12 37.51
C ALA A 591 30.22 -4.67 37.86
N GLY A 592 31.10 -4.11 38.68
CA GLY A 592 30.92 -2.81 39.32
C GLY A 592 30.27 -1.76 38.44
N SER A 593 29.29 -1.05 38.98
CA SER A 593 28.47 -0.13 38.21
C SER A 593 27.80 -0.87 37.04
N ALA A 594 26.85 -1.74 37.41
CA ALA A 594 26.21 -2.66 36.48
C ALA A 594 25.58 -1.97 35.29
N ALA A 595 25.64 -0.63 35.20
CA ALA A 595 25.29 0.07 33.98
C ALA A 595 25.99 -0.53 32.76
N THR A 596 27.18 -1.12 32.94
CA THR A 596 27.81 -1.80 31.82
C THR A 596 26.95 -2.97 31.34
N ASN A 597 26.41 -3.75 32.28
CA ASN A 597 25.58 -4.88 31.89
C ASN A 597 24.22 -4.40 31.37
N GLY A 598 23.69 -3.33 31.93
CA GLY A 598 22.50 -2.71 31.36
C GLY A 598 22.70 -2.23 29.94
N PHE A 599 23.89 -1.70 29.64
CA PHE A 599 24.21 -1.26 28.29
C PHE A 599 24.29 -2.44 27.33
N VAL A 600 25.00 -3.49 27.74
CA VAL A 600 25.05 -4.68 26.89
C VAL A 600 23.65 -5.28 26.73
N SER A 601 22.79 -5.08 27.73
CA SER A 601 21.41 -5.55 27.63
C SER A 601 20.62 -4.75 26.61
N PHE A 602 20.78 -3.43 26.61
CA PHE A 602 20.16 -2.63 25.56
C PHE A 602 20.61 -3.09 24.19
N TRP A 603 21.91 -3.33 24.05
CA TRP A 603 22.41 -3.71 22.73
C TRP A 603 22.04 -5.14 22.35
N VAL A 604 21.68 -5.99 23.31
CA VAL A 604 21.19 -7.30 22.91
C VAL A 604 19.67 -7.25 22.71
N ALA A 605 18.96 -6.31 23.34
CA ALA A 605 17.55 -6.14 23.05
C ALA A 605 17.34 -5.57 21.66
N VAL A 606 18.24 -4.69 21.22
CA VAL A 606 18.19 -4.19 19.85
C VAL A 606 18.22 -5.34 18.86
N ILE A 607 18.97 -6.39 19.16
CA ILE A 607 19.01 -7.56 18.29
C ILE A 607 17.88 -8.53 18.57
N LEU A 608 17.30 -8.50 19.76
CA LEU A 608 16.17 -9.35 20.06
C LEU A 608 14.94 -8.91 19.29
N TYR A 609 14.61 -7.63 19.38
CA TYR A 609 13.48 -7.06 18.64
C TYR A 609 13.88 -6.67 17.23
N GLN A 610 14.45 -7.63 16.50
CA GLN A 610 14.80 -7.39 15.10
C GLN A 610 13.58 -7.47 14.20
N SER A 611 12.46 -7.96 14.74
CA SER A 611 11.24 -8.10 13.97
C SER A 611 10.35 -6.87 14.03
N LEU A 612 10.57 -5.98 14.98
CA LEU A 612 9.78 -4.75 15.02
C LEU A 612 10.22 -3.77 13.94
N VAL A 613 11.31 -4.03 13.27
CA VAL A 613 11.74 -3.15 12.18
C VAL A 613 10.98 -3.51 10.91
N PRO A 614 10.46 -2.53 10.18
CA PRO A 614 9.84 -2.83 8.89
C PRO A 614 10.90 -3.06 7.84
N ILE A 615 11.21 -4.32 7.57
CA ILE A 615 12.27 -4.70 6.66
C ILE A 615 11.70 -5.17 5.33
N SER A 616 10.66 -5.97 5.37
CA SER A 616 9.94 -6.38 4.18
C SER A 616 8.85 -5.42 3.79
N LEU A 617 8.65 -4.33 4.54
CA LEU A 617 7.60 -3.39 4.19
C LEU A 617 7.84 -2.79 2.83
N TYR A 618 9.06 -2.36 2.56
CA TYR A 618 9.35 -1.70 1.29
C TYR A 618 9.29 -2.67 0.13
N ILE A 619 9.80 -3.89 0.30
CA ILE A 619 9.70 -4.82 -0.81
C ILE A 619 8.26 -5.28 -1.01
N SER A 620 7.46 -5.35 0.05
CA SER A 620 6.05 -5.72 -0.13
C SER A 620 5.27 -4.61 -0.81
N VAL A 621 5.54 -3.36 -0.45
CA VAL A 621 4.86 -2.27 -1.11
C VAL A 621 5.28 -2.18 -2.57
N GLU A 622 6.55 -2.43 -2.88
CA GLU A 622 6.95 -2.41 -4.28
C GLU A 622 6.32 -3.57 -5.05
N ILE A 623 6.20 -4.73 -4.43
CA ILE A 623 5.54 -5.84 -5.12
C ILE A 623 4.08 -5.51 -5.39
N ILE A 624 3.41 -4.92 -4.40
CA ILE A 624 2.00 -4.57 -4.56
C ILE A 624 1.82 -3.50 -5.62
N LYS A 625 2.68 -2.48 -5.62
CA LYS A 625 2.55 -1.41 -6.59
C LYS A 625 2.87 -1.89 -8.00
N THR A 626 3.87 -2.76 -8.14
CA THR A 626 4.18 -3.28 -9.46
C THR A 626 3.08 -4.19 -9.97
N ALA A 627 2.45 -4.97 -9.09
CA ALA A 627 1.36 -5.82 -9.54
C ALA A 627 0.13 -5.00 -9.92
N GLN A 628 -0.16 -3.94 -9.17
CA GLN A 628 -1.27 -3.08 -9.54
C GLN A 628 -1.02 -2.36 -10.87
N ALA A 629 0.21 -1.93 -11.11
CA ALA A 629 0.51 -1.32 -12.40
C ALA A 629 0.45 -2.35 -13.53
N ALA A 630 0.84 -3.59 -13.26
CA ALA A 630 0.72 -4.62 -14.29
C ALA A 630 -0.73 -4.93 -14.60
N PHE A 631 -1.62 -4.80 -13.63
CA PHE A 631 -3.03 -4.96 -13.92
C PHE A 631 -3.60 -3.78 -14.70
N ILE A 632 -3.17 -2.56 -14.38
CA ILE A 632 -3.55 -1.41 -15.21
C ILE A 632 -3.16 -1.65 -16.65
N TYR A 633 -1.93 -2.12 -16.87
CA TYR A 633 -1.51 -2.45 -18.23
C TYR A 633 -2.39 -3.51 -18.83
N GLY A 634 -2.43 -4.70 -18.22
CA GLY A 634 -3.11 -5.82 -18.79
C GLY A 634 -4.63 -5.77 -18.79
N ASP A 635 -5.20 -4.65 -18.35
CA ASP A 635 -6.64 -4.44 -18.49
C ASP A 635 -7.02 -4.37 -19.97
N VAL A 636 -8.08 -5.08 -20.34
CA VAL A 636 -8.47 -5.14 -21.74
C VAL A 636 -9.53 -4.11 -22.10
N LEU A 637 -10.15 -3.47 -21.11
CA LEU A 637 -11.06 -2.36 -21.34
C LEU A 637 -10.33 -1.02 -21.38
N LEU A 638 -9.01 -1.02 -21.19
CA LEU A 638 -8.18 0.15 -21.40
C LEU A 638 -7.35 0.05 -22.67
N TYR A 639 -7.67 -0.90 -23.54
CA TYR A 639 -6.94 -1.13 -24.77
C TYR A 639 -7.73 -0.53 -25.93
N ASN A 640 -7.09 0.34 -26.68
CA ASN A 640 -7.74 1.03 -27.79
C ASN A 640 -7.40 0.32 -29.09
N ALA A 641 -8.33 -0.50 -29.58
CA ALA A 641 -8.05 -1.41 -30.68
C ALA A 641 -7.70 -0.69 -31.97
N LYS A 642 -8.06 0.58 -32.13
CA LYS A 642 -7.71 1.27 -33.36
C LYS A 642 -6.22 1.56 -33.42
N LEU A 643 -5.71 2.34 -32.47
CA LEU A 643 -4.28 2.62 -32.41
C LEU A 643 -3.46 1.45 -31.91
N ASP A 644 -4.10 0.36 -31.48
CA ASP A 644 -3.39 -0.81 -30.99
C ASP A 644 -2.54 -0.46 -29.78
N TYR A 645 -3.14 0.23 -28.82
CA TYR A 645 -2.42 0.83 -27.71
C TYR A 645 -3.07 0.48 -26.38
N PRO A 646 -2.53 -0.48 -25.64
CA PRO A 646 -2.96 -0.67 -24.26
C PRO A 646 -2.44 0.44 -23.36
N CYS A 647 -3.11 0.63 -22.24
CA CYS A 647 -2.76 1.73 -21.35
C CYS A 647 -1.43 1.44 -20.70
N THR A 648 -0.33 1.82 -21.34
CA THR A 648 0.99 1.43 -20.86
C THR A 648 1.40 2.33 -19.70
N PRO A 649 1.53 1.81 -18.48
CA PRO A 649 1.98 2.64 -17.37
C PRO A 649 3.46 2.95 -17.51
N LYS A 650 3.79 4.23 -17.59
CA LYS A 650 5.20 4.61 -17.70
C LYS A 650 5.86 4.65 -16.33
N SER A 651 5.06 4.78 -15.27
CA SER A 651 5.57 4.74 -13.91
C SER A 651 4.80 3.70 -13.12
N TRP A 652 5.50 2.71 -12.59
CA TRP A 652 4.90 1.57 -11.93
C TRP A 652 4.86 1.73 -10.42
N ASN A 653 4.71 2.94 -9.90
CA ASN A 653 4.78 3.13 -8.46
C ASN A 653 3.92 4.28 -7.93
N ILE A 654 2.98 4.79 -8.71
CA ILE A 654 2.11 5.84 -8.19
C ILE A 654 0.66 5.48 -8.44
N SER A 655 0.38 4.19 -8.60
CA SER A 655 -0.95 3.75 -8.95
C SER A 655 -1.97 4.01 -7.85
N ASP A 656 -1.53 4.33 -6.65
CA ASP A 656 -2.46 4.65 -5.59
C ASP A 656 -2.81 6.13 -5.54
N ASP A 657 -2.27 6.93 -6.47
CA ASP A 657 -2.63 8.34 -6.58
C ASP A 657 -3.87 8.54 -7.40
N LEU A 658 -4.15 7.62 -8.33
CA LEU A 658 -5.35 7.71 -9.13
C LEU A 658 -6.60 7.57 -8.28
N GLY A 659 -6.48 7.10 -7.06
CA GLY A 659 -7.60 7.02 -6.15
C GLY A 659 -7.75 8.20 -5.23
N GLN A 660 -6.83 9.16 -5.30
CA GLN A 660 -6.95 10.41 -4.58
C GLN A 660 -6.98 11.62 -5.50
N VAL A 661 -6.91 11.40 -6.82
CA VAL A 661 -7.03 12.50 -7.78
C VAL A 661 -8.23 13.35 -7.41
N GLU A 662 -8.01 14.66 -7.30
CA GLU A 662 -9.05 15.61 -6.94
C GLU A 662 -9.25 16.69 -7.99
N TYR A 663 -8.21 17.02 -8.74
CA TYR A 663 -8.27 17.98 -9.84
C TYR A 663 -7.80 17.31 -11.11
N ILE A 664 -8.42 17.64 -12.23
CA ILE A 664 -7.98 17.16 -13.53
C ILE A 664 -7.83 18.36 -14.43
N PHE A 665 -6.61 18.58 -14.91
CA PHE A 665 -6.29 19.67 -15.81
C PHE A 665 -6.16 19.11 -17.21
N SER A 666 -7.10 19.42 -18.07
CA SER A 666 -7.22 18.75 -19.35
C SER A 666 -7.09 19.75 -20.48
N ASP A 667 -6.28 19.42 -21.48
CA ASP A 667 -6.29 20.19 -22.72
C ASP A 667 -7.63 20.00 -23.41
N LYS A 668 -7.79 20.60 -24.58
CA LYS A 668 -9.03 20.42 -25.30
C LYS A 668 -8.89 19.75 -26.65
N THR A 669 -8.14 20.34 -27.58
CA THR A 669 -8.34 19.99 -28.99
C THR A 669 -7.77 18.64 -29.36
N GLY A 670 -7.10 17.95 -28.45
CA GLY A 670 -6.65 16.63 -28.80
C GLY A 670 -7.10 15.63 -27.77
N THR A 671 -7.40 16.15 -26.58
CA THR A 671 -7.85 15.36 -25.47
C THR A 671 -9.37 15.16 -25.52
N LEU A 672 -10.13 16.23 -25.45
CA LEU A 672 -11.58 16.09 -25.43
C LEU A 672 -12.15 15.96 -26.82
N THR A 673 -11.49 16.48 -27.84
CA THR A 673 -11.97 16.38 -29.22
C THR A 673 -10.93 15.70 -30.09
N GLN A 674 -11.37 14.76 -30.91
CA GLN A 674 -10.46 14.07 -31.82
C GLN A 674 -9.87 15.08 -32.80
N ASN A 675 -8.56 15.05 -32.96
CA ASN A 675 -7.86 16.05 -33.77
C ASN A 675 -8.01 15.74 -35.26
N VAL A 676 -9.27 15.65 -35.69
CA VAL A 676 -9.60 15.47 -37.09
C VAL A 676 -10.52 16.60 -37.50
N MET A 677 -10.03 17.47 -38.37
CA MET A 677 -10.64 18.75 -38.65
C MET A 677 -11.33 18.73 -40.01
N GLU A 678 -12.48 19.36 -40.08
CA GLU A 678 -13.18 19.59 -41.34
C GLU A 678 -13.42 21.09 -41.49
N PHE A 679 -12.87 21.66 -42.56
CA PHE A 679 -13.02 23.08 -42.84
C PHE A 679 -14.44 23.38 -43.28
N LYS A 680 -15.15 24.22 -42.51
CA LYS A 680 -16.58 24.42 -42.71
C LYS A 680 -16.92 25.79 -43.27
N LYS A 681 -16.48 26.86 -42.62
CA LYS A 681 -16.82 28.22 -43.03
C LYS A 681 -15.55 29.05 -43.16
N CYS A 682 -15.71 30.24 -43.74
CA CYS A 682 -14.62 31.17 -43.92
C CYS A 682 -15.20 32.53 -44.28
N THR A 683 -14.48 33.59 -43.91
CA THR A 683 -14.88 34.95 -44.21
C THR A 683 -13.76 35.62 -44.99
N ILE A 684 -14.03 35.97 -46.24
CA ILE A 684 -13.07 36.60 -47.12
C ILE A 684 -13.50 38.04 -47.35
N ASN A 685 -12.63 38.99 -46.98
CA ASN A 685 -12.89 40.41 -47.18
C ASN A 685 -14.22 40.81 -46.55
N GLY A 686 -14.40 40.41 -45.29
CA GLY A 686 -15.58 40.80 -44.54
C GLY A 686 -16.86 40.17 -45.00
N VAL A 687 -16.81 39.21 -45.93
CA VAL A 687 -18.00 38.54 -46.44
C VAL A 687 -18.00 37.12 -45.92
N SER A 688 -19.09 36.74 -45.25
CA SER A 688 -19.20 35.42 -44.65
C SER A 688 -19.58 34.39 -45.69
N TYR A 689 -18.86 33.27 -45.71
CA TYR A 689 -19.16 32.14 -46.58
C TYR A 689 -19.29 30.89 -45.74
N GLY A 690 -19.78 29.83 -46.37
CA GLY A 690 -19.89 28.55 -45.70
C GLY A 690 -21.24 28.30 -45.08
N ARG A 691 -21.68 27.05 -45.09
CA ARG A 691 -22.93 26.66 -44.43
C ARG A 691 -22.80 25.21 -43.99
N ALA A 692 -23.13 24.95 -42.73
CA ALA A 692 -23.07 23.59 -42.21
C ALA A 692 -23.83 23.54 -40.89
N TYR A 693 -24.66 22.51 -40.73
CA TYR A 693 -25.44 22.30 -39.51
C TYR A 693 -24.78 21.15 -38.75
N THR A 694 -23.83 21.49 -37.89
CA THR A 694 -23.02 20.51 -37.20
C THR A 694 -23.65 20.12 -35.87
N GLU A 695 -23.01 19.15 -35.21
CA GLU A 695 -23.52 18.66 -33.93
C GLU A 695 -23.40 19.70 -32.83
N ALA A 696 -22.31 20.47 -32.83
CA ALA A 696 -22.18 21.53 -31.83
C ALA A 696 -23.19 22.64 -32.08
N LEU A 697 -23.48 22.95 -33.35
CA LEU A 697 -24.52 23.93 -33.63
C LEU A 697 -25.89 23.43 -33.19
N ALA A 698 -26.16 22.15 -33.42
CA ALA A 698 -27.41 21.57 -32.92
C ALA A 698 -27.48 21.64 -31.40
N GLY A 699 -26.37 21.39 -30.73
CA GLY A 699 -26.36 21.51 -29.28
C GLY A 699 -26.61 22.93 -28.81
N LEU A 700 -26.02 23.91 -29.49
CA LEU A 700 -26.26 25.30 -29.15
C LEU A 700 -27.73 25.67 -29.37
N ARG A 701 -28.33 25.15 -30.44
CA ARG A 701 -29.75 25.41 -30.68
C ARG A 701 -30.63 24.77 -29.62
N LYS A 702 -30.31 23.56 -29.19
CA LYS A 702 -31.04 22.94 -28.09
C LYS A 702 -30.89 23.74 -26.80
N ARG A 703 -29.68 24.25 -26.54
CA ARG A 703 -29.45 25.08 -25.37
C ARG A 703 -30.28 26.35 -25.44
N GLN A 704 -30.40 26.93 -26.65
CA GLN A 704 -31.24 28.12 -26.82
C GLN A 704 -32.69 27.79 -26.56
N GLY A 705 -33.18 26.67 -27.10
CA GLY A 705 -34.53 26.23 -26.82
C GLY A 705 -35.29 25.70 -28.02
N ILE A 706 -34.91 26.13 -29.22
CA ILE A 706 -35.60 25.69 -30.42
C ILE A 706 -35.35 24.20 -30.66
N ASP A 707 -36.35 23.51 -31.19
CA ASP A 707 -36.21 22.09 -31.45
C ASP A 707 -35.14 21.87 -32.53
N VAL A 708 -34.41 20.76 -32.39
CA VAL A 708 -33.25 20.55 -33.24
C VAL A 708 -33.56 19.72 -34.48
N GLU A 709 -34.31 18.62 -34.34
CA GLU A 709 -34.51 17.72 -35.47
C GLU A 709 -35.36 18.37 -36.56
N THR A 710 -36.42 19.08 -36.15
CA THR A 710 -37.29 19.75 -37.12
C THR A 710 -36.50 20.68 -38.02
N GLU A 711 -35.64 21.51 -37.41
CA GLU A 711 -34.83 22.42 -38.22
C GLU A 711 -33.74 21.67 -38.96
N GLY A 712 -33.15 20.66 -38.35
CA GLY A 712 -31.97 20.04 -38.91
C GLY A 712 -32.29 19.23 -40.16
N ARG A 713 -33.45 18.60 -40.22
CA ARG A 713 -33.84 17.90 -41.43
C ARG A 713 -33.80 18.83 -42.64
N ARG A 714 -34.50 19.96 -42.52
CA ARG A 714 -34.52 20.95 -43.59
C ARG A 714 -33.13 21.51 -43.88
N GLU A 715 -32.35 21.77 -42.83
CA GLU A 715 -31.03 22.36 -43.04
C GLU A 715 -30.10 21.40 -43.77
N LYS A 716 -30.10 20.12 -43.39
CA LYS A 716 -29.27 19.16 -44.09
C LYS A 716 -29.76 18.93 -45.52
N ALA A 717 -31.08 19.00 -45.75
CA ALA A 717 -31.58 18.91 -47.11
C ALA A 717 -31.04 20.04 -47.97
N GLU A 718 -31.11 21.26 -47.44
CA GLU A 718 -30.60 22.41 -48.17
C GLU A 718 -29.08 22.33 -48.34
N ILE A 719 -28.38 21.77 -47.35
CA ILE A 719 -26.94 21.64 -47.45
C ILE A 719 -26.56 20.65 -48.55
N ALA A 720 -27.26 19.52 -48.62
CA ALA A 720 -27.02 18.56 -49.68
C ALA A 720 -27.27 19.20 -51.04
N LYS A 721 -28.38 19.92 -51.18
CA LYS A 721 -28.66 20.60 -52.44
C LYS A 721 -27.55 21.59 -52.79
N ASP A 722 -27.13 22.40 -51.81
CA ASP A 722 -26.11 23.41 -52.05
C ASP A 722 -24.78 22.76 -52.41
N ARG A 723 -24.44 21.65 -51.76
CA ARG A 723 -23.20 20.96 -52.06
C ARG A 723 -23.22 20.41 -53.48
N ASP A 724 -24.36 19.87 -53.91
CA ASP A 724 -24.47 19.37 -55.28
C ASP A 724 -24.27 20.51 -56.27
N THR A 725 -24.97 21.63 -56.06
CA THR A 725 -24.82 22.76 -56.99
C THR A 725 -23.39 23.30 -56.97
N MET A 726 -22.76 23.32 -55.80
CA MET A 726 -21.41 23.84 -55.70
C MET A 726 -20.41 22.93 -56.44
N ILE A 727 -20.59 21.61 -56.33
CA ILE A 727 -19.74 20.71 -57.10
C ILE A 727 -19.93 20.92 -58.59
N ASP A 728 -21.19 21.08 -59.02
CA ASP A 728 -21.43 21.36 -60.42
C ASP A 728 -20.71 22.62 -60.87
N GLU A 729 -20.76 23.67 -60.04
CA GLU A 729 -20.17 24.94 -60.43
C GLU A 729 -18.65 24.89 -60.41
N LEU A 730 -18.06 24.16 -59.45
CA LEU A 730 -16.61 23.99 -59.46
C LEU A 730 -16.16 23.18 -60.66
N ARG A 731 -16.96 22.20 -61.09
CA ARG A 731 -16.62 21.45 -62.30
C ARG A 731 -16.74 22.32 -63.53
N ALA A 732 -17.75 23.20 -63.56
CA ALA A 732 -17.94 24.08 -64.70
C ALA A 732 -16.91 25.20 -64.75
N LEU A 733 -16.33 25.56 -63.62
CA LEU A 733 -15.37 26.66 -63.58
C LEU A 733 -14.14 26.35 -64.44
N SER A 734 -13.46 25.25 -64.14
CA SER A 734 -12.22 24.92 -64.85
C SER A 734 -11.90 23.46 -64.61
N GLY A 735 -10.86 22.99 -65.29
CA GLY A 735 -10.39 21.64 -65.10
C GLY A 735 -9.31 21.55 -64.04
N ASN A 736 -9.63 20.91 -62.92
CA ASN A 736 -8.71 20.74 -61.81
C ASN A 736 -8.30 19.27 -61.73
N SER A 737 -7.01 19.03 -61.51
CA SER A 737 -6.51 17.66 -61.48
C SER A 737 -6.92 16.94 -60.21
N GLN A 738 -6.56 17.49 -59.06
CA GLN A 738 -6.79 16.85 -57.77
C GLN A 738 -8.14 17.17 -57.18
N PHE A 739 -9.06 17.69 -57.98
CA PHE A 739 -10.41 17.98 -57.53
C PHE A 739 -11.18 16.67 -57.41
N TYR A 740 -11.52 16.29 -56.20
CA TYR A 740 -12.30 15.07 -55.95
C TYR A 740 -13.56 15.42 -55.17
N PRO A 741 -14.72 15.40 -55.81
CA PRO A 741 -15.95 15.84 -55.12
C PRO A 741 -16.49 14.86 -54.10
N GLU A 742 -15.84 13.71 -53.89
CA GLU A 742 -16.37 12.75 -52.94
C GLU A 742 -16.03 13.10 -51.49
N GLU A 743 -15.10 14.04 -51.28
CA GLU A 743 -14.76 14.48 -49.93
C GLU A 743 -14.67 16.00 -49.84
N VAL A 744 -15.44 16.72 -50.64
CA VAL A 744 -15.53 18.16 -50.51
C VAL A 744 -16.32 18.50 -49.26
N THR A 745 -15.67 19.16 -48.30
CA THR A 745 -16.31 19.52 -47.05
C THR A 745 -16.77 20.96 -46.97
N PHE A 746 -16.22 21.84 -47.79
CA PHE A 746 -16.71 23.22 -47.88
C PHE A 746 -17.98 23.23 -48.71
N VAL A 747 -19.03 23.85 -48.18
CA VAL A 747 -20.38 23.74 -48.73
C VAL A 747 -20.91 25.06 -49.26
N SER A 748 -20.09 26.09 -49.36
CA SER A 748 -20.58 27.42 -49.74
C SER A 748 -20.83 27.48 -51.23
N LYS A 749 -22.11 27.54 -51.63
CA LYS A 749 -22.44 27.83 -53.02
C LYS A 749 -22.06 29.26 -53.38
N GLU A 750 -22.27 30.19 -52.46
CA GLU A 750 -22.00 31.60 -52.73
C GLU A 750 -20.52 31.85 -52.97
N PHE A 751 -19.63 31.01 -52.44
CA PHE A 751 -18.21 31.19 -52.68
C PHE A 751 -17.88 31.06 -54.17
N VAL A 752 -18.32 29.96 -54.79
CA VAL A 752 -18.07 29.81 -56.22
C VAL A 752 -18.95 30.77 -57.01
N ARG A 753 -20.13 31.12 -56.49
CA ARG A 753 -20.96 32.10 -57.16
C ARG A 753 -20.28 33.47 -57.23
N ASP A 754 -19.49 33.81 -56.20
CA ASP A 754 -18.74 35.06 -56.18
C ASP A 754 -17.42 34.94 -56.92
N LEU A 755 -16.87 33.74 -57.03
CA LEU A 755 -15.66 33.56 -57.82
C LEU A 755 -15.88 33.98 -59.27
N LYS A 756 -17.09 33.83 -59.79
CA LYS A 756 -17.32 34.16 -61.20
C LYS A 756 -17.56 35.65 -61.40
N GLY A 757 -18.69 36.17 -60.92
CA GLY A 757 -18.98 37.58 -61.10
C GLY A 757 -19.83 38.25 -60.05
N ALA A 758 -20.25 37.52 -59.02
CA ALA A 758 -21.39 37.96 -58.21
C ALA A 758 -21.10 39.29 -57.50
N SER A 759 -20.08 39.33 -56.66
CA SER A 759 -19.82 40.50 -55.84
C SER A 759 -18.78 41.44 -56.43
N GLY A 760 -18.31 41.18 -57.63
CA GLY A 760 -17.42 42.09 -58.33
C GLY A 760 -16.01 41.57 -58.42
N GLU A 761 -15.22 42.27 -59.24
CA GLU A 761 -13.83 41.85 -59.47
C GLU A 761 -12.97 42.02 -58.23
N VAL A 762 -13.24 43.03 -57.41
CA VAL A 762 -12.49 43.17 -56.17
C VAL A 762 -12.69 41.96 -55.28
N GLN A 763 -13.94 41.50 -55.15
CA GLN A 763 -14.21 40.32 -54.32
C GLN A 763 -13.67 39.05 -54.97
N GLN A 764 -13.72 38.97 -56.30
CA GLN A 764 -13.12 37.83 -57.00
C GLN A 764 -11.63 37.72 -56.67
N ARG A 765 -10.91 38.84 -56.80
CA ARG A 765 -9.48 38.83 -56.49
C ARG A 765 -9.23 38.58 -55.00
N CYS A 766 -10.11 39.07 -54.14
CA CYS A 766 -9.97 38.81 -52.70
C CYS A 766 -10.08 37.32 -52.40
N CYS A 767 -11.11 36.68 -52.94
CA CYS A 767 -11.27 35.24 -52.74
C CYS A 767 -10.09 34.46 -53.31
N GLU A 768 -9.64 34.85 -54.51
CA GLU A 768 -8.50 34.18 -55.12
C GLU A 768 -7.25 34.29 -54.24
N HIS A 769 -6.98 35.50 -53.75
CA HIS A 769 -5.79 35.70 -52.91
C HIS A 769 -5.92 34.99 -51.58
N PHE A 770 -7.12 34.95 -51.00
CA PHE A 770 -7.31 34.24 -49.74
C PHE A 770 -7.02 32.76 -49.91
N MET A 771 -7.56 32.16 -50.97
CA MET A 771 -7.32 30.74 -51.17
C MET A 771 -5.86 30.47 -51.53
N LEU A 772 -5.22 31.41 -52.23
CA LEU A 772 -3.79 31.25 -52.51
C LEU A 772 -2.97 31.29 -51.23
N ALA A 773 -3.29 32.21 -50.33
CA ALA A 773 -2.61 32.26 -49.04
C ALA A 773 -2.82 30.97 -48.26
N LEU A 774 -4.05 30.45 -48.28
CA LEU A 774 -4.33 29.20 -47.59
C LEU A 774 -3.49 28.06 -48.16
N ALA A 775 -3.41 27.98 -49.48
CA ALA A 775 -2.67 26.88 -50.11
C ALA A 775 -1.16 27.06 -50.04
N LEU A 776 -0.67 28.25 -49.71
CA LEU A 776 0.77 28.44 -49.56
C LEU A 776 1.25 28.32 -48.12
N CYS A 777 0.60 29.02 -47.18
CA CYS A 777 1.06 29.06 -45.79
C CYS A 777 0.68 27.77 -45.09
N HIS A 778 1.65 26.88 -44.91
CA HIS A 778 1.42 25.57 -44.29
C HIS A 778 2.77 24.88 -44.10
N SER A 779 2.71 23.59 -43.81
CA SER A 779 3.86 22.70 -43.75
C SER A 779 3.49 21.31 -44.24
N VAL A 780 2.58 21.22 -45.20
CA VAL A 780 2.06 19.95 -45.67
C VAL A 780 3.05 19.29 -46.60
N LEU A 781 3.32 18.01 -46.36
CA LEU A 781 4.13 17.20 -47.25
C LEU A 781 3.23 16.45 -48.21
N VAL A 782 3.68 16.33 -49.46
CA VAL A 782 2.91 15.71 -50.53
C VAL A 782 3.55 14.37 -50.87
N GLU A 783 2.73 13.33 -50.98
CA GLU A 783 3.18 12.00 -51.33
C GLU A 783 2.16 11.34 -52.25
N ALA A 784 2.44 10.09 -52.60
CA ALA A 784 1.58 9.35 -53.51
C ALA A 784 0.60 8.47 -52.75
N ASN A 785 -0.57 8.26 -53.33
CA ASN A 785 -1.52 7.30 -52.80
C ASN A 785 -1.15 5.90 -53.28
N PRO A 786 -1.03 4.91 -52.39
CA PRO A 786 -0.76 3.55 -52.88
C PRO A 786 -1.87 3.00 -53.76
N ASP A 787 -3.11 3.47 -53.58
CA ASP A 787 -4.21 3.01 -54.42
C ASP A 787 -4.16 3.65 -55.80
N ASN A 788 -4.27 4.98 -55.85
CA ASN A 788 -4.18 5.69 -57.11
C ASN A 788 -2.79 6.28 -57.25
N PRO A 789 -2.03 5.95 -58.29
CA PRO A 789 -0.71 6.55 -58.45
C PRO A 789 -0.76 8.06 -58.63
N LYS A 790 -1.85 8.59 -59.20
CA LYS A 790 -1.94 10.03 -59.42
C LYS A 790 -2.35 10.78 -58.15
N LYS A 791 -3.13 10.15 -57.29
CA LYS A 791 -3.69 10.85 -56.15
C LYS A 791 -2.61 11.29 -55.17
N LEU A 792 -2.84 12.43 -54.53
CA LEU A 792 -1.95 12.98 -53.51
C LEU A 792 -2.66 12.97 -52.17
N ASP A 793 -1.89 12.71 -51.11
CA ASP A 793 -2.45 12.41 -49.80
C ASP A 793 -2.51 13.63 -48.88
N LEU A 794 -1.58 14.58 -49.02
CA LEU A 794 -1.52 15.77 -48.18
C LEU A 794 -1.35 15.39 -46.70
N LYS A 795 -0.22 14.75 -46.40
CA LYS A 795 0.12 14.50 -45.01
C LYS A 795 0.58 15.78 -44.34
N ALA A 796 0.07 16.04 -43.14
CA ALA A 796 0.37 17.26 -42.42
C ALA A 796 0.62 16.95 -40.95
N GLN A 797 1.48 17.76 -40.33
CA GLN A 797 1.73 17.63 -38.91
C GLN A 797 0.65 18.31 -38.09
N SER A 798 0.04 19.35 -38.64
CA SER A 798 -1.03 20.08 -37.97
C SER A 798 -2.34 19.85 -38.69
N PRO A 799 -3.31 19.19 -38.06
CA PRO A 799 -4.61 18.97 -38.72
C PRO A 799 -5.28 20.25 -39.16
N ASP A 800 -5.00 21.38 -38.52
CA ASP A 800 -5.50 22.66 -39.02
C ASP A 800 -5.00 22.92 -40.43
N GLU A 801 -3.69 22.77 -40.64
CA GLU A 801 -3.12 22.95 -41.97
C GLU A 801 -3.66 21.91 -42.93
N ALA A 802 -3.84 20.68 -42.46
CA ALA A 802 -4.42 19.65 -43.31
C ALA A 802 -5.77 20.09 -43.86
N ALA A 803 -6.65 20.57 -42.97
CA ALA A 803 -7.98 20.97 -43.40
C ALA A 803 -7.93 22.18 -44.33
N LEU A 804 -7.10 23.17 -43.98
CA LEU A 804 -7.00 24.35 -44.82
C LEU A 804 -6.55 23.99 -46.22
N VAL A 805 -5.51 23.17 -46.33
CA VAL A 805 -4.97 22.84 -47.65
C VAL A 805 -5.96 21.98 -48.43
N ALA A 806 -6.69 21.09 -47.73
CA ALA A 806 -7.68 20.29 -48.42
C ALA A 806 -8.74 21.16 -49.06
N THR A 807 -9.23 22.17 -48.33
CA THR A 807 -10.26 23.03 -48.91
C THR A 807 -9.68 23.93 -49.99
N ALA A 808 -8.45 24.40 -49.82
CA ALA A 808 -7.83 25.23 -50.86
C ALA A 808 -7.66 24.45 -52.15
N ARG A 809 -7.36 23.15 -52.04
CA ARG A 809 -7.24 22.33 -53.24
C ARG A 809 -8.61 22.03 -53.83
N ASP A 810 -9.61 21.85 -52.97
CA ASP A 810 -10.95 21.54 -53.47
C ASP A 810 -11.53 22.72 -54.26
N VAL A 811 -11.31 23.95 -53.80
CA VAL A 811 -11.91 25.10 -54.46
C VAL A 811 -11.24 25.48 -55.78
N GLY A 812 -10.06 24.93 -56.06
CA GLY A 812 -9.43 25.19 -57.35
C GLY A 812 -8.06 25.81 -57.26
N PHE A 813 -7.39 25.65 -56.13
CA PHE A 813 -6.05 26.16 -55.89
C PHE A 813 -5.14 25.05 -55.41
N SER A 814 -5.16 23.92 -56.14
CA SER A 814 -4.54 22.70 -55.67
C SER A 814 -3.04 22.88 -55.44
N PHE A 815 -2.58 22.42 -54.28
CA PHE A 815 -1.16 22.41 -53.93
C PHE A 815 -0.61 21.01 -54.18
N VAL A 816 0.21 20.87 -55.22
CA VAL A 816 0.79 19.59 -55.60
C VAL A 816 2.31 19.72 -55.51
N GLY A 817 2.95 18.67 -55.01
CA GLY A 817 4.40 18.60 -54.95
C GLY A 817 5.06 19.71 -54.15
N LYS A 818 6.38 19.60 -53.99
CA LYS A 818 7.15 20.60 -53.26
C LYS A 818 8.58 20.51 -53.78
N THR A 819 8.95 21.46 -54.63
CA THR A 819 10.23 21.37 -55.31
C THR A 819 11.35 21.75 -54.34
N LYS A 820 12.58 21.74 -54.85
CA LYS A 820 13.73 22.06 -54.01
C LYS A 820 13.68 23.51 -53.55
N LYS A 821 12.95 24.36 -54.26
CA LYS A 821 12.75 25.75 -53.87
C LYS A 821 11.27 26.06 -53.88
N GLY A 822 10.75 26.52 -52.74
CA GLY A 822 9.37 26.94 -52.68
C GLY A 822 8.38 25.82 -52.92
N LEU A 823 7.22 26.19 -53.47
CA LEU A 823 6.15 25.25 -53.77
C LEU A 823 5.64 25.51 -55.19
N ILE A 824 5.01 24.49 -55.76
CA ILE A 824 4.38 24.60 -57.07
C ILE A 824 2.88 24.48 -56.89
N ILE A 825 2.15 25.51 -57.30
CA ILE A 825 0.72 25.64 -57.07
C ILE A 825 0.00 25.64 -58.40
N GLU A 826 -1.07 24.85 -58.49
CA GLU A 826 -1.93 24.82 -59.66
C GLU A 826 -3.11 25.75 -59.39
N MET A 827 -3.18 26.85 -60.13
CA MET A 827 -4.22 27.86 -59.95
C MET A 827 -5.28 27.69 -61.03
N GLN A 828 -6.34 26.97 -60.71
CA GLN A 828 -7.45 26.73 -61.64
C GLN A 828 -6.99 26.05 -62.93
N GLY A 829 -5.96 25.20 -62.83
CA GLY A 829 -5.51 24.40 -63.95
C GLY A 829 -4.10 24.66 -64.40
N ILE A 830 -3.54 25.84 -64.12
CA ILE A 830 -2.20 26.20 -64.57
C ILE A 830 -1.26 26.15 -63.39
N GLN A 831 -0.14 25.45 -63.56
CA GLN A 831 0.86 25.29 -62.52
C GLN A 831 1.91 26.39 -62.65
N LYS A 832 2.12 27.13 -61.56
CA LYS A 832 3.20 28.11 -61.50
C LYS A 832 3.89 27.98 -60.16
N GLU A 833 5.22 27.96 -60.21
CA GLU A 833 6.02 27.67 -59.03
C GLU A 833 6.21 28.93 -58.19
N PHE A 834 6.14 28.76 -56.88
CA PHE A 834 6.38 29.84 -55.93
C PHE A 834 7.68 29.60 -55.19
N GLU A 835 8.19 30.66 -54.56
CA GLU A 835 9.46 30.62 -53.86
C GLU A 835 9.20 30.93 -52.40
N ILE A 836 9.32 29.93 -51.54
CA ILE A 836 9.17 30.10 -50.10
C ILE A 836 10.55 30.28 -49.51
N LEU A 837 10.88 31.50 -49.11
CA LEU A 837 12.23 31.81 -48.66
C LEU A 837 12.40 31.54 -47.17
N ASN A 838 11.43 31.97 -46.36
CA ASN A 838 11.50 31.78 -44.92
C ASN A 838 10.20 31.22 -44.41
N ILE A 839 10.29 30.20 -43.55
CA ILE A 839 9.14 29.52 -42.99
C ILE A 839 9.18 29.75 -41.49
N LEU A 840 8.52 30.80 -41.01
CA LEU A 840 8.46 31.08 -39.59
C LEU A 840 7.51 30.08 -38.94
N GLU A 841 8.05 28.91 -38.63
CA GLU A 841 7.24 27.76 -38.26
C GLU A 841 6.42 28.03 -37.02
N PHE A 842 5.28 27.37 -36.93
CA PHE A 842 4.33 27.62 -35.84
C PHE A 842 4.84 27.05 -34.53
N ASN A 843 4.55 27.76 -33.46
CA ASN A 843 4.89 27.34 -32.11
C ASN A 843 3.66 27.45 -31.24
N SER A 844 3.54 26.55 -30.27
CA SER A 844 2.44 26.67 -29.32
C SER A 844 2.60 27.86 -28.40
N SER A 845 3.69 28.60 -28.52
CA SER A 845 3.87 29.86 -27.81
C SER A 845 3.67 31.07 -28.70
N ARG A 846 3.97 30.97 -30.00
CA ARG A 846 3.64 32.05 -30.91
C ARG A 846 2.16 32.11 -31.21
N LYS A 847 1.48 30.97 -31.24
CA LYS A 847 0.07 30.88 -31.62
C LYS A 847 -0.15 31.42 -33.04
N ARG A 848 0.83 31.24 -33.92
CA ARG A 848 0.72 31.72 -35.30
C ARG A 848 1.82 31.09 -36.13
N MET A 849 1.75 31.33 -37.44
CA MET A 849 2.79 30.90 -38.37
C MET A 849 2.76 31.82 -39.58
N SER A 850 3.89 31.92 -40.27
CA SER A 850 3.97 32.77 -41.45
C SER A 850 5.09 32.28 -42.36
N CYS A 851 4.96 32.62 -43.65
CA CYS A 851 5.97 32.28 -44.65
C CYS A 851 6.11 33.43 -45.63
N ILE A 852 7.32 33.59 -46.16
CA ILE A 852 7.66 34.70 -47.04
C ILE A 852 7.85 34.19 -48.45
N VAL A 853 7.11 34.75 -49.39
CA VAL A 853 7.11 34.30 -50.77
C VAL A 853 7.46 35.46 -51.68
N LYS A 854 8.19 35.15 -52.76
CA LYS A 854 8.63 36.14 -53.73
C LYS A 854 7.52 36.42 -54.73
N ILE A 855 7.23 37.69 -54.96
CA ILE A 855 6.29 38.11 -55.99
C ILE A 855 7.10 38.63 -57.18
N PRO A 856 7.00 38.01 -58.35
CA PRO A 856 7.80 38.46 -59.50
C PRO A 856 7.30 39.80 -60.03
N GLY A 857 8.12 40.40 -60.88
CA GLY A 857 7.82 41.69 -61.48
C GLY A 857 6.78 41.61 -62.59
N GLU A 863 11.43 45.01 -60.58
CA GLU A 863 11.96 44.69 -59.26
C GLU A 863 10.95 43.90 -58.44
N PRO A 864 11.25 42.63 -58.17
CA PRO A 864 10.31 41.79 -57.41
C PRO A 864 10.13 42.30 -55.99
N ARG A 865 9.14 41.73 -55.32
CA ARG A 865 8.76 42.14 -53.97
C ARG A 865 8.79 40.93 -53.04
N ALA A 866 8.42 41.17 -51.78
CA ALA A 866 8.27 40.13 -50.80
C ALA A 866 6.86 40.17 -50.23
N LEU A 867 6.31 38.99 -49.95
CA LEU A 867 4.98 38.85 -49.37
C LEU A 867 5.06 37.91 -48.18
N LEU A 868 4.80 38.43 -46.99
CA LEU A 868 4.76 37.65 -45.77
C LEU A 868 3.30 37.33 -45.47
N ILE A 869 2.92 36.07 -45.65
CA ILE A 869 1.57 35.61 -45.37
C ILE A 869 1.55 35.03 -43.97
N CYS A 870 0.82 35.68 -43.06
CA CYS A 870 0.81 35.33 -41.65
C CYS A 870 -0.55 34.76 -41.27
N LYS A 871 -0.53 33.68 -40.50
CA LYS A 871 -1.73 32.91 -40.18
C LYS A 871 -1.64 32.43 -38.74
N GLY A 872 -2.71 32.63 -37.98
CA GLY A 872 -2.70 32.15 -36.61
C GLY A 872 -3.94 32.54 -35.85
N ALA A 873 -3.81 32.60 -34.54
CA ALA A 873 -4.91 32.92 -33.66
C ALA A 873 -5.43 34.32 -33.94
N ASP A 874 -6.73 34.51 -33.73
CA ASP A 874 -7.33 35.80 -34.07
C ASP A 874 -6.87 36.90 -33.12
N SER A 875 -6.77 36.61 -31.83
CA SER A 875 -6.30 37.63 -30.90
C SER A 875 -4.86 38.02 -31.18
N ILE A 876 -4.01 37.04 -31.47
CA ILE A 876 -2.61 37.31 -31.79
C ILE A 876 -2.51 38.14 -33.06
N ILE A 877 -3.25 37.76 -34.11
CA ILE A 877 -3.17 38.49 -35.36
C ILE A 877 -3.72 39.90 -35.20
N TYR A 878 -4.79 40.07 -34.42
CA TYR A 878 -5.32 41.40 -34.19
C TYR A 878 -4.34 42.28 -33.44
N SER A 879 -3.62 41.69 -32.48
CA SER A 879 -2.56 42.44 -31.82
C SER A 879 -1.49 42.84 -32.82
N ARG A 880 -1.14 41.94 -33.74
CA ARG A 880 -0.08 42.20 -34.71
C ARG A 880 -0.69 42.72 -36.02
N LEU A 881 -1.36 43.86 -35.93
CA LEU A 881 -2.00 44.44 -37.10
C LEU A 881 -1.59 45.90 -37.23
N SER A 882 -1.83 46.45 -38.41
CA SER A 882 -1.57 47.86 -38.67
C SER A 882 -2.82 48.68 -38.36
N ARG A 883 -2.60 49.90 -37.88
CA ARG A 883 -3.70 50.77 -37.47
C ARG A 883 -4.22 51.65 -38.60
N GLN A 884 -3.35 52.04 -39.52
CA GLN A 884 -3.75 52.95 -40.59
C GLN A 884 -4.28 52.19 -41.81
N SER A 887 -3.62 51.10 -42.19
CA SER A 887 -3.91 50.40 -43.44
C SER A 887 -4.92 49.28 -43.24
N ASN A 888 -6.09 49.65 -42.72
CA ASN A 888 -7.17 48.70 -42.50
C ASN A 888 -8.49 49.47 -42.52
N SER A 889 -9.53 48.85 -43.05
CA SER A 889 -10.79 49.58 -43.23
C SER A 889 -11.46 49.88 -41.90
N GLU A 890 -11.20 49.07 -40.88
CA GLU A 890 -11.84 49.20 -39.56
C GLU A 890 -13.33 48.88 -39.67
N ALA A 891 -13.81 48.62 -40.88
CA ALA A 891 -15.09 47.99 -41.11
C ALA A 891 -14.96 46.50 -41.35
N ILE A 892 -14.04 46.10 -42.24
CA ILE A 892 -13.67 44.70 -42.35
C ILE A 892 -13.17 44.18 -41.02
N LEU A 893 -12.46 45.01 -40.25
CA LEU A 893 -11.96 44.58 -38.95
C LEU A 893 -13.10 44.10 -38.06
N GLU A 894 -14.07 44.97 -37.81
CA GLU A 894 -15.17 44.61 -36.91
C GLU A 894 -16.07 43.54 -37.52
N LYS A 895 -16.22 43.52 -38.85
CA LYS A 895 -17.06 42.49 -39.46
C LYS A 895 -16.42 41.12 -39.32
N THR A 896 -15.12 41.01 -39.57
CA THR A 896 -14.44 39.74 -39.38
C THR A 896 -14.42 39.35 -37.91
N ALA A 897 -14.29 40.31 -37.01
CA ALA A 897 -14.36 40.00 -35.59
C ALA A 897 -15.71 39.41 -35.21
N LEU A 898 -16.80 40.03 -35.67
CA LEU A 898 -18.13 39.50 -35.38
C LEU A 898 -18.33 38.13 -36.02
N HIS A 899 -17.82 37.93 -37.22
CA HIS A 899 -17.97 36.63 -37.88
C HIS A 899 -17.22 35.55 -37.12
N LEU A 900 -16.00 35.85 -36.68
CA LEU A 900 -15.24 34.86 -35.93
C LEU A 900 -15.90 34.58 -34.59
N GLU A 901 -16.48 35.60 -33.97
CA GLU A 901 -17.22 35.38 -32.74
C GLU A 901 -18.40 34.45 -32.98
N GLN A 902 -19.12 34.65 -34.07
CA GLN A 902 -20.25 33.79 -34.40
C GLN A 902 -19.80 32.35 -34.62
N TYR A 903 -18.74 32.16 -35.39
CA TYR A 903 -18.27 30.80 -35.67
C TYR A 903 -17.75 30.13 -34.41
N ALA A 904 -17.05 30.87 -33.56
CA ALA A 904 -16.54 30.28 -32.33
C ALA A 904 -17.67 29.94 -31.37
N THR A 905 -18.73 30.75 -31.33
CA THR A 905 -19.86 30.40 -30.48
C THR A 905 -20.58 29.18 -31.02
N GLU A 906 -20.69 29.06 -32.35
CA GLU A 906 -21.18 27.84 -32.97
C GLU A 906 -20.31 26.63 -32.63
N GLY A 907 -19.02 26.84 -32.43
CA GLY A 907 -18.13 25.79 -32.01
C GLY A 907 -17.06 25.40 -33.01
N LEU A 908 -16.50 26.34 -33.73
CA LEU A 908 -15.45 26.05 -34.71
C LEU A 908 -14.16 26.76 -34.33
N ARG A 909 -13.04 26.11 -34.62
CA ARG A 909 -11.74 26.73 -34.39
C ARG A 909 -11.51 27.85 -35.39
N THR A 910 -11.34 29.07 -34.90
CA THR A 910 -11.22 30.24 -35.76
C THR A 910 -9.75 30.60 -35.93
N LEU A 911 -9.35 30.83 -37.17
CA LEU A 911 -8.03 31.34 -37.52
C LEU A 911 -8.17 32.71 -38.16
N CYS A 912 -7.06 33.44 -38.23
CA CYS A 912 -7.00 34.68 -38.98
C CYS A 912 -5.84 34.59 -39.96
N ILE A 913 -6.06 35.08 -41.18
CA ILE A 913 -5.04 35.09 -42.21
C ILE A 913 -4.73 36.53 -42.57
N ALA A 914 -3.46 36.90 -42.48
CA ALA A 914 -3.01 38.25 -42.77
C ALA A 914 -1.77 38.20 -43.64
N GLN A 915 -1.55 39.25 -44.41
CA GLN A 915 -0.41 39.32 -45.33
C GLN A 915 0.33 40.64 -45.16
N ARG A 916 1.63 40.62 -45.44
CA ARG A 916 2.45 41.82 -45.40
C ARG A 916 3.21 41.98 -46.72
N GLU A 917 3.03 43.12 -47.36
CA GLU A 917 3.80 43.46 -48.55
C GLU A 917 5.10 44.12 -48.13
N LEU A 918 6.22 43.51 -48.50
CA LEU A 918 7.54 43.97 -48.07
C LEU A 918 8.33 44.43 -49.29
N SER A 919 9.04 45.55 -49.15
CA SER A 919 9.93 45.98 -50.21
C SER A 919 11.23 45.17 -50.17
N TRP A 920 12.01 45.28 -51.26
CA TRP A 920 13.22 44.48 -51.38
C TRP A 920 14.23 44.85 -50.31
N SER A 921 14.38 46.14 -50.03
CA SER A 921 15.37 46.56 -49.03
C SER A 921 15.01 46.08 -47.64
N GLU A 922 13.73 46.22 -47.26
CA GLU A 922 13.29 45.70 -45.97
C GLU A 922 13.46 44.20 -45.88
N TYR A 923 13.15 43.48 -46.97
CA TYR A 923 13.31 42.04 -46.89
C TYR A 923 14.77 41.65 -46.80
N GLU A 924 15.66 42.34 -47.51
CA GLU A 924 17.09 42.02 -47.42
C GLU A 924 17.63 42.29 -46.03
N LYS A 925 17.24 43.44 -45.45
CA LYS A 925 17.60 43.72 -44.07
C LYS A 925 17.15 42.60 -43.14
N TRP A 926 15.86 42.25 -43.20
CA TRP A 926 15.36 41.23 -42.29
C TRP A 926 15.97 39.87 -42.58
N ASN A 927 16.32 39.59 -43.84
CA ASN A 927 16.90 38.30 -44.15
C ASN A 927 18.30 38.18 -43.58
N GLU A 928 19.09 39.25 -43.63
CA GLU A 928 20.41 39.17 -43.00
C GLU A 928 20.28 39.08 -41.48
N LYS A 929 19.28 39.76 -40.91
CA LYS A 929 19.03 39.57 -39.48
C LYS A 929 18.67 38.13 -39.16
N TYR A 930 17.82 37.52 -40.00
CA TYR A 930 17.40 36.14 -39.78
C TYR A 930 18.59 35.19 -39.90
N ASP A 931 19.48 35.44 -40.86
CA ASP A 931 20.66 34.59 -41.00
C ASP A 931 21.58 34.69 -39.79
N ILE A 932 21.86 35.92 -39.35
CA ILE A 932 22.75 36.08 -38.19
C ILE A 932 22.07 35.61 -36.90
N ALA A 933 20.75 35.50 -36.90
CA ALA A 933 20.07 34.93 -35.74
C ALA A 933 20.06 33.40 -35.78
N ALA A 934 19.84 32.82 -36.95
CA ALA A 934 19.74 31.37 -37.06
C ALA A 934 21.10 30.71 -36.92
N ALA A 935 22.14 31.29 -37.53
CA ALA A 935 23.46 30.70 -37.43
C ALA A 935 23.98 30.70 -36.01
N SER A 936 23.39 31.51 -35.13
CA SER A 936 23.86 31.61 -33.76
C SER A 936 23.59 30.32 -32.99
N LEU A 937 24.49 30.00 -32.08
CA LEU A 937 24.29 28.92 -31.12
C LEU A 937 23.66 29.53 -29.86
N ALA A 938 23.64 28.78 -28.76
CA ALA A 938 23.24 29.30 -27.45
C ALA A 938 21.81 29.84 -27.49
N ASN A 939 20.87 28.92 -27.68
CA ASN A 939 19.44 29.21 -27.65
C ASN A 939 19.04 30.16 -28.79
N ARG A 940 19.17 29.66 -30.01
CA ARG A 940 18.71 30.36 -31.20
C ARG A 940 17.20 30.58 -31.20
N GLU A 941 16.47 29.91 -30.32
CA GLU A 941 15.01 30.00 -30.35
C GLU A 941 14.54 31.41 -30.06
N ASP A 942 15.09 32.04 -29.02
CA ASP A 942 14.66 33.38 -28.68
C ASP A 942 15.07 34.40 -29.73
N GLU A 943 16.22 34.19 -30.38
CA GLU A 943 16.62 35.09 -31.46
C GLU A 943 15.66 34.99 -32.64
N LEU A 944 15.30 33.76 -33.03
CA LEU A 944 14.31 33.60 -34.08
C LEU A 944 12.99 34.22 -33.67
N GLU A 945 12.60 34.05 -32.41
CA GLU A 945 11.35 34.63 -31.94
C GLU A 945 11.37 36.15 -32.05
N VAL A 946 12.48 36.78 -31.66
CA VAL A 946 12.52 38.24 -31.67
C VAL A 946 12.57 38.77 -33.10
N VAL A 947 13.30 38.10 -33.99
CA VAL A 947 13.31 38.61 -35.36
C VAL A 947 11.95 38.43 -36.03
N ALA A 948 11.25 37.33 -35.73
CA ALA A 948 9.92 37.15 -36.29
C ALA A 948 8.93 38.15 -35.71
N ASP A 949 9.02 38.42 -34.40
CA ASP A 949 8.14 39.40 -33.79
C ASP A 949 8.42 40.79 -34.33
N SER A 950 9.65 41.05 -34.75
CA SER A 950 9.96 42.34 -35.37
C SER A 950 9.38 42.41 -36.78
N ILE A 951 9.50 41.33 -37.56
CA ILE A 951 9.10 41.42 -38.95
C ILE A 951 7.58 41.37 -39.11
N GLU A 952 6.88 40.67 -38.23
CA GLU A 952 5.44 40.49 -38.38
C GLU A 952 4.62 41.60 -37.76
N ARG A 953 5.26 42.69 -37.32
CA ARG A 953 4.55 43.71 -36.58
C ARG A 953 3.54 44.48 -37.42
N GLU A 954 3.71 44.48 -38.74
CA GLU A 954 2.81 45.20 -39.64
C GLU A 954 2.12 44.19 -40.55
N LEU A 955 0.79 44.22 -40.56
CA LEU A 955 0.02 43.28 -41.36
C LEU A 955 -1.28 43.93 -41.79
N ILE A 956 -1.91 43.33 -42.80
CA ILE A 956 -3.21 43.76 -43.30
C ILE A 956 -4.09 42.52 -43.38
N LEU A 957 -5.24 42.57 -42.70
CA LEU A 957 -6.11 41.41 -42.60
C LEU A 957 -6.91 41.22 -43.87
N LEU A 958 -7.01 39.97 -44.33
CA LEU A 958 -7.83 39.63 -45.48
C LEU A 958 -8.98 38.67 -45.17
N GLY A 959 -8.92 37.95 -44.05
CA GLY A 959 -10.06 37.16 -43.64
C GLY A 959 -9.71 36.18 -42.56
N GLY A 960 -10.70 35.35 -42.22
CA GLY A 960 -10.54 34.30 -41.24
C GLY A 960 -11.33 33.07 -41.64
N THR A 961 -10.98 31.95 -41.02
CA THR A 961 -11.60 30.66 -41.33
C THR A 961 -12.19 30.05 -40.08
N ALA A 962 -12.82 28.89 -40.26
CA ALA A 962 -13.41 28.15 -39.16
C ALA A 962 -13.38 26.67 -39.49
N ILE A 963 -12.89 25.86 -38.55
CA ILE A 963 -12.76 24.42 -38.75
C ILE A 963 -13.50 23.72 -37.62
N GLU A 964 -14.17 22.62 -37.92
CA GLU A 964 -14.98 21.91 -36.95
C GLU A 964 -14.21 20.78 -36.30
N ASP A 965 -14.35 20.66 -34.99
CA ASP A 965 -13.67 19.66 -34.18
C ASP A 965 -14.71 18.85 -33.43
N ARG A 966 -14.76 17.55 -33.69
CA ARG A 966 -15.78 16.70 -33.09
C ARG A 966 -15.29 16.13 -31.77
N LEU A 967 -16.20 16.04 -30.80
CA LEU A 967 -15.85 15.45 -29.51
C LEU A 967 -15.42 14.00 -29.70
N GLN A 968 -14.65 13.50 -28.74
CA GLN A 968 -14.26 12.10 -28.76
C GLN A 968 -15.47 11.23 -28.42
N ASP A 969 -15.33 9.94 -28.68
CA ASP A 969 -16.39 9.00 -28.39
C ASP A 969 -16.49 8.75 -26.90
N GLY A 970 -17.56 9.22 -26.27
CA GLY A 970 -17.75 8.97 -24.87
C GLY A 970 -17.03 9.91 -23.93
N VAL A 971 -16.84 11.17 -24.32
CA VAL A 971 -16.31 12.18 -23.41
C VAL A 971 -17.42 12.78 -22.57
N PRO A 972 -18.62 13.04 -23.11
CA PRO A 972 -19.73 13.43 -22.22
C PRO A 972 -19.96 12.45 -21.09
N ASP A 973 -19.98 11.15 -21.39
CA ASP A 973 -20.21 10.14 -20.35
C ASP A 973 -19.05 10.09 -19.36
N CYS A 974 -17.82 10.19 -19.84
CA CYS A 974 -16.67 10.14 -18.95
C CYS A 974 -16.64 11.34 -18.03
N ILE A 975 -16.97 12.52 -18.55
CA ILE A 975 -16.94 13.70 -17.70
C ILE A 975 -18.10 13.70 -16.72
N GLU A 976 -19.24 13.12 -17.11
CA GLU A 976 -20.31 12.94 -16.14
C GLU A 976 -19.88 12.00 -15.01
N LEU A 977 -19.19 10.91 -15.34
CA LEU A 977 -18.69 10.01 -14.30
C LEU A 977 -17.71 10.73 -13.38
N LEU A 978 -16.76 11.44 -13.95
CA LEU A 978 -15.74 12.10 -13.16
C LEU A 978 -16.27 13.31 -12.41
N ALA A 979 -17.44 13.80 -12.76
CA ALA A 979 -18.07 14.83 -11.93
C ALA A 979 -18.94 14.24 -10.84
N GLU A 980 -19.56 13.08 -11.08
CA GLU A 980 -20.24 12.38 -9.99
C GLU A 980 -19.24 11.95 -8.93
N ALA A 981 -18.08 11.45 -9.33
CA ALA A 981 -17.05 11.01 -8.41
C ALA A 981 -16.46 12.13 -7.59
N GLY A 982 -16.90 13.37 -7.76
CA GLY A 982 -16.42 14.46 -6.96
C GLY A 982 -15.13 15.10 -7.41
N ILE A 983 -14.75 14.90 -8.65
CA ILE A 983 -13.48 15.42 -9.18
C ILE A 983 -13.76 16.72 -9.91
N LYS A 984 -12.94 17.73 -9.66
CA LYS A 984 -13.11 19.03 -10.30
C LYS A 984 -12.27 19.04 -11.57
N LEU A 985 -12.91 19.36 -12.68
CA LEU A 985 -12.26 19.31 -13.98
C LEU A 985 -11.99 20.72 -14.48
N TRP A 986 -10.72 21.07 -14.59
CA TRP A 986 -10.28 22.31 -15.20
C TRP A 986 -9.85 22.04 -16.63
N VAL A 987 -10.24 22.91 -17.56
CA VAL A 987 -9.86 22.76 -18.96
C VAL A 987 -8.92 23.89 -19.30
N LEU A 988 -7.66 23.57 -19.53
CA LEU A 988 -6.64 24.54 -19.89
C LEU A 988 -6.45 24.46 -21.40
N THR A 989 -7.16 25.29 -22.13
CA THR A 989 -7.12 25.28 -23.58
C THR A 989 -6.00 26.19 -24.07
N GLY A 990 -5.95 26.36 -25.37
CA GLY A 990 -5.17 27.40 -25.99
C GLY A 990 -6.03 28.03 -27.06
N ASP A 991 -7.23 27.48 -27.22
CA ASP A 991 -8.18 27.90 -28.23
C ASP A 991 -9.17 28.88 -27.62
N LYS A 992 -10.06 29.41 -28.45
CA LYS A 992 -10.83 30.60 -28.11
C LYS A 992 -11.67 30.37 -26.87
N VAL A 993 -12.08 31.47 -26.26
CA VAL A 993 -12.98 31.41 -25.11
C VAL A 993 -14.33 30.85 -25.53
N GLU A 994 -14.85 31.29 -26.66
CA GLU A 994 -16.18 30.83 -27.08
C GLU A 994 -16.14 29.38 -27.53
N THR A 995 -15.09 28.96 -28.22
CA THR A 995 -14.96 27.55 -28.58
C THR A 995 -14.81 26.68 -27.34
N ALA A 996 -14.02 27.13 -26.37
CA ALA A 996 -13.88 26.37 -25.14
C ALA A 996 -15.21 26.25 -24.42
N ILE A 997 -16.00 27.33 -24.38
CA ILE A 997 -17.29 27.28 -23.70
C ILE A 997 -18.25 26.37 -24.46
N ASN A 998 -18.19 26.38 -25.78
CA ASN A 998 -19.06 25.50 -26.55
C ASN A 998 -18.72 24.05 -26.29
N ILE A 999 -17.45 23.71 -26.28
CA ILE A 999 -17.07 22.33 -25.99
C ILE A 999 -17.42 21.97 -24.55
N GLY A 1000 -17.34 22.94 -23.63
CA GLY A 1000 -17.76 22.65 -22.28
C GLY A 1000 -19.22 22.27 -22.21
N PHE A 1001 -20.08 23.05 -22.86
CA PHE A 1001 -21.49 22.72 -22.89
C PHE A 1001 -21.75 21.40 -23.60
N SER A 1002 -20.94 21.10 -24.62
CA SER A 1002 -21.18 19.89 -25.42
C SER A 1002 -20.73 18.63 -24.68
N CYS A 1003 -19.65 18.72 -23.92
CA CYS A 1003 -19.11 17.59 -23.16
C CYS A 1003 -19.55 17.59 -21.72
N ASN A 1004 -20.50 18.44 -21.35
CA ASN A 1004 -21.13 18.38 -20.03
C ASN A 1004 -20.20 18.83 -18.92
N LEU A 1005 -19.21 19.66 -19.25
CA LEU A 1005 -18.46 20.33 -18.20
C LEU A 1005 -19.30 21.41 -17.56
N LEU A 1006 -19.99 22.20 -18.38
CA LEU A 1006 -20.96 23.18 -17.93
C LEU A 1006 -22.35 22.72 -18.34
N ASN A 1007 -23.36 23.26 -17.68
CA ASN A 1007 -24.74 22.94 -18.00
C ASN A 1007 -25.58 24.21 -18.05
N ASN A 1008 -26.85 24.06 -18.41
CA ASN A 1008 -27.75 25.19 -18.40
C ASN A 1008 -28.05 25.62 -16.96
N GLU A 1009 -28.46 26.87 -16.81
CA GLU A 1009 -28.62 27.49 -15.49
C GLU A 1009 -27.32 27.36 -14.70
N MET A 1010 -26.25 27.88 -15.29
CA MET A 1010 -24.93 27.92 -14.68
C MET A 1010 -24.33 29.29 -14.97
N GLU A 1011 -23.96 30.00 -13.92
CA GLU A 1011 -23.41 31.34 -14.09
C GLU A 1011 -21.94 31.23 -14.44
N LEU A 1012 -21.54 31.85 -15.54
CA LEU A 1012 -20.16 31.82 -16.02
C LEU A 1012 -19.47 33.09 -15.54
N LEU A 1013 -18.76 32.98 -14.42
CA LEU A 1013 -18.09 34.14 -13.84
C LEU A 1013 -16.86 34.50 -14.65
N VAL A 1014 -17.03 35.26 -15.72
CA VAL A 1014 -15.93 35.58 -16.63
C VAL A 1014 -15.05 36.65 -16.00
N ILE A 1015 -13.74 36.51 -16.19
CA ILE A 1015 -12.76 37.41 -15.58
C ILE A 1015 -12.02 38.17 -16.68
N LYS A 1016 -12.71 38.49 -17.76
CA LYS A 1016 -12.06 39.21 -18.87
C LYS A 1016 -11.64 40.61 -18.43
N THR A 1017 -10.40 40.97 -18.76
CA THR A 1017 -9.90 42.33 -18.62
C THR A 1017 -10.03 43.11 -19.92
N THR A 1018 -11.20 43.11 -20.53
CA THR A 1018 -11.39 43.70 -21.85
C THR A 1018 -11.86 45.15 -21.72
N GLY A 1019 -11.39 45.99 -22.64
CA GLY A 1019 -11.54 47.43 -22.48
C GLY A 1019 -12.97 47.91 -22.27
N ASP A 1020 -13.93 47.23 -22.91
CA ASP A 1020 -15.32 47.68 -22.85
C ASP A 1020 -15.84 47.73 -21.42
N ASP A 1021 -15.32 46.87 -20.55
CA ASP A 1021 -15.64 46.92 -19.13
C ASP A 1021 -14.52 47.49 -18.27
N VAL A 1022 -13.28 47.47 -18.76
CA VAL A 1022 -12.19 48.14 -18.07
C VAL A 1022 -12.47 49.64 -17.92
N LYS A 1023 -13.00 50.27 -18.97
CA LYS A 1023 -13.28 51.70 -18.93
C LYS A 1023 -14.23 52.08 -17.80
N GLU A 1024 -15.11 51.16 -17.40
CA GLU A 1024 -16.06 51.40 -16.31
C GLU A 1024 -15.53 50.94 -14.97
N PHE A 1025 -14.81 49.82 -14.94
CA PHE A 1025 -14.28 49.31 -13.68
C PHE A 1025 -13.21 50.24 -13.12
N GLY A 1026 -12.17 50.53 -13.91
CA GLY A 1026 -11.04 51.31 -13.44
C GLY A 1026 -10.41 52.09 -14.56
N SER A 1027 -9.08 52.05 -14.63
CA SER A 1027 -8.35 52.71 -15.69
C SER A 1027 -7.44 51.76 -16.46
N GLU A 1028 -6.68 50.93 -15.77
CA GLU A 1028 -5.63 50.13 -16.39
C GLU A 1028 -5.68 48.72 -15.84
N PRO A 1029 -5.28 47.72 -16.65
CA PRO A 1029 -5.37 46.31 -16.20
C PRO A 1029 -4.43 46.00 -15.05
N SER A 1030 -4.42 44.73 -14.64
CA SER A 1030 -3.70 44.25 -13.45
C SER A 1030 -4.39 44.75 -12.20
N GLU A 1031 -5.39 45.61 -12.38
CA GLU A 1031 -6.28 46.05 -11.33
C GLU A 1031 -7.73 45.74 -11.62
N ILE A 1032 -8.12 45.71 -12.89
CA ILE A 1032 -9.47 45.31 -13.25
C ILE A 1032 -9.70 43.85 -12.86
N VAL A 1033 -8.70 43.01 -13.04
CA VAL A 1033 -8.84 41.60 -12.67
C VAL A 1033 -8.87 41.45 -11.16
N ASP A 1034 -8.07 42.23 -10.43
CA ASP A 1034 -8.15 42.23 -8.98
C ASP A 1034 -9.56 42.61 -8.53
N ALA A 1035 -10.11 43.68 -9.10
CA ALA A 1035 -11.46 44.10 -8.74
C ALA A 1035 -12.48 43.02 -9.09
N LEU A 1036 -12.33 42.38 -10.24
CA LEU A 1036 -13.29 41.36 -10.65
C LEU A 1036 -13.24 40.14 -9.73
N LEU A 1037 -12.04 39.69 -9.37
CA LEU A 1037 -11.92 38.57 -8.44
C LEU A 1037 -12.52 38.92 -7.09
N SER A 1038 -12.21 40.12 -6.57
CA SER A 1038 -12.73 40.50 -5.26
C SER A 1038 -14.24 40.65 -5.30
N LYS A 1039 -14.78 41.20 -6.39
CA LYS A 1039 -16.22 41.36 -6.51
C LYS A 1039 -16.92 40.01 -6.55
N TYR A 1040 -16.45 39.10 -7.40
CA TYR A 1040 -17.06 37.78 -7.47
C TYR A 1040 -16.93 37.02 -6.16
N LEU A 1041 -15.80 37.12 -5.48
CA LEU A 1041 -15.69 36.51 -4.17
C LEU A 1041 -16.72 37.08 -3.21
N LYS A 1042 -16.58 38.37 -2.84
CA LYS A 1042 -17.47 38.97 -1.85
C LYS A 1042 -18.94 38.92 -2.24
N GLU A 1043 -19.27 38.68 -3.51
CA GLU A 1043 -20.67 38.60 -3.89
C GLU A 1043 -21.19 37.16 -3.82
N TYR A 1044 -20.46 36.20 -4.38
CA TYR A 1044 -21.00 34.86 -4.49
C TYR A 1044 -20.68 34.00 -3.28
N PHE A 1045 -19.53 34.17 -2.66
CA PHE A 1045 -19.24 33.49 -1.41
C PHE A 1045 -18.94 34.56 -0.36
N ASN A 1046 -18.80 34.12 0.88
CA ASN A 1046 -18.66 35.05 1.99
C ASN A 1046 -17.22 35.23 2.41
N LEU A 1047 -16.27 35.02 1.52
CA LEU A 1047 -14.86 35.12 1.83
C LEU A 1047 -14.21 36.26 1.05
N THR A 1048 -12.92 36.44 1.31
CA THR A 1048 -12.08 37.35 0.54
C THR A 1048 -10.66 36.80 0.57
N GLY A 1049 -9.86 37.20 -0.41
CA GLY A 1049 -8.53 36.65 -0.52
C GLY A 1049 -7.67 36.95 0.68
N SER A 1050 -7.39 35.93 1.49
CA SER A 1050 -6.63 36.12 2.71
C SER A 1050 -6.10 34.77 3.17
N GLU A 1051 -4.98 34.81 3.88
CA GLU A 1051 -4.39 33.56 4.34
C GLU A 1051 -5.29 32.85 5.33
N GLU A 1052 -6.14 33.58 6.04
CA GLU A 1052 -7.10 32.90 6.91
C GLU A 1052 -8.05 32.04 6.10
N GLU A 1053 -8.60 32.61 5.03
CA GLU A 1053 -9.51 31.89 4.15
C GLU A 1053 -8.80 30.73 3.47
N ILE A 1054 -7.53 30.92 3.11
CA ILE A 1054 -6.78 29.86 2.45
C ILE A 1054 -6.51 28.72 3.43
N PHE A 1055 -6.18 29.04 4.68
CA PHE A 1055 -5.97 28.00 5.67
C PHE A 1055 -7.26 27.28 6.02
N GLU A 1056 -8.40 27.98 5.96
CA GLU A 1056 -9.68 27.32 6.20
C GLU A 1056 -10.11 26.47 5.01
N ALA A 1057 -9.68 26.82 3.79
CA ALA A 1057 -10.07 26.07 2.60
C ALA A 1057 -9.12 24.91 2.32
N LYS A 1058 -7.89 24.97 2.81
CA LYS A 1058 -7.02 23.81 2.73
C LYS A 1058 -7.61 22.60 3.43
N LYS A 1059 -8.49 22.83 4.41
CA LYS A 1059 -8.99 21.71 5.21
C LYS A 1059 -10.10 20.96 4.51
N ASP A 1060 -10.94 21.67 3.76
CA ASP A 1060 -12.13 21.07 3.16
C ASP A 1060 -11.79 20.52 1.78
N HIS A 1061 -12.40 19.38 1.45
CA HIS A 1061 -12.22 18.75 0.15
C HIS A 1061 -13.55 18.41 -0.51
N GLU A 1062 -14.67 18.81 0.10
CA GLU A 1062 -15.96 18.45 -0.44
C GLU A 1062 -16.16 19.07 -1.81
N PHE A 1063 -16.87 18.36 -2.67
CA PHE A 1063 -17.25 18.89 -3.96
C PHE A 1063 -18.12 20.11 -3.76
N PRO A 1064 -17.74 21.28 -4.27
CA PRO A 1064 -18.48 22.50 -3.94
C PRO A 1064 -19.90 22.46 -4.44
N LYS A 1065 -20.73 23.29 -3.83
CA LYS A 1065 -22.08 23.53 -4.28
C LYS A 1065 -22.22 25.00 -4.62
N GLY A 1066 -23.08 25.27 -5.59
CA GLY A 1066 -23.30 26.64 -6.00
C GLY A 1066 -23.42 26.77 -7.50
N ASN A 1067 -22.85 25.82 -8.22
CA ASN A 1067 -23.00 25.73 -9.67
C ASN A 1067 -22.50 27.01 -10.34
N TYR A 1068 -21.19 27.23 -10.22
CA TYR A 1068 -20.51 28.34 -10.86
C TYR A 1068 -19.35 27.82 -11.69
N ALA A 1069 -18.85 28.68 -12.57
CA ALA A 1069 -17.76 28.30 -13.46
C ALA A 1069 -16.95 29.54 -13.82
N ILE A 1070 -15.64 29.43 -13.72
CA ILE A 1070 -14.73 30.51 -14.09
C ILE A 1070 -14.35 30.36 -15.54
N VAL A 1071 -14.33 31.47 -16.29
CA VAL A 1071 -13.88 31.47 -17.66
C VAL A 1071 -12.91 32.66 -17.80
N ILE A 1072 -11.62 32.39 -17.72
CA ILE A 1072 -10.61 33.42 -17.66
C ILE A 1072 -9.67 33.27 -18.84
N ASP A 1073 -9.58 34.31 -19.65
CA ASP A 1073 -8.70 34.28 -20.82
C ASP A 1073 -7.24 34.30 -20.36
N GLY A 1074 -6.34 34.09 -21.30
CA GLY A 1074 -4.92 34.05 -20.97
C GLY A 1074 -4.37 35.39 -20.52
N ASP A 1075 -4.87 36.48 -21.13
CA ASP A 1075 -4.42 37.79 -20.72
C ASP A 1075 -4.79 38.09 -19.28
N ALA A 1076 -5.99 37.69 -18.86
CA ALA A 1076 -6.36 37.88 -17.46
C ALA A 1076 -5.66 36.88 -16.56
N LEU A 1077 -5.33 35.69 -17.09
CA LEU A 1077 -4.61 34.70 -16.30
C LEU A 1077 -3.22 35.19 -15.95
N LYS A 1078 -2.56 35.88 -16.88
CA LYS A 1078 -1.25 36.43 -16.60
C LYS A 1078 -1.29 37.39 -15.43
N LEU A 1079 -2.27 38.29 -15.43
CA LEU A 1079 -2.41 39.24 -14.33
C LEU A 1079 -2.77 38.52 -13.04
N ALA A 1080 -3.67 37.55 -13.09
CA ALA A 1080 -4.09 36.85 -11.89
C ALA A 1080 -3.00 35.95 -11.33
N LEU A 1081 -1.99 35.61 -12.12
CA LEU A 1081 -0.87 34.84 -11.61
C LEU A 1081 0.33 35.71 -11.23
N TYR A 1082 0.34 36.99 -11.60
CA TYR A 1082 1.49 37.83 -11.30
C TYR A 1082 1.78 37.88 -9.80
N GLY A 1083 0.93 38.57 -9.04
CA GLY A 1083 1.22 38.88 -7.65
C GLY A 1083 0.70 37.83 -6.69
N GLU A 1084 1.31 37.75 -5.51
CA GLU A 1084 0.94 36.71 -4.56
C GLU A 1084 -0.47 36.93 -4.01
N ASP A 1085 -0.82 38.17 -3.68
CA ASP A 1085 -2.15 38.42 -3.16
C ASP A 1085 -3.22 38.12 -4.21
N ILE A 1086 -2.97 38.49 -5.47
CA ILE A 1086 -3.97 38.21 -6.49
C ILE A 1086 -4.00 36.72 -6.82
N ARG A 1087 -2.88 36.01 -6.66
CA ARG A 1087 -2.93 34.57 -6.85
C ARG A 1087 -3.73 33.90 -5.75
N ARG A 1088 -3.59 34.37 -4.51
CA ARG A 1088 -4.41 33.84 -3.43
C ARG A 1088 -5.88 34.10 -3.70
N LYS A 1089 -6.22 35.28 -4.20
CA LYS A 1089 -7.61 35.58 -4.53
C LYS A 1089 -8.12 34.66 -5.64
N PHE A 1090 -7.34 34.51 -6.70
CA PHE A 1090 -7.75 33.68 -7.83
C PHE A 1090 -7.91 32.22 -7.41
N LEU A 1091 -7.05 31.73 -6.53
CA LEU A 1091 -7.15 30.35 -6.09
C LEU A 1091 -8.34 30.14 -5.16
N LEU A 1092 -8.63 31.11 -4.29
CA LEU A 1092 -9.82 30.98 -3.46
C LEU A 1092 -11.09 31.06 -4.29
N LEU A 1093 -11.05 31.78 -5.41
CA LEU A 1093 -12.21 31.81 -6.28
C LEU A 1093 -12.36 30.52 -7.07
N CYS A 1094 -11.25 29.90 -7.47
CA CYS A 1094 -11.32 28.67 -8.25
C CYS A 1094 -11.36 27.40 -7.40
N LYS A 1095 -11.21 27.51 -6.09
CA LYS A 1095 -11.42 26.34 -5.23
C LYS A 1095 -12.89 25.97 -5.16
N ASN A 1096 -13.77 26.96 -5.21
CA ASN A 1096 -15.17 26.72 -5.54
C ASN A 1096 -15.26 26.55 -7.05
N CYS A 1097 -16.44 26.68 -7.64
CA CYS A 1097 -16.56 26.69 -9.10
C CYS A 1097 -16.03 25.40 -9.70
N ARG A 1098 -16.85 24.35 -9.55
CA ARG A 1098 -16.57 23.01 -10.05
C ARG A 1098 -15.85 22.97 -11.40
N ALA A 1099 -16.22 23.84 -12.32
CA ALA A 1099 -15.58 23.92 -13.62
C ALA A 1099 -14.79 25.21 -13.76
N VAL A 1100 -13.67 25.14 -14.45
CA VAL A 1100 -12.85 26.30 -14.77
C VAL A 1100 -12.41 26.15 -16.22
N LEU A 1101 -12.38 27.25 -16.96
CA LEU A 1101 -11.95 27.23 -18.35
C LEU A 1101 -10.95 28.34 -18.58
N CYS A 1102 -9.67 28.01 -18.54
CA CYS A 1102 -8.61 28.96 -18.87
C CYS A 1102 -8.33 28.84 -20.36
N CYS A 1103 -8.55 29.92 -21.10
CA CYS A 1103 -8.43 29.91 -22.54
C CYS A 1103 -7.28 30.80 -22.99
N ARG A 1104 -6.80 30.54 -24.20
CA ARG A 1104 -5.63 31.22 -24.75
C ARG A 1104 -4.45 31.15 -23.78
N VAL A 1105 -4.11 29.93 -23.39
CA VAL A 1105 -3.13 29.65 -22.34
C VAL A 1105 -1.90 29.06 -23.00
N SER A 1106 -0.73 29.60 -22.68
CA SER A 1106 0.54 29.08 -23.18
C SER A 1106 1.06 27.98 -22.27
N PRO A 1107 1.89 27.08 -22.79
CA PRO A 1107 2.40 25.97 -21.96
C PRO A 1107 2.99 26.41 -20.62
N SER A 1108 3.70 27.54 -20.59
CA SER A 1108 4.17 28.05 -19.31
C SER A 1108 3.01 28.31 -18.36
N GLN A 1109 1.92 28.89 -18.87
CA GLN A 1109 0.78 29.17 -17.99
C GLN A 1109 0.05 27.91 -17.59
N LYS A 1110 -0.02 26.92 -18.47
CA LYS A 1110 -0.55 25.63 -18.08
C LYS A 1110 0.19 25.08 -16.88
N ALA A 1111 1.51 25.02 -16.98
CA ALA A 1111 2.32 24.50 -15.88
C ALA A 1111 2.17 25.35 -14.63
N ALA A 1112 2.05 26.67 -14.81
CA ALA A 1112 1.95 27.55 -13.65
C ALA A 1112 0.65 27.35 -12.89
N VAL A 1113 -0.47 27.22 -13.60
CA VAL A 1113 -1.75 26.98 -12.94
C VAL A 1113 -1.73 25.64 -12.21
N VAL A 1114 -1.16 24.61 -12.84
CA VAL A 1114 -1.11 23.32 -12.16
C VAL A 1114 -0.25 23.42 -10.90
N LYS A 1115 0.90 24.07 -10.99
CA LYS A 1115 1.77 24.20 -9.81
C LYS A 1115 1.09 25.02 -8.73
N LEU A 1116 0.33 26.04 -9.11
CA LEU A 1116 -0.33 26.88 -8.12
C LEU A 1116 -1.35 26.08 -7.33
N VAL A 1117 -2.24 25.38 -8.02
CA VAL A 1117 -3.26 24.60 -7.31
C VAL A 1117 -2.67 23.41 -6.58
N LYS A 1118 -1.52 22.90 -7.01
CA LYS A 1118 -0.93 21.76 -6.33
C LYS A 1118 -0.10 22.18 -5.12
N ASP A 1119 0.49 23.37 -5.15
CA ASP A 1119 1.29 23.85 -4.03
C ASP A 1119 0.43 24.51 -2.98
N SER A 1120 -0.28 25.57 -3.35
CA SER A 1120 -1.23 26.14 -2.40
C SER A 1120 -2.43 25.22 -2.30
N LEU A 1121 -2.92 25.01 -1.08
CA LEU A 1121 -4.00 24.06 -0.88
C LEU A 1121 -3.49 22.75 -1.46
N ASP A 1122 -2.45 22.19 -0.83
CA ASP A 1122 -1.81 20.98 -1.32
C ASP A 1122 -2.79 19.85 -1.56
N VAL A 1123 -2.89 19.38 -2.80
CA VAL A 1123 -3.88 18.39 -3.21
C VAL A 1123 -3.26 17.47 -4.27
N MET A 1124 -4.04 16.49 -4.70
CA MET A 1124 -3.63 15.56 -5.73
C MET A 1124 -4.18 16.03 -7.06
N THR A 1125 -3.32 16.13 -8.07
CA THR A 1125 -3.70 16.67 -9.36
C THR A 1125 -3.32 15.69 -10.46
N LEU A 1126 -4.15 15.65 -11.50
CA LEU A 1126 -3.93 14.85 -12.68
C LEU A 1126 -3.98 15.78 -13.87
N ALA A 1127 -3.10 15.58 -14.84
CA ALA A 1127 -2.99 16.45 -15.99
C ALA A 1127 -2.93 15.61 -17.24
N ILE A 1128 -3.96 15.70 -18.08
CA ILE A 1128 -4.09 14.83 -19.23
C ILE A 1128 -4.04 15.67 -20.50
N GLY A 1129 -3.40 15.14 -21.53
CA GLY A 1129 -3.31 15.87 -22.78
C GLY A 1129 -2.38 15.18 -23.75
N ASP A 1130 -2.10 15.89 -24.83
CA ASP A 1130 -1.11 15.48 -25.82
C ASP A 1130 -0.48 16.72 -26.44
N GLY A 1131 0.84 16.67 -26.63
CA GLY A 1131 1.55 17.74 -27.29
C GLY A 1131 2.66 18.30 -26.42
N SER A 1132 3.47 19.14 -27.05
CA SER A 1132 4.65 19.69 -26.39
C SER A 1132 4.28 20.67 -25.28
N ASN A 1133 3.06 21.19 -25.26
CA ASN A 1133 2.58 22.08 -24.22
C ASN A 1133 1.95 21.34 -23.06
N ASP A 1134 1.12 20.36 -23.37
CA ASP A 1134 0.66 19.47 -22.33
C ASP A 1134 1.81 18.71 -21.70
N VAL A 1135 2.98 18.65 -22.35
CA VAL A 1135 4.14 18.05 -21.69
C VAL A 1135 4.51 18.83 -20.44
N ALA A 1136 4.60 20.15 -20.56
CA ALA A 1136 4.94 20.97 -19.40
C ALA A 1136 3.80 20.99 -18.39
N MET A 1137 2.57 20.80 -18.86
CA MET A 1137 1.48 20.64 -17.89
C MET A 1137 1.51 19.28 -17.20
N ILE A 1138 1.95 18.23 -17.89
CA ILE A 1138 1.92 16.87 -17.40
C ILE A 1138 3.02 16.64 -16.38
N GLN A 1139 4.23 17.07 -16.69
CA GLN A 1139 5.34 16.86 -15.79
C GLN A 1139 5.12 17.56 -14.46
N SER A 1140 4.35 18.63 -14.44
CA SER A 1140 4.16 19.45 -13.24
C SER A 1140 2.90 19.08 -12.48
N ALA A 1141 2.65 17.78 -12.32
CA ALA A 1141 1.44 17.32 -11.65
C ALA A 1141 1.74 15.97 -11.03
N ASP A 1142 0.85 15.52 -10.17
CA ASP A 1142 1.09 14.29 -9.44
C ASP A 1142 0.99 13.07 -10.34
N VAL A 1143 -0.11 12.93 -11.06
CA VAL A 1143 -0.31 11.84 -12.01
C VAL A 1143 -0.55 12.48 -13.37
N GLY A 1144 0.45 12.47 -14.23
CA GLY A 1144 0.32 13.02 -15.55
C GLY A 1144 0.02 11.94 -16.57
N ILE A 1145 -1.05 12.12 -17.31
CA ILE A 1145 -1.51 11.14 -18.29
C ILE A 1145 -1.34 11.72 -19.68
N GLY A 1146 -0.75 10.97 -20.59
CA GLY A 1146 -0.57 11.40 -21.95
C GLY A 1146 -1.42 10.56 -22.88
N ILE A 1147 -1.94 11.20 -23.92
CA ILE A 1147 -2.84 10.56 -24.87
C ILE A 1147 -2.11 10.39 -26.19
N ALA A 1148 -2.16 9.18 -26.76
CA ALA A 1148 -1.60 8.98 -28.09
C ALA A 1148 -2.49 9.67 -29.10
N GLY A 1149 -2.09 10.87 -29.53
CA GLY A 1149 -2.95 11.69 -30.36
C GLY A 1149 -2.49 11.80 -31.79
N GLU A 1150 -3.16 12.67 -32.57
CA GLU A 1150 -2.75 12.87 -33.96
C GLU A 1150 -1.41 13.58 -34.04
N GLU A 1151 -1.13 14.49 -33.12
CA GLU A 1151 0.22 15.00 -32.99
C GLU A 1151 1.12 13.94 -32.37
N GLY A 1152 2.42 14.05 -32.66
CA GLY A 1152 3.34 12.98 -32.30
C GLY A 1152 3.32 12.68 -30.82
N ARG A 1153 3.78 11.48 -30.48
CA ARG A 1153 3.74 11.01 -29.09
C ARG A 1153 4.91 11.62 -28.32
N GLN A 1154 4.79 12.92 -28.07
CA GLN A 1154 5.72 13.63 -27.20
C GLN A 1154 5.17 13.81 -25.80
N ALA A 1155 3.84 13.86 -25.65
CA ALA A 1155 3.25 13.88 -24.31
C ALA A 1155 3.06 12.49 -23.75
N VAL A 1156 3.12 11.46 -24.59
CA VAL A 1156 3.06 10.09 -24.08
C VAL A 1156 4.36 9.70 -23.42
N MET A 1157 5.50 10.15 -23.99
CA MET A 1157 6.79 9.80 -23.41
C MET A 1157 6.95 10.40 -22.03
N CYS A 1158 6.80 11.70 -21.91
CA CYS A 1158 7.01 12.38 -20.62
C CYS A 1158 5.72 12.40 -19.82
N SER A 1159 5.24 11.21 -19.48
CA SER A 1159 3.97 11.03 -18.78
C SER A 1159 4.10 9.83 -17.86
N ASP A 1160 3.03 9.57 -17.11
CA ASP A 1160 3.03 8.44 -16.19
C ASP A 1160 2.22 7.27 -16.70
N TYR A 1161 1.08 7.53 -17.32
CA TYR A 1161 0.32 6.51 -18.03
C TYR A 1161 0.14 6.99 -19.45
N ALA A 1162 -0.51 6.20 -20.27
CA ALA A 1162 -0.72 6.62 -21.64
C ALA A 1162 -1.93 5.88 -22.20
N ILE A 1163 -3.07 6.53 -22.16
CA ILE A 1163 -4.30 5.94 -22.66
C ILE A 1163 -4.42 6.31 -24.13
N GLY A 1164 -5.28 5.59 -24.84
CA GLY A 1164 -5.49 5.88 -26.24
C GLY A 1164 -6.53 6.95 -26.50
N GLN A 1165 -7.53 7.05 -25.63
CA GLN A 1165 -8.57 8.05 -25.78
C GLN A 1165 -8.96 8.56 -24.41
N PHE A 1166 -9.70 9.66 -24.39
CA PHE A 1166 -10.05 10.28 -23.12
C PHE A 1166 -11.00 9.42 -22.32
N ARG A 1167 -11.90 8.70 -22.98
CA ARG A 1167 -12.95 7.95 -22.29
C ARG A 1167 -12.39 6.92 -21.32
N TYR A 1168 -11.14 6.51 -21.47
CA TYR A 1168 -10.54 5.55 -20.56
C TYR A 1168 -10.12 6.19 -19.25
N LEU A 1169 -10.15 7.51 -19.15
CA LEU A 1169 -9.78 8.15 -17.90
C LEU A 1169 -10.75 7.78 -16.79
N ALA A 1170 -12.05 7.70 -17.09
CA ALA A 1170 -13.00 7.29 -16.07
C ALA A 1170 -12.70 5.88 -15.58
N ARG A 1171 -12.54 4.94 -16.50
CA ARG A 1171 -12.19 3.57 -16.12
C ARG A 1171 -10.93 3.56 -15.26
N LEU A 1172 -9.82 4.07 -15.80
CA LEU A 1172 -8.57 4.12 -15.07
C LEU A 1172 -8.76 4.70 -13.68
N VAL A 1173 -9.13 5.96 -13.59
CA VAL A 1173 -9.25 6.63 -12.30
C VAL A 1173 -10.19 5.85 -11.39
N LEU A 1174 -11.48 5.80 -11.70
CA LEU A 1174 -12.41 5.19 -10.75
C LEU A 1174 -11.96 3.77 -10.44
N VAL A 1175 -12.04 2.83 -11.38
CA VAL A 1175 -11.79 1.44 -11.02
C VAL A 1175 -10.39 1.28 -10.46
N HIS A 1176 -9.35 1.50 -11.27
CA HIS A 1176 -8.04 1.07 -10.85
C HIS A 1176 -7.49 1.96 -9.74
N GLY A 1177 -7.62 3.28 -9.84
CA GLY A 1177 -7.09 4.11 -8.77
C GLY A 1177 -7.83 3.93 -7.46
N ARG A 1178 -9.17 3.83 -7.49
CA ARG A 1178 -9.88 3.62 -6.25
C ARG A 1178 -9.50 2.30 -5.62
N TRP A 1179 -9.39 1.25 -6.43
CA TRP A 1179 -8.97 -0.03 -5.90
C TRP A 1179 -7.59 0.07 -5.30
N SER A 1180 -6.64 0.68 -6.01
CA SER A 1180 -5.27 0.70 -5.52
C SER A 1180 -5.14 1.52 -4.26
N TYR A 1181 -5.91 2.59 -4.14
CA TYR A 1181 -5.90 3.36 -2.91
C TYR A 1181 -6.44 2.54 -1.75
N LYS A 1182 -7.61 1.92 -1.92
CA LYS A 1182 -8.15 1.09 -0.87
C LYS A 1182 -7.19 -0.02 -0.49
N ARG A 1183 -6.55 -0.64 -1.50
CA ARG A 1183 -5.66 -1.76 -1.25
C ARG A 1183 -4.48 -1.35 -0.39
N LEU A 1184 -3.76 -0.30 -0.80
CA LEU A 1184 -2.62 0.12 0.01
C LEU A 1184 -3.05 0.64 1.36
N ALA A 1185 -4.17 1.35 1.44
CA ALA A 1185 -4.59 1.92 2.71
C ALA A 1185 -5.00 0.83 3.69
N GLU A 1186 -5.41 -0.33 3.22
CA GLU A 1186 -5.62 -1.43 4.15
C GLU A 1186 -4.37 -2.27 4.37
N MET A 1187 -3.51 -2.43 3.37
CA MET A 1187 -2.37 -3.31 3.50
C MET A 1187 -1.26 -2.73 4.36
N ILE A 1188 -1.13 -1.42 4.47
CA ILE A 1188 0.00 -0.90 5.24
C ILE A 1188 -0.22 -1.02 6.74
N PRO A 1189 -1.34 -0.56 7.31
CA PRO A 1189 -1.53 -0.76 8.75
C PRO A 1189 -1.56 -2.21 9.15
N GLU A 1190 -2.11 -3.07 8.29
CA GLU A 1190 -2.10 -4.50 8.54
C GLU A 1190 -0.69 -5.02 8.69
N PHE A 1191 0.23 -4.51 7.86
CA PHE A 1191 1.63 -4.92 7.96
C PHE A 1191 2.22 -4.53 9.30
N PHE A 1192 2.00 -3.29 9.72
CA PHE A 1192 2.58 -2.89 11.00
C PHE A 1192 2.01 -3.73 12.14
N TYR A 1193 0.72 -4.02 12.10
CA TYR A 1193 0.09 -4.81 13.15
C TYR A 1193 0.65 -6.23 13.19
N LYS A 1194 0.82 -6.85 12.03
CA LYS A 1194 1.27 -8.24 12.03
C LYS A 1194 2.72 -8.34 12.45
N ASN A 1195 3.52 -7.31 12.21
CA ASN A 1195 4.86 -7.33 12.77
C ASN A 1195 4.82 -7.16 14.28
N MET A 1196 3.92 -6.30 14.76
CA MET A 1196 3.94 -5.94 16.18
C MET A 1196 3.56 -7.09 17.07
N ILE A 1197 2.56 -7.89 16.68
CA ILE A 1197 2.16 -9.04 17.51
C ILE A 1197 3.37 -9.89 17.89
N PHE A 1198 4.05 -10.42 16.88
CA PHE A 1198 5.16 -11.32 17.09
C PHE A 1198 6.32 -10.64 17.78
N ALA A 1199 6.68 -9.44 17.36
CA ALA A 1199 7.88 -8.87 17.95
C ALA A 1199 7.64 -8.36 19.35
N LEU A 1200 6.38 -8.25 19.80
CA LEU A 1200 6.14 -7.79 21.15
C LEU A 1200 5.88 -8.92 22.13
N ALA A 1201 5.52 -10.11 21.65
CA ALA A 1201 5.48 -11.22 22.61
C ALA A 1201 6.86 -11.49 23.21
N LEU A 1202 7.94 -11.16 22.50
CA LEU A 1202 9.28 -11.28 23.09
C LEU A 1202 9.49 -10.27 24.19
N PHE A 1203 9.02 -9.04 24.01
CA PHE A 1203 9.14 -8.07 25.09
C PHE A 1203 8.36 -8.53 26.31
N TRP A 1204 7.20 -9.14 26.08
CA TRP A 1204 6.42 -9.61 27.23
C TRP A 1204 7.14 -10.73 27.95
N TYR A 1205 7.75 -11.65 27.22
CA TYR A 1205 8.54 -12.67 27.87
C TYR A 1205 9.67 -12.08 28.68
N GLY A 1206 10.25 -10.99 28.21
CA GLY A 1206 11.31 -10.37 28.96
C GLY A 1206 10.97 -10.14 30.41
N ILE A 1207 9.69 -9.98 30.75
CA ILE A 1207 9.33 -9.73 32.14
C ILE A 1207 9.69 -10.91 33.01
N TYR A 1208 9.64 -12.13 32.47
CA TYR A 1208 9.82 -13.35 33.23
C TYR A 1208 11.22 -13.91 33.12
N ASN A 1209 12.13 -13.24 32.42
CA ASN A 1209 13.55 -13.53 32.57
C ASN A 1209 14.35 -12.25 32.80
N ASP A 1210 13.67 -11.22 33.32
CA ASP A 1210 14.32 -10.01 33.82
C ASP A 1210 14.96 -9.23 32.70
N PHE A 1211 14.32 -9.26 31.53
CA PHE A 1211 14.77 -8.54 30.36
C PHE A 1211 16.23 -8.86 30.06
N ASP A 1212 16.56 -10.15 30.12
CA ASP A 1212 17.95 -10.56 30.01
C ASP A 1212 18.37 -10.85 28.58
N GLY A 1213 17.48 -11.31 27.74
CA GLY A 1213 17.83 -11.45 26.35
C GLY A 1213 17.82 -12.87 25.85
N SER A 1214 17.18 -13.76 26.58
CA SER A 1214 16.96 -15.10 26.07
C SER A 1214 15.75 -15.08 25.16
N TYR A 1215 15.88 -15.69 23.99
CA TYR A 1215 14.83 -15.63 23.00
C TYR A 1215 13.71 -16.57 23.39
N LEU A 1216 12.48 -16.12 23.25
CA LEU A 1216 11.36 -17.01 23.44
C LEU A 1216 11.12 -17.89 22.22
N TYR A 1217 11.60 -17.51 21.06
CA TYR A 1217 11.30 -18.20 19.81
C TYR A 1217 12.53 -18.92 19.28
N GLU A 1218 12.28 -19.96 18.49
CA GLU A 1218 13.37 -20.54 17.72
C GLU A 1218 13.86 -19.53 16.69
N TYR A 1219 15.11 -19.69 16.25
CA TYR A 1219 15.63 -18.76 15.25
C TYR A 1219 14.92 -18.93 13.92
N THR A 1220 14.64 -20.16 13.52
CA THR A 1220 13.90 -20.36 12.28
C THR A 1220 12.52 -19.75 12.36
N TYR A 1221 11.90 -19.79 13.54
CA TYR A 1221 10.64 -19.10 13.72
C TYR A 1221 10.81 -17.60 13.52
N MET A 1222 11.85 -17.03 14.14
CA MET A 1222 12.04 -15.60 14.07
C MET A 1222 12.29 -15.12 12.65
N MET A 1223 12.95 -15.91 11.82
CA MET A 1223 13.13 -15.47 10.44
C MET A 1223 11.92 -15.78 9.56
N PHE A 1224 11.45 -17.02 9.60
CA PHE A 1224 10.36 -17.42 8.75
C PHE A 1224 9.08 -16.66 9.04
N TYR A 1225 8.89 -16.06 10.22
CA TYR A 1225 7.62 -15.39 10.46
C TYR A 1225 7.36 -14.38 9.37
N ASN A 1226 8.17 -13.33 9.32
CA ASN A 1226 8.00 -12.31 8.30
C ASN A 1226 8.42 -12.78 6.92
N LEU A 1227 9.20 -13.86 6.80
CA LEU A 1227 9.44 -14.31 5.43
C LEU A 1227 8.23 -15.01 4.85
N ALA A 1228 7.73 -16.07 5.49
CA ALA A 1228 6.77 -16.97 4.90
C ALA A 1228 5.47 -17.09 5.67
N PHE A 1229 5.53 -17.01 7.00
CA PHE A 1229 4.33 -17.35 7.75
C PHE A 1229 3.28 -16.28 7.64
N THR A 1230 3.64 -15.06 7.25
CA THR A 1230 2.70 -13.96 7.33
C THR A 1230 2.72 -13.01 6.13
N SER A 1231 3.55 -13.25 5.12
CA SER A 1231 3.72 -12.25 4.08
C SER A 1231 2.64 -12.32 3.01
N LEU A 1232 2.41 -13.51 2.46
CA LEU A 1232 1.50 -13.64 1.33
C LEU A 1232 0.08 -13.20 1.61
N PRO A 1233 -0.51 -13.40 2.79
CA PRO A 1233 -1.83 -12.80 3.04
C PRO A 1233 -1.86 -11.30 2.86
N VAL A 1234 -0.89 -10.56 3.41
CA VAL A 1234 -0.99 -9.12 3.33
C VAL A 1234 -0.62 -8.64 1.92
N ILE A 1235 0.29 -9.34 1.24
CA ILE A 1235 0.60 -8.98 -0.13
C ILE A 1235 -0.60 -9.22 -1.03
N PHE A 1236 -1.36 -10.28 -0.81
CA PHE A 1236 -2.51 -10.51 -1.67
C PHE A 1236 -3.68 -9.61 -1.29
N LEU A 1237 -3.81 -9.21 -0.04
CA LEU A 1237 -4.77 -8.17 0.29
C LEU A 1237 -4.45 -6.90 -0.47
N GLY A 1238 -3.15 -6.58 -0.62
CA GLY A 1238 -2.76 -5.42 -1.38
C GLY A 1238 -2.90 -5.56 -2.88
N ILE A 1239 -2.79 -6.77 -3.40
CA ILE A 1239 -2.79 -6.96 -4.85
C ILE A 1239 -4.18 -7.25 -5.39
N LEU A 1240 -4.98 -8.09 -4.73
CA LEU A 1240 -6.18 -8.67 -5.34
C LEU A 1240 -7.47 -8.34 -4.62
N ASP A 1241 -7.51 -7.29 -3.82
CA ASP A 1241 -8.71 -6.97 -3.05
C ASP A 1241 -9.60 -5.97 -3.79
N GLN A 1242 -10.90 -6.19 -3.71
CA GLN A 1242 -11.89 -5.32 -4.36
C GLN A 1242 -13.08 -5.17 -3.43
N ASP A 1243 -13.37 -3.95 -3.01
CA ASP A 1243 -14.61 -3.70 -2.30
C ASP A 1243 -15.80 -4.10 -3.16
N VAL A 1244 -16.01 -3.39 -4.27
CA VAL A 1244 -17.03 -3.71 -5.25
C VAL A 1244 -16.36 -3.81 -6.61
N ASN A 1245 -16.95 -4.59 -7.50
CA ASN A 1245 -16.30 -4.94 -8.75
C ASN A 1245 -16.26 -3.73 -9.68
N ASP A 1246 -15.83 -3.94 -10.92
CA ASP A 1246 -15.70 -2.83 -11.85
C ASP A 1246 -17.05 -2.26 -12.25
N THR A 1247 -18.03 -3.13 -12.50
CA THR A 1247 -19.36 -2.67 -12.86
C THR A 1247 -19.94 -1.75 -11.81
N ILE A 1248 -19.86 -2.12 -10.53
CA ILE A 1248 -20.40 -1.26 -9.50
C ILE A 1248 -19.50 -0.05 -9.25
N SER A 1249 -18.19 -0.17 -9.43
CA SER A 1249 -17.32 0.98 -9.30
C SER A 1249 -17.67 2.07 -10.31
N LEU A 1250 -18.13 1.68 -11.49
CA LEU A 1250 -18.53 2.64 -12.50
C LEU A 1250 -20.01 3.01 -12.41
N VAL A 1251 -20.84 2.19 -11.81
CA VAL A 1251 -22.26 2.53 -11.69
C VAL A 1251 -22.50 3.46 -10.52
N VAL A 1252 -21.81 3.24 -9.39
CA VAL A 1252 -21.90 4.12 -8.23
C VAL A 1252 -20.57 4.85 -8.10
N PRO A 1253 -20.22 5.77 -9.00
CA PRO A 1253 -18.87 6.33 -8.95
C PRO A 1253 -18.63 7.19 -7.76
N GLN A 1254 -19.66 7.50 -6.99
CA GLN A 1254 -19.50 8.35 -5.82
C GLN A 1254 -18.68 7.70 -4.73
N LEU A 1255 -18.35 6.42 -4.86
CA LEU A 1255 -17.50 5.77 -3.85
C LEU A 1255 -16.10 6.34 -3.85
N TYR A 1256 -15.76 7.12 -4.87
CA TYR A 1256 -14.43 7.70 -4.99
C TYR A 1256 -14.21 8.81 -3.97
N ARG A 1257 -15.29 9.39 -3.46
CA ARG A 1257 -15.16 10.56 -2.62
C ARG A 1257 -14.40 10.28 -1.34
N VAL A 1258 -14.39 9.03 -0.89
CA VAL A 1258 -13.62 8.69 0.29
C VAL A 1258 -12.13 8.82 0.00
N GLY A 1259 -11.69 8.47 -1.19
CA GLY A 1259 -10.29 8.63 -1.53
C GLY A 1259 -9.96 10.08 -1.69
N ILE A 1260 -10.90 10.82 -2.26
CA ILE A 1260 -10.69 12.26 -2.41
C ILE A 1260 -10.56 12.94 -1.05
N LEU A 1261 -11.36 12.53 -0.08
CA LEU A 1261 -11.39 13.11 1.27
C LEU A 1261 -10.32 12.56 2.20
N ARG A 1262 -9.65 11.48 1.82
CA ARG A 1262 -8.57 10.90 2.62
C ARG A 1262 -9.09 10.29 3.91
N LYS A 1263 -10.10 9.44 3.77
CA LYS A 1263 -10.67 8.77 4.93
C LYS A 1263 -10.07 7.39 5.16
N GLU A 1264 -9.53 6.77 4.11
CA GLU A 1264 -9.02 5.41 4.28
C GLU A 1264 -7.71 5.39 5.04
N TRP A 1265 -6.82 6.34 4.78
CA TRP A 1265 -5.47 6.29 5.33
C TRP A 1265 -5.17 7.56 6.09
N ASN A 1266 -5.22 7.49 7.40
CA ASN A 1266 -4.74 8.52 8.30
C ASN A 1266 -3.51 7.98 9.01
N GLN A 1267 -3.02 8.74 9.98
CA GLN A 1267 -2.15 8.16 10.98
C GLN A 1267 -2.92 7.66 12.20
N ARG A 1268 -4.14 8.16 12.41
CA ARG A 1268 -4.98 7.62 13.46
C ARG A 1268 -5.34 6.17 13.19
N LYS A 1269 -5.52 5.81 11.92
CA LYS A 1269 -5.82 4.41 11.59
C LYS A 1269 -4.62 3.52 11.86
N PHE A 1270 -3.43 3.97 11.50
CA PHE A 1270 -2.23 3.20 11.78
C PHE A 1270 -2.03 3.05 13.28
N LEU A 1271 -2.35 4.08 14.06
CA LEU A 1271 -2.16 3.97 15.50
C LEU A 1271 -3.19 3.04 16.12
N TRP A 1272 -4.41 3.02 15.61
CA TRP A 1272 -5.39 2.04 16.10
C TRP A 1272 -4.96 0.62 15.75
N TYR A 1273 -4.37 0.42 14.58
CA TYR A 1273 -3.87 -0.91 14.24
C TYR A 1273 -2.71 -1.31 15.13
N MET A 1274 -1.82 -0.39 15.45
CA MET A 1274 -0.74 -0.72 16.36
C MET A 1274 -1.26 -1.01 17.77
N LEU A 1275 -2.29 -0.31 18.20
CA LEU A 1275 -2.86 -0.61 19.51
C LEU A 1275 -3.50 -1.99 19.53
N ASP A 1276 -4.20 -2.35 18.45
CA ASP A 1276 -4.76 -3.70 18.37
C ASP A 1276 -3.65 -4.74 18.34
N GLY A 1277 -2.56 -4.46 17.65
CA GLY A 1277 -1.43 -5.38 17.66
C GLY A 1277 -0.83 -5.55 19.04
N LEU A 1278 -0.75 -4.47 19.80
CA LEU A 1278 -0.23 -4.55 21.17
C LEU A 1278 -1.14 -5.39 22.06
N TYR A 1279 -2.45 -5.14 21.98
CA TYR A 1279 -3.39 -5.95 22.77
C TYR A 1279 -3.35 -7.41 22.35
N GLN A 1280 -3.27 -7.69 21.05
CA GLN A 1280 -3.22 -9.07 20.63
C GLN A 1280 -1.91 -9.72 21.00
N SER A 1281 -0.83 -8.96 21.10
CA SER A 1281 0.42 -9.56 21.55
C SER A 1281 0.33 -9.91 23.03
N ILE A 1282 -0.30 -9.06 23.82
CA ILE A 1282 -0.60 -9.41 25.21
C ILE A 1282 -1.33 -10.75 25.27
N ILE A 1283 -2.38 -10.90 24.46
CA ILE A 1283 -3.17 -12.13 24.51
C ILE A 1283 -2.34 -13.33 24.08
N CYS A 1284 -1.65 -13.22 22.95
CA CYS A 1284 -0.84 -14.33 22.44
C CYS A 1284 0.22 -14.77 23.43
N PHE A 1285 0.82 -13.85 24.18
CA PHE A 1285 1.79 -14.34 25.15
C PHE A 1285 1.11 -14.85 26.40
N PHE A 1286 0.35 -14.02 27.08
CA PHE A 1286 -0.15 -14.39 28.39
C PHE A 1286 -1.31 -15.38 28.35
N PHE A 1287 -1.66 -15.95 27.21
CA PHE A 1287 -2.54 -17.10 27.37
C PHE A 1287 -1.75 -18.39 27.54
N PRO A 1288 -0.75 -18.68 26.70
CA PRO A 1288 0.14 -19.79 27.04
C PRO A 1288 0.87 -19.64 28.36
N TYR A 1289 1.31 -18.44 28.71
CA TYR A 1289 1.92 -18.26 30.01
C TYR A 1289 0.95 -18.60 31.12
N LEU A 1290 -0.30 -18.23 30.99
CA LEU A 1290 -1.25 -18.51 32.05
C LEU A 1290 -1.68 -19.97 32.06
N VAL A 1291 -1.47 -20.68 30.96
CA VAL A 1291 -1.70 -22.12 30.99
C VAL A 1291 -0.53 -22.83 31.65
N TYR A 1292 0.66 -22.25 31.60
CA TYR A 1292 1.78 -22.86 32.29
C TYR A 1292 1.83 -22.48 33.77
N HIS A 1293 1.65 -21.21 34.09
CA HIS A 1293 2.15 -20.62 35.33
C HIS A 1293 1.83 -21.40 36.58
N LYS A 1294 0.73 -22.14 36.60
CA LYS A 1294 0.32 -22.76 37.86
C LYS A 1294 1.32 -23.81 38.29
N ASN A 1295 1.54 -24.84 37.47
CA ASN A 1295 2.46 -25.91 37.81
C ASN A 1295 3.35 -26.37 36.67
N MET A 1296 3.40 -25.68 35.55
CA MET A 1296 4.31 -25.96 34.44
C MET A 1296 4.11 -27.34 33.84
N ILE A 1297 3.00 -28.00 34.13
CA ILE A 1297 2.66 -29.30 33.57
C ILE A 1297 1.46 -29.10 32.67
N VAL A 1298 1.65 -29.20 31.36
CA VAL A 1298 0.62 -29.01 30.37
C VAL A 1298 0.45 -30.22 29.47
N THR A 1299 1.15 -31.30 29.77
CA THR A 1299 1.09 -32.50 28.95
C THR A 1299 0.10 -33.48 29.53
N SER A 1300 -0.45 -34.32 28.66
CA SER A 1300 -1.39 -35.33 29.11
C SER A 1300 -0.69 -36.43 29.91
N ASN A 1301 0.59 -36.64 29.67
CA ASN A 1301 1.35 -37.69 30.32
C ASN A 1301 2.40 -37.16 31.29
N GLY A 1302 2.23 -35.96 31.82
CA GLY A 1302 3.08 -35.47 32.88
C GLY A 1302 4.49 -35.16 32.49
N LEU A 1303 4.93 -35.55 31.31
CA LEU A 1303 6.27 -35.23 30.84
C LEU A 1303 6.37 -33.74 30.55
N GLY A 1304 7.60 -33.27 30.39
CA GLY A 1304 7.86 -31.84 30.39
C GLY A 1304 7.73 -31.19 29.02
N LEU A 1305 7.15 -30.00 29.02
CA LEU A 1305 7.13 -29.11 27.86
C LEU A 1305 7.60 -27.73 28.25
N ASP A 1306 8.37 -27.60 29.33
CA ASP A 1306 8.53 -26.28 29.91
C ASP A 1306 9.58 -25.45 29.21
N HIS A 1307 10.24 -25.98 28.20
CA HIS A 1307 11.26 -25.21 27.50
C HIS A 1307 10.64 -23.97 26.87
N ARG A 1308 11.45 -22.92 26.77
CA ARG A 1308 10.93 -21.68 26.22
C ARG A 1308 10.70 -21.76 24.74
N TYR A 1309 11.37 -22.68 24.04
CA TYR A 1309 11.03 -22.88 22.64
C TYR A 1309 9.65 -23.47 22.47
N PHE A 1310 9.19 -24.31 23.40
CA PHE A 1310 7.86 -24.88 23.28
C PHE A 1310 6.80 -23.90 23.71
N VAL A 1311 7.08 -23.09 24.73
CA VAL A 1311 6.16 -21.99 24.99
C VAL A 1311 6.13 -21.04 23.80
N GLY A 1312 7.24 -20.88 23.10
CA GLY A 1312 7.24 -20.04 21.92
C GLY A 1312 6.46 -20.61 20.78
N VAL A 1313 6.42 -21.94 20.66
CA VAL A 1313 5.54 -22.57 19.67
C VAL A 1313 4.08 -22.26 19.97
N TYR A 1314 3.68 -22.39 21.23
CA TYR A 1314 2.34 -21.97 21.64
C TYR A 1314 2.05 -20.55 21.16
N VAL A 1315 2.92 -19.62 21.57
CA VAL A 1315 2.75 -18.21 21.27
C VAL A 1315 2.70 -17.96 19.78
N THR A 1316 3.63 -18.55 19.03
CA THR A 1316 3.73 -18.31 17.61
C THR A 1316 2.53 -18.84 16.86
N THR A 1317 2.07 -20.04 17.19
CA THR A 1317 0.91 -20.55 16.48
C THR A 1317 -0.30 -19.68 16.70
N ILE A 1318 -0.52 -19.25 17.95
CA ILE A 1318 -1.62 -18.31 18.20
C ILE A 1318 -1.43 -17.04 17.39
N ALA A 1319 -0.22 -16.50 17.37
CA ALA A 1319 0.03 -15.22 16.73
C ALA A 1319 -0.19 -15.29 15.23
N VAL A 1320 0.36 -16.32 14.58
CA VAL A 1320 0.22 -16.43 13.14
C VAL A 1320 -1.23 -16.64 12.76
N ILE A 1321 -1.94 -17.52 13.45
CA ILE A 1321 -3.30 -17.76 13.02
C ILE A 1321 -4.16 -16.53 13.26
N SER A 1322 -3.91 -15.80 14.34
CA SER A 1322 -4.70 -14.60 14.58
C SER A 1322 -4.42 -13.52 13.53
N CYS A 1323 -3.16 -13.32 13.17
CA CYS A 1323 -2.87 -12.27 12.19
C CYS A 1323 -3.37 -12.67 10.80
N ASN A 1324 -3.30 -13.95 10.43
CA ASN A 1324 -3.86 -14.36 9.17
C ASN A 1324 -5.37 -14.22 9.14
N THR A 1325 -6.05 -14.56 10.24
CA THR A 1325 -7.49 -14.42 10.25
C THR A 1325 -7.92 -12.97 10.34
N TYR A 1326 -7.08 -12.10 10.91
CA TYR A 1326 -7.34 -10.67 10.86
C TYR A 1326 -7.29 -10.17 9.43
N VAL A 1327 -6.23 -10.52 8.71
CA VAL A 1327 -6.14 -10.17 7.29
C VAL A 1327 -7.36 -10.68 6.54
N LEU A 1328 -7.76 -11.92 6.79
CA LEU A 1328 -8.92 -12.48 6.10
C LEU A 1328 -10.19 -11.72 6.41
N LEU A 1329 -10.44 -11.40 7.68
CA LEU A 1329 -11.65 -10.71 8.03
C LEU A 1329 -11.67 -9.29 7.51
N HIS A 1330 -10.50 -8.71 7.24
CA HIS A 1330 -10.44 -7.36 6.70
C HIS A 1330 -10.36 -7.31 5.18
N GLN A 1331 -10.19 -8.45 4.54
CA GLN A 1331 -10.40 -8.52 3.11
C GLN A 1331 -11.87 -8.28 2.79
N TYR A 1332 -12.13 -7.57 1.71
CA TYR A 1332 -13.49 -7.32 1.25
C TYR A 1332 -14.00 -8.48 0.42
N ARG A 1333 -13.21 -8.97 -0.49
CA ARG A 1333 -13.58 -10.05 -1.39
C ARG A 1333 -12.78 -11.30 -1.05
N TRP A 1334 -13.48 -12.40 -0.83
CA TRP A 1334 -12.84 -13.68 -0.52
C TRP A 1334 -12.75 -14.49 -1.80
N ASP A 1335 -11.69 -14.28 -2.56
CA ASP A 1335 -11.46 -15.08 -3.75
C ASP A 1335 -10.74 -16.37 -3.37
N TRP A 1336 -10.76 -17.33 -4.28
CA TRP A 1336 -10.10 -18.60 -3.98
C TRP A 1336 -8.60 -18.45 -3.88
N PHE A 1337 -7.99 -17.52 -4.63
CA PHE A 1337 -6.55 -17.30 -4.54
C PHE A 1337 -6.15 -16.82 -3.16
N SER A 1338 -6.77 -15.74 -2.70
CA SER A 1338 -6.44 -15.18 -1.40
C SER A 1338 -6.74 -16.18 -0.29
N GLY A 1339 -7.89 -16.86 -0.36
CA GLY A 1339 -8.19 -17.84 0.66
C GLY A 1339 -7.23 -19.00 0.66
N LEU A 1340 -6.85 -19.49 -0.51
CA LEU A 1340 -5.91 -20.59 -0.60
C LEU A 1340 -4.58 -20.23 0.03
N PHE A 1341 -4.08 -19.02 -0.23
CA PHE A 1341 -2.79 -18.72 0.34
C PHE A 1341 -2.86 -18.32 1.81
N ILE A 1342 -4.00 -17.86 2.31
CA ILE A 1342 -4.16 -17.73 3.76
C ILE A 1342 -4.10 -19.09 4.43
N ALA A 1343 -4.88 -20.05 3.90
CA ALA A 1343 -4.84 -21.40 4.43
C ALA A 1343 -3.45 -21.98 4.37
N LEU A 1344 -2.71 -21.71 3.29
CA LEU A 1344 -1.37 -22.26 3.19
C LEU A 1344 -0.39 -21.59 4.15
N SER A 1345 -0.57 -20.31 4.46
CA SER A 1345 0.31 -19.71 5.47
C SER A 1345 0.11 -20.35 6.84
N CYS A 1346 -1.15 -20.61 7.21
CA CYS A 1346 -1.39 -21.31 8.48
C CYS A 1346 -0.83 -22.74 8.46
N LEU A 1347 -1.14 -23.49 7.40
CA LEU A 1347 -0.60 -24.83 7.28
C LEU A 1347 0.91 -24.81 7.27
N VAL A 1348 1.53 -23.73 6.80
CA VAL A 1348 2.98 -23.70 6.74
C VAL A 1348 3.56 -23.53 8.13
N VAL A 1349 2.91 -22.75 8.97
CA VAL A 1349 3.35 -22.71 10.37
C VAL A 1349 3.42 -24.13 10.93
N PHE A 1350 2.30 -24.85 10.79
CA PHE A 1350 2.23 -26.20 11.37
C PHE A 1350 3.22 -27.15 10.70
N ALA A 1351 3.36 -27.07 9.39
CA ALA A 1351 4.22 -28.00 8.68
C ALA A 1351 5.69 -27.70 8.88
N TRP A 1352 6.08 -26.44 9.02
CA TRP A 1352 7.48 -26.16 9.32
C TRP A 1352 7.83 -26.62 10.72
N THR A 1353 6.93 -26.43 11.69
CA THR A 1353 7.21 -27.02 12.99
C THR A 1353 7.40 -28.52 12.88
N GLY A 1354 6.48 -29.20 12.18
CA GLY A 1354 6.57 -30.63 12.05
C GLY A 1354 7.78 -31.11 11.28
N ILE A 1355 8.33 -30.28 10.40
CA ILE A 1355 9.46 -30.70 9.58
C ILE A 1355 10.79 -30.36 10.23
N TRP A 1356 10.85 -29.27 11.00
CA TRP A 1356 12.08 -28.90 11.66
C TRP A 1356 12.27 -29.65 12.97
N SER A 1357 11.19 -29.93 13.70
CA SER A 1357 11.32 -30.74 14.90
C SER A 1357 11.94 -32.07 14.57
N SER A 1358 11.27 -32.87 13.75
CA SER A 1358 11.67 -34.24 13.51
C SER A 1358 13.11 -34.41 13.02
N ALA A 1359 13.88 -33.34 12.86
CA ALA A 1359 15.28 -33.44 12.51
C ALA A 1359 16.15 -33.08 13.70
N ILE A 1360 17.12 -33.93 14.01
CA ILE A 1360 18.02 -33.67 15.14
C ILE A 1360 18.91 -32.45 14.92
N ALA A 1361 18.86 -31.84 13.73
CA ALA A 1361 19.61 -30.61 13.53
C ALA A 1361 19.02 -29.48 14.35
N SER A 1362 17.75 -29.58 14.72
CA SER A 1362 17.17 -28.71 15.72
C SER A 1362 17.64 -29.19 17.08
N ARG A 1363 18.55 -28.46 17.69
CA ARG A 1363 19.18 -28.95 18.90
C ARG A 1363 18.17 -29.18 20.01
N GLU A 1364 17.70 -28.11 20.63
CA GLU A 1364 16.84 -28.20 21.80
C GLU A 1364 15.38 -28.28 21.42
N PHE A 1365 15.08 -28.36 20.15
CA PHE A 1365 13.73 -28.27 19.60
C PHE A 1365 13.35 -29.58 18.95
N PHE A 1366 13.82 -30.70 19.50
CA PHE A 1366 13.97 -31.88 18.67
C PHE A 1366 12.64 -32.56 18.37
N LYS A 1367 11.64 -32.45 19.22
CA LYS A 1367 10.37 -33.03 18.84
C LYS A 1367 9.22 -32.15 19.27
N ALA A 1368 9.38 -30.84 19.12
CA ALA A 1368 8.32 -29.92 19.48
C ALA A 1368 7.03 -30.22 18.74
N ALA A 1369 7.12 -30.67 17.50
CA ALA A 1369 5.91 -31.04 16.76
C ALA A 1369 5.13 -32.10 17.50
N ALA A 1370 5.71 -33.29 17.63
CA ALA A 1370 4.97 -34.41 18.20
C ALA A 1370 4.66 -34.20 19.67
N ARG A 1371 5.41 -33.35 20.36
CA ARG A 1371 5.17 -33.17 21.79
C ARG A 1371 4.12 -32.10 22.04
N ILE A 1372 4.02 -31.09 21.19
CA ILE A 1372 3.10 -30.00 21.40
C ILE A 1372 1.79 -30.23 20.67
N TYR A 1373 1.84 -30.58 19.39
CA TYR A 1373 0.59 -30.76 18.68
C TYR A 1373 -0.19 -31.96 19.17
N GLY A 1374 0.40 -32.79 20.02
CA GLY A 1374 -0.29 -33.92 20.61
C GLY A 1374 -0.77 -33.68 22.01
N ALA A 1375 -0.85 -32.44 22.46
CA ALA A 1375 -1.23 -32.09 23.81
C ALA A 1375 -2.55 -31.33 23.77
N PRO A 1376 -3.61 -31.81 24.40
CA PRO A 1376 -4.88 -31.10 24.32
C PRO A 1376 -4.85 -29.71 24.92
N SER A 1377 -3.88 -29.40 25.78
CA SER A 1377 -3.77 -28.04 26.27
C SER A 1377 -3.42 -27.08 25.16
N PHE A 1378 -2.57 -27.52 24.22
CA PHE A 1378 -2.21 -26.68 23.09
C PHE A 1378 -3.45 -26.25 22.34
N TRP A 1379 -4.35 -27.18 22.04
CA TRP A 1379 -5.52 -26.88 21.23
C TRP A 1379 -6.55 -26.08 22.02
N ALA A 1380 -6.74 -26.37 23.29
CA ALA A 1380 -7.63 -25.55 24.10
C ALA A 1380 -7.17 -24.09 24.10
N VAL A 1381 -5.89 -23.87 24.38
CA VAL A 1381 -5.34 -22.51 24.36
C VAL A 1381 -5.47 -21.92 22.97
N PHE A 1382 -5.14 -22.69 21.95
CA PHE A 1382 -5.15 -22.18 20.59
C PHE A 1382 -6.50 -21.56 20.28
N PHE A 1383 -7.56 -22.31 20.48
CA PHE A 1383 -8.87 -21.84 20.04
C PHE A 1383 -9.35 -20.68 20.90
N VAL A 1384 -9.19 -20.75 22.23
CA VAL A 1384 -9.74 -19.62 22.96
C VAL A 1384 -8.88 -18.37 22.79
N ALA A 1385 -7.58 -18.50 22.58
CA ALA A 1385 -6.79 -17.29 22.41
C ALA A 1385 -7.02 -16.67 21.04
N VAL A 1386 -7.29 -17.46 20.02
CA VAL A 1386 -7.66 -16.87 18.75
C VAL A 1386 -9.01 -16.16 18.85
N LEU A 1387 -9.96 -16.74 19.60
CA LEU A 1387 -11.21 -16.05 19.84
C LEU A 1387 -10.99 -14.73 20.57
N PHE A 1388 -10.13 -14.73 21.57
CA PHE A 1388 -9.93 -13.50 22.33
C PHE A 1388 -9.11 -12.48 21.55
N CYS A 1389 -8.33 -12.91 20.58
CA CYS A 1389 -7.61 -11.98 19.72
C CYS A 1389 -8.55 -11.32 18.73
N LEU A 1390 -9.52 -12.07 18.21
CA LEU A 1390 -10.39 -11.55 17.17
C LEU A 1390 -11.76 -11.10 17.66
N LEU A 1391 -12.04 -11.17 18.94
CA LEU A 1391 -13.37 -10.72 19.32
C LEU A 1391 -13.50 -9.21 19.46
N PRO A 1392 -12.53 -8.49 20.03
CA PRO A 1392 -12.68 -7.03 20.08
C PRO A 1392 -12.84 -6.40 18.71
N ARG A 1393 -11.97 -6.75 17.78
CA ARG A 1393 -12.02 -6.13 16.46
C ARG A 1393 -13.25 -6.57 15.68
N PHE A 1394 -13.60 -7.85 15.74
CA PHE A 1394 -14.78 -8.28 15.02
C PHE A 1394 -16.05 -7.69 15.61
N THR A 1395 -16.11 -7.49 16.91
CA THR A 1395 -17.27 -6.82 17.50
C THR A 1395 -17.31 -5.35 17.13
N TYR A 1396 -16.15 -4.69 17.07
CA TYR A 1396 -16.15 -3.31 16.60
C TYR A 1396 -16.60 -3.22 15.16
N ASP A 1397 -16.11 -4.11 14.30
CA ASP A 1397 -16.57 -4.13 12.92
C ASP A 1397 -18.06 -4.39 12.82
N SER A 1398 -18.59 -5.27 13.67
CA SER A 1398 -20.01 -5.53 13.63
C SER A 1398 -20.82 -4.31 14.06
N PHE A 1399 -20.41 -3.67 15.16
CA PHE A 1399 -21.09 -2.45 15.59
C PHE A 1399 -21.06 -1.41 14.48
N GLN A 1400 -19.91 -1.24 13.82
CA GLN A 1400 -19.84 -0.32 12.71
C GLN A 1400 -20.78 -0.72 11.59
N LYS A 1401 -20.51 -1.82 10.91
CA LYS A 1401 -21.35 -2.27 9.80
C LYS A 1401 -22.82 -2.34 10.15
N PHE A 1402 -23.19 -2.30 11.43
CA PHE A 1402 -24.61 -2.26 11.74
C PHE A 1402 -25.12 -0.85 11.85
N PHE A 1403 -24.45 -0.01 12.64
CA PHE A 1403 -25.05 1.25 13.04
C PHE A 1403 -24.40 2.49 12.45
N TYR A 1404 -23.23 2.38 11.83
CA TYR A 1404 -22.60 3.51 11.13
C TYR A 1404 -21.95 3.01 9.85
N PRO A 1405 -22.74 2.43 8.95
CA PRO A 1405 -22.15 1.78 7.79
C PRO A 1405 -21.69 2.81 6.78
N THR A 1406 -20.48 2.60 6.26
CA THR A 1406 -19.96 3.47 5.24
C THR A 1406 -20.70 3.26 3.92
N ASP A 1407 -20.42 4.13 2.97
CA ASP A 1407 -21.11 4.03 1.69
C ASP A 1407 -20.76 2.74 0.97
N VAL A 1408 -19.54 2.24 1.14
CA VAL A 1408 -19.23 0.99 0.48
C VAL A 1408 -19.96 -0.16 1.14
N GLU A 1409 -20.20 -0.09 2.45
CA GLU A 1409 -20.94 -1.16 3.09
C GLU A 1409 -22.42 -1.13 2.69
N ILE A 1410 -22.99 0.05 2.52
CA ILE A 1410 -24.36 0.12 2.03
C ILE A 1410 -24.44 -0.33 0.58
N VAL A 1411 -23.44 -0.01 -0.23
CA VAL A 1411 -23.47 -0.46 -1.61
C VAL A 1411 -23.30 -1.96 -1.68
N ARG A 1412 -22.55 -2.55 -0.75
CA ARG A 1412 -22.42 -4.01 -0.76
C ARG A 1412 -23.69 -4.68 -0.26
N GLU A 1413 -24.40 -4.08 0.68
CA GLU A 1413 -25.70 -4.63 1.07
C GLU A 1413 -26.75 -4.44 -0.01
N MET A 1414 -26.58 -3.46 -0.90
CA MET A 1414 -27.44 -3.36 -2.07
C MET A 1414 -27.05 -4.37 -3.14
N TRP A 1415 -25.77 -4.57 -3.33
CA TRP A 1415 -25.29 -5.57 -4.26
C TRP A 1415 -25.75 -6.96 -3.88
N GLN A 1416 -25.73 -7.27 -2.58
CA GLN A 1416 -26.15 -8.59 -2.12
C GLN A 1416 -27.60 -8.86 -2.51
N HIS A 1417 -28.48 -7.90 -2.32
CA HIS A 1417 -29.86 -8.03 -2.73
C HIS A 1417 -30.05 -7.94 -4.23
N GLY A 1418 -29.08 -7.40 -4.94
CA GLY A 1418 -29.07 -7.53 -6.39
C GLY A 1418 -29.61 -6.35 -7.16
N HIS A 1419 -29.37 -5.13 -6.69
CA HIS A 1419 -29.73 -3.97 -7.49
C HIS A 1419 -28.83 -3.81 -8.71
N PHE A 1420 -27.67 -4.47 -8.71
CA PHE A 1420 -26.72 -4.39 -9.81
C PHE A 1420 -26.64 -5.72 -10.55
N ASP A 1421 -27.79 -6.36 -10.74
CA ASP A 1421 -27.82 -7.69 -11.34
C ASP A 1421 -27.96 -7.66 -12.85
N HIS A 1422 -28.47 -6.57 -13.42
CA HIS A 1422 -28.70 -6.49 -14.84
C HIS A 1422 -27.54 -5.85 -15.59
N TYR A 1423 -26.48 -5.49 -14.90
CA TYR A 1423 -25.38 -4.97 -15.71
C TYR A 1423 -24.47 -6.10 -16.15
N PRO A 1424 -23.97 -6.07 -17.37
CA PRO A 1424 -23.10 -7.15 -17.85
C PRO A 1424 -21.83 -7.24 -17.02
N PRO A 1425 -21.03 -8.28 -17.21
CA PRO A 1425 -19.76 -8.34 -16.48
C PRO A 1425 -18.81 -7.20 -16.82
N GLY A 1426 -18.42 -7.10 -18.08
CA GLY A 1426 -17.56 -5.99 -18.47
C GLY A 1426 -18.36 -4.80 -18.91
N TYR A 1427 -18.60 -3.87 -17.99
CA TYR A 1427 -19.50 -2.76 -18.22
C TYR A 1427 -18.68 -1.48 -18.32
N ASP A 1428 -18.92 -0.72 -19.38
CA ASP A 1428 -18.32 0.60 -19.56
C ASP A 1428 -19.38 1.57 -20.04
N PRO A 1429 -19.96 2.39 -19.15
CA PRO A 1429 -20.93 3.38 -19.60
C PRO A 1429 -20.33 4.48 -20.46
N THR A 1430 -19.03 4.43 -20.72
CA THR A 1430 -18.32 5.41 -21.53
C THR A 1430 -17.92 4.83 -22.89
N ASP A 1431 -18.80 4.02 -23.46
CA ASP A 1431 -18.60 3.38 -24.76
C ASP A 1431 -19.84 3.64 -25.59
N PRO A 1432 -19.73 4.23 -26.78
CA PRO A 1432 -20.95 4.49 -27.55
C PRO A 1432 -21.64 3.23 -28.03
N ASN A 1433 -20.88 2.23 -28.48
CA ASN A 1433 -21.44 0.99 -29.02
C ASN A 1433 -21.60 -0.03 -27.89
N ARG A 1434 -22.42 0.34 -26.91
CA ARG A 1434 -22.73 -0.55 -25.82
C ARG A 1434 -24.21 -0.87 -25.82
N PRO A 1435 -24.61 -2.07 -25.38
CA PRO A 1435 -26.03 -2.38 -25.30
C PRO A 1435 -26.72 -1.48 -24.29
N LYS A 1436 -27.89 -0.97 -24.65
CA LYS A 1436 -28.67 -0.18 -23.72
C LYS A 1436 -29.11 -1.05 -22.56
N VAL A 1437 -28.81 -0.60 -21.33
CA VAL A 1437 -29.10 -1.41 -20.16
C VAL A 1437 -30.61 -1.57 -20.00
N THR A 1438 -31.01 -2.66 -19.33
CA THR A 1438 -32.42 -3.04 -19.29
C THR A 1438 -33.27 -1.98 -18.61
N LYS A 1439 -33.00 -1.71 -17.34
CA LYS A 1439 -33.72 -0.66 -16.62
C LYS A 1439 -33.19 0.72 -17.02
N ASN B 50 -0.61 -8.57 -32.29
CA ASN B 50 -0.71 -7.18 -31.89
C ASN B 50 -0.27 -7.00 -30.44
N ARG B 51 -0.91 -6.07 -29.73
CA ARG B 51 -0.56 -5.79 -28.34
C ARG B 51 -1.72 -6.01 -27.38
N ARG B 52 -2.79 -6.66 -27.83
CA ARG B 52 -3.97 -6.81 -27.00
C ARG B 52 -3.67 -7.75 -25.83
N PRO B 53 -3.97 -7.35 -24.60
CA PRO B 53 -3.64 -8.20 -23.46
C PRO B 53 -4.44 -9.49 -23.48
N LYS B 54 -3.93 -10.49 -22.77
CA LYS B 54 -4.60 -11.77 -22.71
C LYS B 54 -5.81 -11.67 -21.79
N GLU B 55 -6.99 -11.98 -22.32
CA GLU B 55 -8.20 -11.93 -21.53
C GLU B 55 -8.35 -13.23 -20.75
N ASP B 56 -8.31 -13.11 -19.43
CA ASP B 56 -8.28 -14.27 -18.55
C ASP B 56 -8.81 -13.82 -17.21
N ALA B 57 -9.51 -14.72 -16.52
CA ALA B 57 -10.19 -14.32 -15.29
C ALA B 57 -9.22 -13.74 -14.27
N PHE B 58 -7.94 -14.11 -14.33
CA PHE B 58 -6.98 -13.56 -13.40
C PHE B 58 -6.56 -12.16 -13.77
N THR B 59 -6.09 -11.96 -15.00
CA THR B 59 -5.59 -10.66 -15.42
C THR B 59 -6.69 -9.62 -15.54
N GLN B 60 -7.93 -10.04 -15.74
CA GLN B 60 -9.06 -9.13 -15.69
C GLN B 60 -9.63 -9.00 -14.29
N GLN B 61 -9.03 -9.66 -13.31
CA GLN B 61 -9.45 -9.57 -11.91
C GLN B 61 -10.92 -9.96 -11.76
N ARG B 62 -11.26 -11.13 -12.27
CA ARG B 62 -12.60 -11.66 -12.12
C ARG B 62 -12.55 -13.06 -11.57
N LEU B 63 -11.65 -13.28 -10.61
CA LEU B 63 -11.57 -14.57 -9.94
C LEU B 63 -12.88 -14.87 -9.25
N ALA B 64 -13.22 -16.15 -9.18
CA ALA B 64 -14.41 -16.56 -8.46
C ALA B 64 -14.26 -16.19 -7.00
N ALA B 65 -15.32 -15.67 -6.40
CA ALA B 65 -15.18 -15.18 -5.04
C ALA B 65 -16.56 -15.00 -4.42
N ILE B 66 -16.56 -14.92 -3.10
CA ILE B 66 -17.73 -14.55 -2.34
C ILE B 66 -17.48 -13.19 -1.73
N ASN B 67 -18.56 -12.50 -1.37
CA ASN B 67 -18.48 -11.16 -0.79
C ASN B 67 -19.26 -11.15 0.52
N PRO B 68 -18.63 -11.47 1.63
CA PRO B 68 -19.35 -11.63 2.89
C PRO B 68 -19.68 -10.29 3.51
N VAL B 69 -20.94 -9.89 3.39
CA VAL B 69 -21.42 -8.74 4.14
C VAL B 69 -21.98 -9.25 5.46
N LEU B 70 -21.72 -8.53 6.52
CA LEU B 70 -22.05 -8.98 7.86
C LEU B 70 -23.33 -8.28 8.29
N THR B 71 -24.39 -8.75 7.83
CA THR B 71 -25.69 -8.29 8.26
C THR B 71 -26.04 -8.91 9.60
N PRO B 72 -26.98 -8.37 10.36
CA PRO B 72 -27.28 -8.98 11.66
C PRO B 72 -27.84 -10.39 11.56
N ARG B 73 -28.69 -10.66 10.57
CA ARG B 73 -29.31 -11.97 10.51
C ARG B 73 -28.29 -13.08 10.27
N THR B 74 -27.07 -12.74 9.85
CA THR B 74 -26.05 -13.75 9.67
C THR B 74 -24.97 -13.73 10.74
N VAL B 75 -24.70 -12.58 11.35
CA VAL B 75 -23.66 -12.53 12.36
C VAL B 75 -24.20 -12.89 13.73
N LEU B 76 -25.41 -12.47 14.07
CA LEU B 76 -25.92 -12.82 15.39
C LEU B 76 -26.05 -14.31 15.60
N PRO B 77 -26.53 -15.12 14.65
CA PRO B 77 -26.43 -16.57 14.85
C PRO B 77 -25.01 -17.07 15.01
N LEU B 78 -24.03 -16.50 14.31
CA LEU B 78 -22.65 -16.91 14.52
C LEU B 78 -22.17 -16.58 15.93
N TYR B 79 -22.52 -15.39 16.42
CA TYR B 79 -22.19 -15.02 17.79
C TYR B 79 -22.80 -16.02 18.78
N LEU B 80 -24.08 -16.35 18.61
CA LEU B 80 -24.71 -17.26 19.55
C LEU B 80 -24.14 -18.66 19.45
N LEU B 81 -23.78 -19.10 18.24
CA LEU B 81 -23.18 -20.42 18.08
C LEU B 81 -21.84 -20.50 18.80
N ILE B 82 -20.98 -19.50 18.59
CA ILE B 82 -19.72 -19.46 19.31
C ILE B 82 -19.96 -19.41 20.81
N ALA B 83 -20.95 -18.64 21.24
CA ALA B 83 -21.19 -18.52 22.68
C ALA B 83 -21.58 -19.85 23.28
N VAL B 84 -22.49 -20.57 22.64
CA VAL B 84 -22.95 -21.84 23.20
C VAL B 84 -21.84 -22.88 23.17
N VAL B 85 -21.10 -22.94 22.06
CA VAL B 85 -20.01 -23.92 21.99
C VAL B 85 -18.96 -23.65 23.04
N PHE B 86 -18.54 -22.39 23.18
CA PHE B 86 -17.51 -22.08 24.15
C PHE B 86 -17.99 -22.23 25.57
N VAL B 87 -19.26 -21.98 25.84
CA VAL B 87 -19.75 -22.18 27.20
C VAL B 87 -19.84 -23.68 27.53
N ILE B 88 -20.24 -24.49 26.56
CA ILE B 88 -20.27 -25.94 26.79
C ILE B 88 -18.87 -26.46 27.06
N VAL B 89 -17.90 -26.04 26.24
CA VAL B 89 -16.55 -26.55 26.41
C VAL B 89 -15.94 -26.02 27.71
N GLY B 90 -16.26 -24.80 28.10
CA GLY B 90 -15.76 -24.31 29.36
C GLY B 90 -16.35 -25.05 30.55
N GLY B 91 -17.63 -25.38 30.48
CA GLY B 91 -18.22 -26.18 31.53
C GLY B 91 -17.60 -27.55 31.64
N CYS B 92 -17.39 -28.22 30.50
CA CYS B 92 -16.74 -29.53 30.55
C CYS B 92 -15.31 -29.45 31.08
N ILE B 93 -14.56 -28.42 30.67
CA ILE B 93 -13.19 -28.30 31.16
C ILE B 93 -13.17 -28.05 32.66
N LEU B 94 -14.02 -27.13 33.15
CA LEU B 94 -14.02 -26.84 34.58
C LEU B 94 -14.49 -28.04 35.39
N ALA B 95 -15.45 -28.80 34.86
CA ALA B 95 -15.86 -30.01 35.54
C ALA B 95 -14.71 -31.00 35.64
N GLN B 96 -14.15 -31.39 34.51
CA GLN B 96 -13.11 -32.41 34.52
C GLN B 96 -11.82 -31.92 35.17
N ASN B 97 -11.69 -30.63 35.42
CA ASN B 97 -10.52 -30.13 36.13
C ASN B 97 -10.73 -30.01 37.61
N SER B 98 -11.97 -29.82 38.08
CA SER B 98 -12.16 -29.79 39.53
C SER B 98 -11.84 -31.15 40.15
N LYS B 99 -11.95 -32.22 39.37
CA LYS B 99 -11.68 -33.57 39.85
C LYS B 99 -10.20 -33.89 39.98
N VAL B 100 -9.31 -32.92 39.79
CA VAL B 100 -7.88 -33.19 39.85
C VAL B 100 -7.39 -32.91 41.26
N ASP B 101 -6.68 -33.87 41.83
CA ASP B 101 -6.19 -33.80 43.19
C ASP B 101 -4.67 -33.82 43.20
N GLU B 102 -4.08 -33.04 44.10
CA GLU B 102 -2.65 -32.80 44.08
C GLU B 102 -2.14 -32.64 45.50
N VAL B 103 -0.83 -32.72 45.65
CA VAL B 103 -0.16 -32.56 46.94
C VAL B 103 1.12 -31.80 46.68
N THR B 104 1.26 -30.63 47.28
CA THR B 104 2.46 -29.82 47.14
C THR B 104 3.04 -29.59 48.52
N ILE B 105 4.33 -29.83 48.69
CA ILE B 105 5.00 -29.60 49.95
C ILE B 105 6.33 -28.97 49.67
N TYR B 106 6.67 -27.90 50.37
CA TYR B 106 7.96 -27.26 50.22
C TYR B 106 8.83 -27.58 51.42
N TYR B 107 9.96 -28.22 51.18
CA TYR B 107 10.83 -28.69 52.25
C TYR B 107 12.16 -27.97 52.29
N GLN B 108 12.24 -26.75 51.76
CA GLN B 108 13.52 -26.06 51.83
C GLN B 108 13.88 -25.71 53.25
N ASP B 109 12.90 -25.57 54.13
CA ASP B 109 13.10 -25.21 55.52
C ASP B 109 13.14 -26.44 56.41
N CYS B 110 13.66 -27.55 55.92
CA CYS B 110 13.69 -28.77 56.71
C CYS B 110 14.94 -28.88 57.55
N MET B 111 16.00 -28.14 57.22
CA MET B 111 17.22 -28.24 57.99
C MET B 111 17.15 -27.42 59.26
N THR B 112 16.38 -26.34 59.25
CA THR B 112 16.34 -25.43 60.37
C THR B 112 14.99 -25.35 61.06
N ASN B 113 13.90 -25.72 60.39
CA ASN B 113 12.59 -25.69 61.02
C ASN B 113 12.12 -27.04 61.49
N ALA B 114 12.68 -28.12 60.97
CA ALA B 114 12.30 -29.44 61.42
C ALA B 114 13.17 -29.88 62.58
N THR B 115 12.62 -30.74 63.42
CA THR B 115 13.30 -31.26 64.59
C THR B 115 13.70 -32.70 64.33
N SER B 116 14.27 -33.35 65.34
CA SER B 116 14.62 -34.75 65.21
C SER B 116 13.46 -35.68 65.47
N SER B 117 12.29 -35.15 65.83
CA SER B 117 11.08 -35.93 66.02
C SER B 117 9.95 -35.32 65.20
N TRP B 118 8.92 -36.13 64.94
CA TRP B 118 7.87 -35.73 64.01
C TRP B 118 7.11 -34.52 64.52
N SER B 119 7.06 -33.47 63.70
CA SER B 119 6.32 -32.28 64.03
C SER B 119 5.58 -31.80 62.79
N ASP B 120 4.44 -31.15 62.99
CA ASP B 120 3.63 -30.72 61.86
C ASP B 120 4.39 -29.72 61.00
N ILE B 121 4.05 -29.69 59.72
CA ILE B 121 4.62 -28.73 58.78
C ILE B 121 3.80 -27.45 58.91
N PRO B 122 4.43 -26.28 58.98
CA PRO B 122 3.67 -25.03 58.98
C PRO B 122 2.69 -24.94 57.83
N SER B 123 1.67 -24.09 57.93
CA SER B 123 0.66 -24.05 56.89
C SER B 123 1.16 -23.39 55.62
N GLU B 124 2.28 -22.70 55.66
CA GLU B 124 2.77 -21.99 54.48
C GLU B 124 3.51 -22.90 53.52
N HIS B 125 3.72 -24.16 53.86
CA HIS B 125 4.51 -25.06 53.05
C HIS B 125 3.67 -26.02 52.23
N TRP B 126 2.81 -26.80 52.86
CA TRP B 126 2.04 -27.80 52.14
C TRP B 126 0.78 -27.19 51.57
N GLN B 127 0.26 -27.81 50.51
CA GLN B 127 -0.99 -27.37 49.89
C GLN B 127 -1.68 -28.60 49.30
N PHE B 128 -2.65 -29.14 50.02
CA PHE B 128 -3.39 -30.31 49.58
C PHE B 128 -4.64 -29.86 48.85
N VAL B 129 -4.99 -30.58 47.78
CA VAL B 129 -6.20 -30.31 47.03
C VAL B 129 -6.83 -31.66 46.70
N PHE B 130 -7.87 -32.04 47.44
CA PHE B 130 -8.63 -33.24 47.17
C PHE B 130 -10.07 -32.83 46.98
N HIS B 131 -10.65 -33.15 45.81
CA HIS B 131 -11.97 -32.62 45.49
C HIS B 131 -13.06 -33.22 46.35
N LYS B 132 -12.96 -34.51 46.68
CA LYS B 132 -13.96 -35.14 47.53
C LYS B 132 -13.90 -34.61 48.96
N TYR B 133 -12.77 -34.05 49.38
CA TYR B 133 -12.56 -33.61 50.76
C TYR B 133 -12.11 -32.16 50.73
N LYS B 134 -13.06 -31.24 50.73
CA LYS B 134 -12.75 -29.82 50.63
C LYS B 134 -12.16 -29.25 51.92
N THR B 135 -12.41 -29.89 53.05
CA THR B 135 -12.00 -29.38 54.35
C THR B 135 -11.00 -30.34 55.01
N TYR B 136 -10.03 -30.82 54.25
CA TYR B 136 -9.08 -31.80 54.75
C TYR B 136 -7.75 -31.13 55.06
N ASN B 137 -7.64 -30.54 56.24
CA ASN B 137 -6.36 -30.00 56.67
C ASN B 137 -5.34 -31.12 56.92
N THR B 138 -5.46 -31.81 58.06
CA THR B 138 -4.59 -32.93 58.45
C THR B 138 -3.14 -32.69 58.02
N ALA B 139 -2.53 -31.68 58.65
CA ALA B 139 -1.22 -31.20 58.21
C ALA B 139 -0.21 -32.34 58.16
N PRO B 140 0.69 -32.34 57.19
CA PRO B 140 1.78 -33.31 57.19
C PRO B 140 2.77 -33.05 58.31
N GLN B 141 3.65 -34.03 58.52
CA GLN B 141 4.68 -33.93 59.54
C GLN B 141 6.03 -34.21 58.92
N TRP B 142 7.06 -33.56 59.44
CA TRP B 142 8.41 -33.80 58.94
C TRP B 142 9.38 -33.93 60.09
N ARG B 143 10.52 -34.54 59.80
CA ARG B 143 11.53 -34.83 60.79
C ARG B 143 12.87 -34.86 60.10
N PHE B 144 13.85 -34.20 60.67
CA PHE B 144 15.15 -34.04 60.05
C PHE B 144 16.14 -35.01 60.69
N VAL B 145 16.76 -35.86 59.88
CA VAL B 145 17.72 -36.85 60.33
C VAL B 145 19.10 -36.37 59.86
N ASP B 146 19.80 -35.62 60.71
CA ASP B 146 21.03 -34.99 60.26
C ASP B 146 22.06 -36.04 59.85
N ASP B 147 23.09 -35.58 59.12
CA ASP B 147 24.12 -36.46 58.57
C ASP B 147 25.46 -35.82 58.89
N GLU B 148 26.05 -36.20 60.02
CA GLU B 148 27.26 -35.55 60.49
C GLU B 148 28.50 -35.92 59.69
N SER B 149 28.42 -36.94 58.83
CA SER B 149 29.58 -37.29 58.02
C SER B 149 29.76 -36.30 56.88
N ASP B 150 28.68 -35.96 56.19
CA ASP B 150 28.74 -34.98 55.10
C ASP B 150 29.24 -33.66 55.62
N ASP B 151 30.28 -33.13 55.01
CA ASP B 151 30.86 -31.86 55.45
C ASP B 151 30.38 -30.68 54.64
N PHE B 152 29.37 -30.87 53.79
CA PHE B 152 28.75 -29.77 53.06
C PHE B 152 27.60 -29.25 53.93
N THR B 153 27.95 -28.40 54.89
CA THR B 153 26.99 -27.99 55.90
C THR B 153 25.92 -27.05 55.39
N LYS B 154 26.00 -26.59 54.14
CA LYS B 154 24.95 -25.73 53.61
C LYS B 154 23.63 -26.48 53.50
N GLN B 155 23.68 -27.71 52.98
CA GLN B 155 22.51 -28.58 52.97
C GLN B 155 22.97 -30.02 53.02
N ARG B 156 22.57 -30.74 54.07
CA ARG B 156 22.95 -32.13 54.25
C ARG B 156 21.90 -32.78 55.13
N GLY B 157 21.88 -34.10 55.13
CA GLY B 157 20.93 -34.79 55.97
C GLY B 157 19.82 -35.46 55.21
N THR B 158 18.64 -35.56 55.81
CA THR B 158 17.52 -36.23 55.17
C THR B 158 16.23 -35.70 55.78
N CYS B 159 15.36 -35.17 54.94
CA CYS B 159 14.07 -34.64 55.35
C CYS B 159 13.05 -35.72 55.10
N GLN B 160 12.43 -36.22 56.17
CA GLN B 160 11.40 -37.23 56.07
C GLN B 160 10.04 -36.57 56.19
N ILE B 161 9.18 -36.77 55.19
CA ILE B 161 7.91 -36.09 55.09
C ILE B 161 6.80 -37.13 55.12
N ARG B 162 5.79 -36.91 55.95
CA ARG B 162 4.65 -37.80 56.03
C ARG B 162 3.39 -37.04 55.65
N PHE B 163 2.74 -37.47 54.57
CA PHE B 163 1.49 -36.86 54.17
C PHE B 163 0.39 -37.91 54.21
N THR B 164 -0.85 -37.45 54.13
CA THR B 164 -2.01 -38.34 54.19
C THR B 164 -2.95 -37.98 53.05
N THR B 165 -3.14 -38.90 52.11
CA THR B 165 -4.04 -38.66 51.00
C THR B 165 -5.36 -39.37 51.27
N PRO B 166 -6.44 -38.67 51.55
CA PRO B 166 -7.72 -39.33 51.82
C PRO B 166 -8.42 -39.90 50.59
N SER B 167 -7.80 -39.91 49.42
CA SER B 167 -8.37 -40.59 48.26
C SER B 167 -7.24 -41.14 47.40
N ASP B 168 -7.61 -41.76 46.29
CA ASP B 168 -6.64 -42.45 45.45
C ASP B 168 -6.03 -41.52 44.41
N MET B 169 -5.09 -42.06 43.65
CA MET B 169 -4.56 -41.44 42.44
C MET B 169 -4.41 -42.53 41.39
N LYS B 170 -5.27 -42.50 40.39
CA LYS B 170 -5.53 -43.68 39.58
C LYS B 170 -4.36 -43.98 38.65
N ASN B 171 -3.54 -44.95 39.05
CA ASN B 171 -2.83 -45.82 38.12
C ASN B 171 -1.70 -45.12 37.37
N ASN B 172 -1.61 -43.81 37.48
CA ASN B 172 -0.51 -43.08 36.85
C ASN B 172 -0.18 -41.90 37.76
N VAL B 173 0.79 -42.10 38.64
CA VAL B 173 1.12 -41.13 39.68
C VAL B 173 2.45 -40.51 39.34
N TYR B 174 2.47 -39.19 39.21
CA TYR B 174 3.67 -38.44 38.90
C TYR B 174 4.14 -37.74 40.15
N LEU B 175 5.41 -37.88 40.49
CA LEU B 175 5.99 -37.13 41.59
C LEU B 175 7.05 -36.21 40.99
N ASN B 176 6.72 -34.94 40.87
CA ASN B 176 7.66 -33.95 40.37
C ASN B 176 8.39 -33.32 41.54
N TYR B 177 9.35 -32.47 41.24
CA TYR B 177 9.89 -31.54 42.20
C TYR B 177 9.65 -30.13 41.69
N VAL B 178 9.55 -29.20 42.61
CA VAL B 178 9.24 -27.81 42.30
C VAL B 178 10.40 -26.96 42.79
N LEU B 179 10.74 -25.93 42.03
CA LEU B 179 11.77 -25.00 42.43
C LEU B 179 11.29 -23.60 42.14
N GLU B 180 11.27 -22.75 43.14
CA GLU B 180 10.88 -21.37 42.93
C GLU B 180 12.09 -20.47 43.08
N LYS B 181 12.03 -19.32 42.43
CA LYS B 181 13.05 -18.29 42.47
C LYS B 181 14.39 -18.75 41.98
N PHE B 182 14.47 -19.93 41.36
CA PHE B 182 15.66 -20.34 40.63
C PHE B 182 15.49 -19.87 39.20
N ALA B 183 16.38 -18.99 38.76
CA ALA B 183 16.27 -18.37 37.44
C ALA B 183 17.06 -19.21 36.45
N ALA B 184 16.35 -19.99 35.65
CA ALA B 184 16.95 -20.83 34.63
C ALA B 184 16.63 -20.34 33.23
N ASN B 185 16.28 -19.06 33.09
CA ASN B 185 15.94 -18.50 31.79
C ASN B 185 16.84 -17.33 31.41
N HIS B 186 17.97 -17.19 32.07
CA HIS B 186 18.84 -16.06 31.78
C HIS B 186 19.66 -16.33 30.54
N ARG B 187 20.24 -15.27 29.97
CA ARG B 187 20.78 -15.36 28.62
C ARG B 187 22.03 -16.23 28.56
N ARG B 188 22.97 -16.03 29.48
CA ARG B 188 24.20 -16.80 29.42
C ARG B 188 24.01 -18.22 29.90
N TYR B 189 23.20 -18.40 30.95
CA TYR B 189 22.96 -19.74 31.48
C TYR B 189 22.29 -20.61 30.44
N VAL B 190 21.19 -20.13 29.87
CA VAL B 190 20.32 -20.94 29.03
C VAL B 190 20.99 -21.39 27.74
N LEU B 191 22.17 -20.88 27.43
CA LEU B 191 22.92 -21.25 26.24
C LEU B 191 24.22 -21.95 26.55
N SER B 192 24.47 -22.33 27.80
CA SER B 192 25.76 -22.85 28.21
C SER B 192 25.68 -24.37 28.28
N PHE B 193 25.78 -25.00 27.12
CA PHE B 193 25.87 -26.44 27.03
C PHE B 193 26.45 -26.72 25.66
N SER B 194 26.79 -27.96 25.39
CA SER B 194 27.40 -28.32 24.11
C SER B 194 26.64 -29.47 23.49
N GLU B 195 26.08 -29.26 22.32
CA GLU B 195 25.36 -30.33 21.64
C GLU B 195 26.29 -31.26 20.88
N ASP B 196 27.60 -31.06 20.99
CA ASP B 196 28.53 -32.09 20.55
C ASP B 196 28.69 -33.14 21.62
N GLN B 197 28.60 -32.75 22.89
CA GLN B 197 28.66 -33.71 23.97
C GLN B 197 27.31 -34.34 24.26
N ILE B 198 26.22 -33.59 24.08
CA ILE B 198 24.90 -34.18 24.20
C ILE B 198 24.71 -35.27 23.16
N ARG B 199 25.06 -34.99 21.92
CA ARG B 199 24.89 -35.94 20.84
C ARG B 199 25.92 -37.05 20.87
N GLY B 200 26.83 -37.05 21.82
CA GLY B 200 27.71 -38.17 22.06
C GLY B 200 29.14 -37.96 21.65
N GLU B 201 29.43 -36.98 20.81
CA GLU B 201 30.79 -36.86 20.28
C GLU B 201 31.78 -36.58 21.41
N ASP B 202 33.05 -36.81 21.11
CA ASP B 202 34.12 -36.50 22.05
C ASP B 202 34.76 -35.16 21.69
N ALA B 203 33.93 -34.13 21.78
CA ALA B 203 34.29 -32.81 21.30
C ALA B 203 35.59 -32.33 21.94
N SER B 204 36.51 -31.86 21.11
CA SER B 204 37.75 -31.33 21.60
C SER B 204 37.50 -30.02 22.32
N TYR B 205 38.55 -29.40 22.82
CA TYR B 205 38.36 -28.19 23.62
C TYR B 205 37.78 -27.06 22.78
N GLU B 206 38.22 -26.93 21.53
CA GLU B 206 37.77 -25.82 20.71
C GLU B 206 36.36 -26.06 20.19
N THR B 207 36.02 -27.31 19.89
CA THR B 207 34.68 -27.62 19.42
C THR B 207 33.64 -27.36 20.50
N VAL B 208 34.06 -27.29 21.75
CA VAL B 208 33.16 -27.25 22.89
C VAL B 208 33.13 -25.84 23.45
N HIS B 209 34.25 -25.13 23.35
CA HIS B 209 34.40 -23.83 23.98
C HIS B 209 34.28 -22.67 23.00
N ASP B 210 34.71 -22.86 21.75
CA ASP B 210 34.74 -21.80 20.75
C ASP B 210 33.56 -21.87 19.81
N ALA B 211 32.64 -22.80 20.01
CA ALA B 211 31.53 -22.95 19.09
C ALA B 211 30.65 -21.72 19.16
N THR B 212 29.88 -21.49 18.10
CA THR B 212 29.02 -20.32 18.07
C THR B 212 27.63 -20.67 18.61
N GLY B 213 27.00 -19.68 19.23
CA GLY B 213 25.70 -19.91 19.81
C GLY B 213 25.80 -20.61 21.15
N ILE B 214 25.43 -21.88 21.18
CA ILE B 214 25.44 -22.67 22.40
C ILE B 214 26.83 -23.27 22.60
N ASN B 215 27.57 -22.72 23.55
CA ASN B 215 28.95 -23.13 23.79
C ASN B 215 29.24 -23.02 25.27
N CYS B 216 29.77 -24.08 25.86
CA CYS B 216 30.00 -24.09 27.30
C CYS B 216 31.19 -23.19 27.58
N LYS B 217 30.90 -21.91 27.68
CA LYS B 217 31.97 -20.93 27.74
C LYS B 217 32.58 -20.80 29.12
N PRO B 218 31.82 -20.54 30.19
CA PRO B 218 32.46 -20.32 31.49
C PRO B 218 32.98 -21.60 32.11
N LEU B 219 32.47 -22.77 31.72
CA LEU B 219 32.82 -24.05 32.32
C LEU B 219 33.30 -25.03 31.27
N SER B 220 34.28 -24.61 30.48
CA SER B 220 34.73 -25.42 29.36
C SER B 220 35.89 -26.36 29.70
N LYS B 221 36.70 -26.03 30.71
CA LYS B 221 37.92 -26.78 30.98
C LYS B 221 38.45 -26.37 32.35
N ASN B 222 38.88 -27.34 33.14
CA ASN B 222 39.34 -27.04 34.50
C ASN B 222 40.79 -26.58 34.47
N ALA B 223 41.42 -26.53 35.63
CA ALA B 223 42.79 -26.06 35.70
C ALA B 223 43.76 -27.12 35.19
N ASP B 224 43.44 -28.40 35.39
CA ASP B 224 44.37 -29.44 35.00
C ASP B 224 44.46 -29.60 33.49
N GLY B 225 43.45 -29.14 32.77
CA GLY B 225 43.51 -29.15 31.33
C GLY B 225 42.51 -30.09 30.70
N LYS B 226 41.61 -30.63 31.51
CA LYS B 226 40.62 -31.59 31.06
C LYS B 226 39.32 -30.88 30.74
N ILE B 227 38.57 -31.44 29.81
CA ILE B 227 37.27 -30.89 29.45
C ILE B 227 36.25 -31.40 30.47
N TYR B 228 35.62 -30.48 31.19
CA TYR B 228 34.45 -30.86 31.97
C TYR B 228 33.52 -31.63 31.08
N TYR B 229 33.19 -32.88 31.43
CA TYR B 229 32.41 -33.66 30.47
C TYR B 229 31.05 -33.06 30.23
N PRO B 230 30.10 -33.05 31.18
CA PRO B 230 28.90 -32.27 30.87
C PRO B 230 29.27 -30.83 31.14
N CYS B 231 29.48 -30.06 30.09
CA CYS B 231 30.04 -28.74 30.27
C CYS B 231 28.91 -27.72 30.30
N GLY B 232 29.25 -26.53 30.75
CA GLY B 232 28.31 -25.45 30.81
C GLY B 232 27.64 -25.36 32.15
N LEU B 233 26.98 -24.25 32.37
CA LEU B 233 26.30 -24.01 33.61
C LEU B 233 24.98 -24.74 33.71
N ILE B 234 24.47 -25.34 32.64
CA ILE B 234 23.21 -26.05 32.77
C ILE B 234 23.41 -27.42 33.39
N ALA B 235 24.41 -28.16 32.91
CA ALA B 235 24.68 -29.47 33.49
C ALA B 235 25.34 -29.36 34.83
N ASN B 236 26.25 -28.41 34.99
CA ASN B 236 27.00 -28.30 36.23
C ASN B 236 26.10 -28.00 37.41
N SER B 237 25.00 -27.30 37.21
CA SER B 237 24.16 -26.81 38.30
C SER B 237 22.95 -27.68 38.52
N MET B 238 23.09 -28.99 38.45
CA MET B 238 21.94 -29.89 38.43
C MET B 238 21.21 -29.88 39.76
N PHE B 239 20.03 -30.48 39.77
CA PHE B 239 19.30 -30.68 41.02
C PHE B 239 19.77 -31.96 41.66
N ASN B 240 20.13 -31.89 42.93
CA ASN B 240 20.95 -32.91 43.54
C ASN B 240 20.24 -33.74 44.60
N ASP B 241 19.04 -33.38 45.00
CA ASP B 241 18.38 -34.13 46.05
C ASP B 241 18.13 -35.56 45.58
N THR B 242 18.16 -36.48 46.52
CA THR B 242 17.99 -37.89 46.23
C THR B 242 16.58 -38.28 46.65
N PHE B 243 15.68 -38.30 45.72
CA PHE B 243 14.33 -38.76 45.99
C PHE B 243 14.33 -40.28 46.09
N PRO B 244 13.41 -40.84 46.86
CA PRO B 244 13.44 -42.29 47.09
C PRO B 244 12.71 -43.04 45.98
N LEU B 245 13.06 -44.32 45.85
CA LEU B 245 12.44 -45.18 44.87
C LEU B 245 11.14 -45.82 45.38
N GLN B 246 10.54 -45.26 46.42
CA GLN B 246 9.28 -45.77 46.95
C GLN B 246 8.71 -44.81 47.96
N LEU B 247 7.40 -44.87 48.14
CA LEU B 247 6.71 -44.12 49.20
C LEU B 247 6.47 -45.11 50.33
N THR B 248 7.27 -45.02 51.39
CA THR B 248 7.11 -45.91 52.53
C THR B 248 5.70 -45.79 53.08
N ASN B 249 5.00 -46.90 53.15
CA ASN B 249 3.65 -46.93 53.72
C ASN B 249 3.77 -46.97 55.23
N VAL B 250 3.29 -45.93 55.89
CA VAL B 250 3.45 -45.84 57.34
C VAL B 250 2.45 -46.75 58.05
N GLY B 251 1.22 -46.79 57.58
CA GLY B 251 0.20 -47.63 58.19
C GLY B 251 0.53 -49.11 58.17
N ASP B 252 0.57 -49.70 56.99
CA ASP B 252 0.83 -51.12 56.82
C ASP B 252 2.10 -51.27 55.98
N THR B 253 3.25 -51.43 56.65
CA THR B 253 4.53 -51.43 55.95
C THR B 253 4.75 -52.67 55.10
N SER B 254 3.74 -53.55 55.01
CA SER B 254 3.90 -54.72 54.16
C SER B 254 3.79 -54.38 52.68
N ASN B 255 3.12 -53.29 52.31
CA ASN B 255 2.98 -52.88 50.91
C ASN B 255 3.33 -51.41 50.77
N ASN B 256 4.57 -51.15 50.35
CA ASN B 256 5.02 -49.81 50.04
C ASN B 256 4.67 -49.49 48.60
N TYR B 257 4.36 -48.23 48.35
CA TYR B 257 4.10 -47.78 47.00
C TYR B 257 5.42 -47.53 46.30
N SER B 258 5.65 -48.20 45.18
CA SER B 258 6.93 -48.15 44.50
C SER B 258 6.89 -47.18 43.33
N LEU B 259 7.89 -46.30 43.25
CA LEU B 259 8.05 -45.34 42.17
C LEU B 259 9.30 -45.67 41.39
N THR B 260 9.35 -45.25 40.13
CA THR B 260 10.52 -45.48 39.28
C THR B 260 11.05 -44.17 38.74
N ASN B 261 12.31 -44.18 38.32
CA ASN B 261 12.91 -43.09 37.59
C ASN B 261 13.16 -43.47 36.14
N LYS B 262 12.32 -44.32 35.58
CA LYS B 262 12.38 -44.70 34.17
C LYS B 262 11.08 -44.29 33.52
N GLY B 263 11.18 -43.74 32.31
CA GLY B 263 10.01 -43.20 31.67
C GLY B 263 9.56 -41.87 32.21
N ILE B 264 10.44 -41.15 32.93
CA ILE B 264 10.12 -39.80 33.36
C ILE B 264 10.44 -38.77 32.31
N ASN B 265 11.06 -39.17 31.20
CA ASN B 265 11.34 -38.27 30.10
C ASN B 265 10.85 -38.92 28.82
N TRP B 266 10.70 -38.11 27.79
CA TRP B 266 10.19 -38.61 26.53
C TRP B 266 11.09 -39.69 25.98
N GLU B 267 10.49 -40.74 25.44
CA GLU B 267 11.30 -41.81 24.87
C GLU B 267 12.03 -41.37 23.62
N SER B 268 11.58 -40.30 22.98
CA SER B 268 12.22 -39.78 21.78
C SER B 268 13.45 -38.95 22.08
N ASP B 269 13.77 -38.72 23.34
CA ASP B 269 14.99 -38.01 23.69
C ASP B 269 16.21 -38.90 23.61
N LYS B 270 16.04 -40.20 23.50
CA LYS B 270 17.17 -41.11 23.39
C LYS B 270 17.72 -41.19 21.98
N LYS B 271 17.20 -40.38 21.06
CA LYS B 271 17.81 -40.17 19.76
C LYS B 271 18.75 -38.99 19.75
N ARG B 272 18.66 -38.12 20.74
CA ARG B 272 19.48 -36.92 20.82
C ARG B 272 20.56 -37.03 21.87
N TYR B 273 20.27 -37.69 22.98
CA TYR B 273 21.25 -37.92 24.03
C TYR B 273 21.91 -39.26 23.82
N LYS B 274 23.23 -39.29 23.82
CA LYS B 274 23.96 -40.51 23.52
C LYS B 274 25.09 -40.72 24.51
N LYS B 275 25.42 -41.98 24.74
CA LYS B 275 26.53 -42.32 25.62
C LYS B 275 27.82 -41.76 25.06
N THR B 276 28.58 -41.09 25.91
CA THR B 276 29.76 -40.38 25.44
C THR B 276 30.83 -41.34 24.94
N LYS B 277 31.69 -40.81 24.08
CA LYS B 277 32.83 -41.53 23.55
C LYS B 277 34.14 -40.91 24.04
N TYR B 278 34.14 -40.36 25.24
CA TYR B 278 35.35 -39.86 25.87
C TYR B 278 36.10 -41.03 26.50
N ASN B 279 37.19 -40.71 27.22
CA ASN B 279 38.17 -41.73 27.56
C ASN B 279 38.66 -41.61 29.00
N TYR B 280 37.89 -40.97 29.89
CA TYR B 280 38.19 -40.92 31.32
C TYR B 280 39.53 -40.26 31.60
N THR B 281 40.29 -39.93 30.56
CA THR B 281 41.49 -39.13 30.69
C THR B 281 41.37 -37.81 29.96
N GLN B 282 40.28 -37.58 29.25
CA GLN B 282 39.99 -36.29 28.67
C GLN B 282 38.88 -35.55 29.37
N ILE B 283 38.22 -36.14 30.37
CA ILE B 283 37.11 -35.47 31.02
C ILE B 283 37.24 -35.50 32.52
N ALA B 284 36.67 -34.48 33.15
CA ALA B 284 36.54 -34.34 34.58
C ALA B 284 35.11 -33.86 34.83
N PRO B 285 34.57 -34.12 36.02
CA PRO B 285 33.21 -33.69 36.30
C PRO B 285 33.15 -32.20 36.47
N PRO B 286 31.99 -31.58 36.24
CA PRO B 286 31.88 -30.15 36.41
C PRO B 286 32.21 -29.75 37.83
N PRO B 287 32.48 -28.48 38.09
CA PRO B 287 32.98 -28.11 39.42
C PRO B 287 32.05 -28.47 40.56
N TYR B 288 30.76 -28.62 40.30
CA TYR B 288 29.80 -28.93 41.34
C TYR B 288 29.45 -30.40 41.40
N TRP B 289 29.90 -31.20 40.45
CA TRP B 289 29.77 -32.65 40.55
C TRP B 289 30.95 -33.28 41.23
N GLU B 290 31.69 -32.53 42.03
CA GLU B 290 32.88 -33.03 42.68
C GLU B 290 32.63 -33.48 44.11
N LYS B 291 31.37 -33.60 44.51
CA LYS B 291 31.00 -34.41 45.65
C LYS B 291 30.45 -35.76 45.23
N MET B 292 29.99 -35.86 43.99
CA MET B 292 29.51 -37.11 43.44
C MET B 292 30.64 -37.95 42.89
N TYR B 293 31.65 -37.31 42.31
CA TYR B 293 32.81 -37.96 41.71
C TYR B 293 34.07 -37.38 42.35
N PRO B 294 34.37 -37.75 43.60
CA PRO B 294 35.52 -37.14 44.27
C PRO B 294 36.84 -37.54 43.65
N ASP B 295 37.01 -38.82 43.32
CA ASP B 295 38.23 -39.32 42.71
C ASP B 295 38.28 -39.08 41.22
N GLY B 296 37.37 -38.29 40.68
CA GLY B 296 37.35 -38.01 39.26
C GLY B 296 36.54 -39.04 38.50
N TYR B 297 36.78 -39.07 37.20
CA TYR B 297 36.21 -40.09 36.34
C TYR B 297 37.21 -41.22 36.17
N ASN B 298 36.72 -42.46 36.20
CA ASN B 298 37.55 -43.60 35.83
C ASN B 298 36.71 -44.56 35.01
N GLU B 299 37.19 -45.80 34.86
CA GLU B 299 36.67 -46.68 33.82
C GLU B 299 35.18 -46.93 33.96
N THR B 300 34.64 -46.87 35.18
CA THR B 300 33.28 -47.35 35.40
C THR B 300 32.29 -46.32 35.91
N ASN B 301 32.66 -45.05 36.04
CA ASN B 301 31.73 -44.09 36.61
C ASN B 301 31.30 -42.99 35.66
N ILE B 302 31.87 -42.93 34.46
CA ILE B 302 31.48 -41.88 33.52
C ILE B 302 30.01 -42.04 33.19
N PRO B 303 29.18 -41.01 33.42
CA PRO B 303 27.74 -41.24 33.39
C PRO B 303 27.23 -41.43 31.99
N ASP B 304 26.29 -42.35 31.85
CA ASP B 304 25.62 -42.60 30.58
C ASP B 304 24.41 -41.69 30.54
N ILE B 305 24.53 -40.58 29.81
CA ILE B 305 23.50 -39.55 29.82
C ILE B 305 22.36 -39.93 28.90
N GLN B 306 22.40 -41.14 28.36
CA GLN B 306 21.27 -41.59 27.55
C GLN B 306 20.16 -42.16 28.41
N ASP B 307 20.49 -43.03 29.35
CA ASP B 307 19.54 -43.59 30.30
C ASP B 307 19.37 -42.75 31.55
N TRP B 308 20.17 -41.70 31.71
CA TRP B 308 20.08 -40.81 32.86
C TRP B 308 18.98 -39.81 32.58
N GLU B 309 17.75 -40.17 32.89
CA GLU B 309 16.62 -39.36 32.47
C GLU B 309 16.41 -38.12 33.33
N GLU B 310 16.90 -38.11 34.55
CA GLU B 310 16.82 -36.88 35.35
C GLU B 310 17.73 -35.81 34.79
N PHE B 311 18.83 -36.20 34.16
CA PHE B 311 19.68 -35.25 33.46
C PHE B 311 18.97 -34.68 32.24
N GLN B 312 18.31 -35.54 31.47
CA GLN B 312 17.60 -35.07 30.30
C GLN B 312 16.42 -34.20 30.68
N ASN B 313 15.86 -34.38 31.87
CA ASN B 313 14.89 -33.42 32.40
C ASN B 313 15.56 -32.12 32.79
N TRP B 314 16.74 -32.18 33.38
CA TRP B 314 17.36 -30.95 33.85
C TRP B 314 17.92 -30.12 32.73
N MET B 315 18.33 -30.73 31.64
CA MET B 315 18.91 -29.98 30.55
C MET B 315 17.86 -29.34 29.66
N ARG B 316 16.62 -29.31 30.10
CA ARG B 316 15.54 -28.64 29.37
C ARG B 316 15.08 -27.46 30.20
N PRO B 317 15.82 -26.36 30.20
CA PRO B 317 15.59 -25.32 31.20
C PRO B 317 14.16 -24.81 31.21
N GLY B 318 13.57 -24.76 32.39
CA GLY B 318 12.22 -24.24 32.51
C GLY B 318 12.17 -22.78 32.09
N ALA B 319 11.13 -22.44 31.33
CA ALA B 319 11.10 -21.12 30.72
C ALA B 319 10.94 -20.02 31.74
N PHE B 320 10.27 -20.30 32.85
CA PHE B 320 9.86 -19.29 33.80
C PHE B 320 10.56 -19.50 35.14
N ASP B 321 10.10 -18.75 36.15
CA ASP B 321 10.76 -18.71 37.44
C ASP B 321 10.41 -19.91 38.30
N LYS B 322 9.29 -20.56 38.04
CA LYS B 322 8.94 -21.82 38.67
C LYS B 322 9.35 -22.97 37.77
N ILE B 323 9.83 -24.05 38.36
CA ILE B 323 10.40 -25.17 37.63
C ILE B 323 9.79 -26.44 38.21
N THR B 324 9.01 -27.16 37.42
CA THR B 324 8.40 -28.40 37.85
C THR B 324 8.82 -29.51 36.91
N LYS B 325 9.73 -30.36 37.36
CA LYS B 325 10.30 -31.42 36.56
C LYS B 325 9.96 -32.77 37.16
N LEU B 326 9.54 -33.71 36.32
CA LEU B 326 9.19 -35.04 36.79
C LEU B 326 10.43 -35.73 37.33
N ILE B 327 10.29 -36.44 38.44
CA ILE B 327 11.43 -37.20 38.95
C ILE B 327 11.09 -38.64 39.32
N ARG B 328 9.86 -39.00 39.62
CA ARG B 328 9.53 -40.40 39.89
C ARG B 328 8.12 -40.66 39.37
N ILE B 329 7.92 -41.78 38.72
CA ILE B 329 6.61 -42.11 38.15
C ILE B 329 6.24 -43.53 38.56
N ASN B 330 4.95 -43.82 38.56
CA ASN B 330 4.45 -45.18 38.77
C ASN B 330 3.26 -45.39 37.85
N LYS B 331 3.45 -46.14 36.78
CA LYS B 331 2.40 -46.32 35.79
C LYS B 331 1.64 -47.62 35.95
N ASN B 332 1.69 -48.26 37.12
CA ASN B 332 1.07 -49.56 37.32
C ASN B 332 -0.05 -49.53 38.35
N ASP B 333 0.22 -49.05 39.55
CA ASP B 333 -0.70 -49.22 40.67
C ASP B 333 -1.40 -47.92 41.05
N THR B 334 -2.66 -48.04 41.44
CA THR B 334 -3.36 -46.94 42.08
C THR B 334 -2.73 -46.65 43.43
N LEU B 335 -2.62 -45.38 43.77
CA LEU B 335 -2.10 -45.02 45.09
C LEU B 335 -3.24 -44.95 46.08
N PRO B 336 -3.51 -46.00 46.85
CA PRO B 336 -4.69 -45.99 47.72
C PRO B 336 -4.56 -44.97 48.83
N ALA B 337 -5.66 -44.74 49.52
CA ALA B 337 -5.63 -43.79 50.63
C ALA B 337 -4.75 -44.33 51.74
N GLY B 338 -4.08 -43.45 52.45
CA GLY B 338 -3.19 -43.87 53.51
C GLY B 338 -2.18 -42.79 53.82
N GLU B 339 -1.35 -43.09 54.81
CA GLU B 339 -0.31 -42.19 55.26
C GLU B 339 1.03 -42.70 54.79
N TYR B 340 1.69 -41.95 53.93
CA TYR B 340 2.94 -42.34 53.30
C TYR B 340 4.08 -41.48 53.79
N GLN B 341 5.28 -41.88 53.44
CA GLN B 341 6.47 -41.19 53.91
C GLN B 341 7.48 -41.09 52.79
N LEU B 342 8.06 -39.91 52.62
CA LEU B 342 9.03 -39.63 51.57
C LEU B 342 10.34 -39.24 52.23
N ASP B 343 11.41 -39.94 51.89
CA ASP B 343 12.73 -39.69 52.46
C ASP B 343 13.56 -38.95 51.44
N ILE B 344 13.57 -37.63 51.53
CA ILE B 344 14.34 -36.79 50.62
C ILE B 344 15.69 -36.54 51.26
N GLY B 345 16.76 -36.70 50.50
CA GLY B 345 18.08 -36.48 51.06
C GLY B 345 18.66 -35.16 50.64
N LEU B 346 18.53 -34.15 51.49
CA LEU B 346 18.83 -32.79 51.11
C LEU B 346 20.26 -32.66 50.62
N HIS B 347 20.44 -32.10 49.42
CA HIS B 347 21.76 -31.87 48.84
C HIS B 347 21.87 -30.48 48.22
N TRP B 348 20.76 -29.96 47.71
CA TRP B 348 20.80 -28.83 46.81
C TRP B 348 20.52 -27.55 47.57
N PRO B 349 21.44 -26.58 47.61
CA PRO B 349 21.23 -25.37 48.41
C PRO B 349 20.31 -24.38 47.70
N VAL B 350 19.29 -23.91 48.42
CA VAL B 350 18.35 -22.95 47.85
C VAL B 350 18.05 -21.77 48.78
N LEU B 351 18.65 -21.73 49.95
CA LEU B 351 18.31 -20.60 50.81
C LEU B 351 19.23 -19.42 50.61
N GLU B 352 20.34 -19.57 49.88
CA GLU B 352 21.20 -18.43 49.65
C GLU B 352 20.57 -17.44 48.68
N PHE B 353 19.53 -17.85 47.96
CA PHE B 353 18.76 -16.94 47.11
C PHE B 353 17.28 -16.98 47.43
N ASN B 354 16.92 -17.35 48.64
CA ASN B 354 15.54 -17.38 49.11
C ASN B 354 14.66 -18.31 48.29
N GLY B 355 15.25 -19.16 47.47
CA GLY B 355 14.45 -20.03 46.66
C GLY B 355 13.75 -21.08 47.48
N LYS B 356 12.73 -21.68 46.88
CA LYS B 356 11.98 -22.76 47.47
C LYS B 356 12.19 -24.00 46.65
N LYS B 357 12.16 -25.16 47.28
CA LYS B 357 12.18 -26.42 46.58
C LYS B 357 11.15 -27.32 47.23
N GLY B 358 10.50 -28.15 46.43
CA GLY B 358 9.41 -28.91 47.01
C GLY B 358 9.12 -30.14 46.20
N ILE B 359 8.06 -30.83 46.59
CA ILE B 359 7.58 -31.98 45.86
C ILE B 359 6.21 -31.61 45.33
N TYR B 360 5.72 -32.40 44.38
CA TYR B 360 4.40 -32.14 43.85
C TYR B 360 3.88 -33.46 43.30
N LEU B 361 3.10 -34.16 44.10
CA LEU B 361 2.59 -35.47 43.76
C LEU B 361 1.20 -35.31 43.18
N THR B 362 1.01 -35.78 41.96
CA THR B 362 -0.30 -35.64 41.32
C THR B 362 -0.52 -36.79 40.37
N HIS B 363 -1.79 -36.97 40.00
CA HIS B 363 -2.15 -37.88 38.93
C HIS B 363 -2.31 -37.18 37.61
N GLY B 364 -2.65 -35.90 37.61
CA GLY B 364 -2.72 -35.12 36.41
C GLY B 364 -4.13 -35.04 35.85
N SER B 365 -4.18 -34.84 34.55
CA SER B 365 -5.42 -34.64 33.81
C SER B 365 -5.10 -34.86 32.35
N HIS B 366 -6.03 -34.51 31.46
CA HIS B 366 -5.68 -34.48 30.05
C HIS B 366 -5.01 -33.19 29.65
N LEU B 367 -5.38 -32.08 30.29
CA LEU B 367 -4.83 -30.76 30.01
C LEU B 367 -3.69 -30.41 30.95
N GLY B 368 -3.00 -31.39 31.50
CA GLY B 368 -1.92 -31.11 32.39
C GLY B 368 -2.28 -31.34 33.84
N GLY B 369 -1.88 -30.43 34.71
CA GLY B 369 -2.26 -30.49 36.11
C GLY B 369 -3.56 -29.77 36.36
N ARG B 370 -3.67 -29.21 37.56
CA ARG B 370 -4.87 -28.52 37.99
C ARG B 370 -4.67 -27.03 37.81
N ASN B 371 -5.40 -26.44 36.88
CA ASN B 371 -5.28 -25.04 36.56
C ASN B 371 -6.66 -24.54 36.15
N PRO B 372 -7.27 -23.68 36.92
CA PRO B 372 -8.65 -23.28 36.59
C PRO B 372 -8.74 -22.33 35.43
N PHE B 373 -7.63 -22.10 34.71
CA PHE B 373 -7.61 -21.01 33.74
C PHE B 373 -8.38 -21.36 32.49
N LEU B 374 -8.16 -22.53 31.92
CA LEU B 374 -8.75 -22.81 30.61
C LEU B 374 -10.26 -22.82 30.66
N GLY B 375 -10.83 -23.45 31.68
CA GLY B 375 -12.28 -23.40 31.82
C GLY B 375 -12.79 -22.01 32.09
N ILE B 376 -12.10 -21.27 32.95
CA ILE B 376 -12.52 -19.91 33.28
C ILE B 376 -12.58 -19.07 32.02
N VAL B 377 -11.56 -19.16 31.18
CA VAL B 377 -11.47 -18.29 30.02
C VAL B 377 -12.36 -18.79 28.89
N TYR B 378 -12.66 -20.08 28.83
CA TYR B 378 -13.68 -20.53 27.87
C TYR B 378 -15.06 -20.02 28.27
N LEU B 379 -15.38 -20.08 29.55
CA LEU B 379 -16.66 -19.53 30.01
C LEU B 379 -16.71 -18.02 29.79
N ILE B 380 -15.61 -17.32 30.03
CA ILE B 380 -15.60 -15.88 29.81
C ILE B 380 -15.75 -15.56 28.33
N GLY B 381 -15.11 -16.33 27.46
CA GLY B 381 -15.30 -16.11 26.03
C GLY B 381 -16.73 -16.35 25.58
N GLY B 382 -17.33 -17.44 26.05
CA GLY B 382 -18.70 -17.71 25.69
C GLY B 382 -19.66 -16.66 26.22
N CYS B 383 -19.45 -16.20 27.45
CA CYS B 383 -20.34 -15.20 28.02
C CYS B 383 -20.14 -13.85 27.36
N ILE B 384 -18.92 -13.50 26.96
CA ILE B 384 -18.70 -12.25 26.24
C ILE B 384 -19.35 -12.30 24.87
N CYS B 385 -19.23 -13.42 24.14
CA CYS B 385 -19.89 -13.52 22.85
C CYS B 385 -21.40 -13.48 23.00
N ALA B 386 -21.95 -14.12 24.04
CA ALA B 386 -23.39 -14.04 24.24
C ALA B 386 -23.82 -12.63 24.60
N ALA B 387 -23.04 -11.93 25.41
CA ALA B 387 -23.38 -10.56 25.76
C ALA B 387 -23.33 -9.65 24.55
N MET B 388 -22.34 -9.83 23.67
CA MET B 388 -22.28 -9.00 22.48
C MET B 388 -23.41 -9.33 21.52
N ALA B 389 -23.80 -10.60 21.41
CA ALA B 389 -24.95 -10.92 20.58
C ALA B 389 -26.22 -10.27 21.12
N LEU B 390 -26.41 -10.30 22.44
CA LEU B 390 -27.59 -9.67 23.01
C LEU B 390 -27.55 -8.16 22.87
N ILE B 391 -26.36 -7.56 22.97
CA ILE B 391 -26.27 -6.11 22.82
C ILE B 391 -26.55 -5.70 21.39
N LEU B 392 -26.00 -6.42 20.41
CA LEU B 392 -26.30 -6.12 19.02
C LEU B 392 -27.78 -6.33 18.74
N LEU B 393 -28.39 -7.34 19.36
CA LEU B 393 -29.81 -7.56 19.16
C LEU B 393 -30.66 -6.44 19.76
N THR B 394 -30.27 -5.96 20.95
CA THR B 394 -30.98 -4.84 21.57
C THR B 394 -30.88 -3.59 20.71
N PHE B 395 -29.67 -3.20 20.32
CA PHE B 395 -29.53 -2.00 19.51
C PHE B 395 -30.15 -2.18 18.14
N TRP B 396 -30.25 -3.42 17.65
CA TRP B 396 -30.83 -3.66 16.35
C TRP B 396 -32.35 -3.71 16.38
N LEU B 397 -32.94 -3.95 17.55
CA LEU B 397 -34.37 -3.78 17.68
C LEU B 397 -34.76 -2.37 18.14
N PHE B 398 -33.76 -1.58 18.52
CA PHE B 398 -33.99 -0.20 18.93
C PHE B 398 -33.79 0.67 17.69
N GLY B 399 -32.52 0.93 17.36
CA GLY B 399 -32.17 1.72 16.15
C GLY B 399 -31.85 0.90 14.92
N GLY B 400 -32.68 -0.11 14.63
CA GLY B 400 -32.48 -0.92 13.46
C GLY B 400 -32.75 -0.13 12.19
N ARG B 401 -31.75 -0.04 11.31
CA ARG B 401 -31.88 0.69 10.06
C ARG B 401 -32.31 -0.25 8.95
N LYS B 402 -32.61 0.30 7.78
CA LYS B 402 -32.93 -0.51 6.61
C LYS B 402 -31.65 -0.95 5.93
N ILE B 403 -31.64 -2.18 5.41
CA ILE B 403 -30.39 -2.78 4.99
C ILE B 403 -29.93 -2.21 3.65
N ALA B 404 -30.63 -2.54 2.57
CA ALA B 404 -30.17 -2.15 1.25
C ALA B 404 -30.79 -0.83 0.82
N ASP B 405 -30.63 0.17 1.66
CA ASP B 405 -31.35 1.43 1.51
C ASP B 405 -30.45 2.42 0.80
N ALA B 406 -30.71 2.63 -0.49
CA ALA B 406 -29.96 3.61 -1.26
C ALA B 406 -30.21 5.03 -0.81
N SER B 407 -31.07 5.25 0.17
CA SER B 407 -31.32 6.57 0.68
C SER B 407 -30.45 6.91 1.88
N SER B 408 -29.74 5.94 2.44
CA SER B 408 -28.85 6.20 3.55
C SER B 408 -27.45 6.54 3.10
N LEU B 409 -27.18 6.48 1.80
CA LEU B 409 -25.87 6.77 1.28
C LEU B 409 -25.51 8.22 1.58
N SER B 410 -24.22 8.46 1.82
CA SER B 410 -23.79 9.74 2.35
C SER B 410 -24.10 10.89 1.39
N TRP B 411 -24.32 10.60 0.11
CA TRP B 411 -24.65 11.67 -0.82
C TRP B 411 -26.14 11.85 -1.01
N ASN B 412 -26.93 10.81 -0.77
CA ASN B 412 -28.39 10.96 -0.86
C ASN B 412 -28.99 11.55 0.41
N MET B 413 -28.20 11.75 1.45
CA MET B 413 -28.71 12.38 2.66
C MET B 413 -28.49 13.88 2.65
N LYS B 414 -27.35 14.33 2.11
CA LYS B 414 -27.08 15.76 2.03
C LYS B 414 -27.87 16.40 0.90
#